data_6IH8
#
_entry.id   6IH8
#
_cell.length_a   62.030
_cell.length_b   118.591
_cell.length_c   98.228
_cell.angle_alpha   90.00
_cell.angle_beta   90.65
_cell.angle_gamma   90.00
#
_symmetry.space_group_name_H-M   'P 1 21 1'
#
loop_
_entity.id
_entity.type
_entity.pdbx_description
1 polymer 'Phosphite dehydrogenase'
2 water water
#
_entity_poly.entity_id   1
_entity_poly.type   'polypeptide(L)'
_entity_poly.pdbx_seq_one_letter_code
;MKPKVVLTHWVHPEIIELLSASADVIPNTTRETLPRSEVIARAKDADALMAFMPDSIDSAFLEECPKLRVIGAALKGYDN
FDVNACTRHGVWLTIVPDLLTIPTAELTIGLLLGLTRHMLEGDRQIRSGHFQGWRPTLYGSGLTGKTLGIRGMGAVGRAI
AQRLAGFEMNLLYCDRIPLNAEQEKAWHVQRVTLDELLEKCDYVVPAVPMAAETLHLIDATALAKMKTGSYLINACRGSV
VDENAVIAALASGKLAGYAADVFEMEEWIRADRPQAIPKALLDNTAQTFFTPHLGSAVKEVRLEIERQAAMNIIQALAGE
KPMGAINQPYPGVKAALE
;
_entity_poly.pdbx_strand_id   A,B,C,D
#
# COMPACT_ATOMS: atom_id res chain seq x y z
N LYS A 2 -11.36 -41.93 30.93
CA LYS A 2 -11.34 -40.66 30.18
C LYS A 2 -10.34 -40.73 29.04
N PRO A 3 -10.73 -40.26 27.86
CA PRO A 3 -9.79 -40.18 26.75
C PRO A 3 -8.66 -39.20 27.06
N LYS A 4 -7.53 -39.40 26.40
CA LYS A 4 -6.36 -38.53 26.53
C LYS A 4 -6.17 -37.74 25.24
N VAL A 5 -5.89 -36.45 25.40
CA VAL A 5 -5.61 -35.56 24.27
C VAL A 5 -4.23 -34.97 24.48
N VAL A 6 -3.39 -35.11 23.46
CA VAL A 6 -2.03 -34.60 23.45
C VAL A 6 -2.00 -33.34 22.58
N LEU A 7 -1.40 -32.28 23.10
CA LEU A 7 -1.25 -30.99 22.42
C LEU A 7 0.23 -30.82 22.08
N THR A 8 0.58 -30.77 20.79
CA THR A 8 2.01 -30.71 20.51
C THR A 8 2.61 -29.34 20.82
N HIS A 9 1.80 -28.29 20.86
CA HIS A 9 2.34 -26.97 21.14
C HIS A 9 1.53 -26.31 22.23
N TRP A 10 2.13 -25.26 22.82
CA TRP A 10 1.50 -24.52 23.91
C TRP A 10 0.16 -23.99 23.45
N VAL A 11 -0.80 -23.94 24.38
CA VAL A 11 -2.10 -23.33 24.15
C VAL A 11 -2.48 -22.53 25.38
N HIS A 12 -3.41 -21.60 25.18
CA HIS A 12 -3.90 -20.78 26.29
C HIS A 12 -4.60 -21.64 27.34
N PRO A 13 -4.51 -21.26 28.63
CA PRO A 13 -5.05 -22.13 29.69
C PRO A 13 -6.55 -22.35 29.60
N GLU A 14 -7.31 -21.41 29.03
CA GLU A 14 -8.74 -21.68 28.90
C GLU A 14 -9.01 -22.78 27.87
N ILE A 15 -8.12 -22.97 26.89
CA ILE A 15 -8.23 -24.12 26.00
C ILE A 15 -7.96 -25.41 26.77
N ILE A 16 -6.97 -25.39 27.68
CA ILE A 16 -6.74 -26.55 28.55
C ILE A 16 -7.98 -26.84 29.39
N GLU A 17 -8.54 -25.78 30.00
CA GLU A 17 -9.76 -25.94 30.80
C GLU A 17 -10.92 -26.50 29.98
N LEU A 18 -11.10 -25.98 28.75
CA LEU A 18 -12.20 -26.44 27.91
C LEU A 18 -12.08 -27.93 27.59
N LEU A 19 -10.87 -28.40 27.28
CA LEU A 19 -10.65 -29.81 26.93
C LEU A 19 -10.72 -30.73 28.15
N SER A 20 -10.38 -30.21 29.34
CA SER A 20 -10.32 -31.05 30.54
C SER A 20 -11.70 -31.59 30.94
N ALA A 21 -12.78 -30.90 30.59
CA ALA A 21 -14.13 -31.39 30.86
C ALA A 21 -14.40 -32.74 30.22
N SER A 22 -13.74 -33.04 29.10
CA SER A 22 -14.03 -34.27 28.39
C SER A 22 -12.82 -35.17 28.19
N ALA A 23 -11.61 -34.71 28.50
CA ALA A 23 -10.47 -35.60 28.36
C ALA A 23 -9.37 -35.19 29.33
N ASP A 24 -8.46 -36.13 29.59
CA ASP A 24 -7.21 -35.82 30.31
C ASP A 24 -6.25 -35.20 29.31
N VAL A 25 -5.72 -34.03 29.66
CA VAL A 25 -4.90 -33.23 28.74
C VAL A 25 -3.42 -33.39 29.10
N ILE A 26 -2.62 -33.74 28.09
CA ILE A 26 -1.16 -33.72 28.19
C ILE A 26 -0.64 -32.55 27.37
N PRO A 27 -0.32 -31.41 28.00
CA PRO A 27 0.05 -30.22 27.25
C PRO A 27 1.56 -30.08 27.02
N ASN A 28 1.88 -29.25 26.03
CA ASN A 28 3.24 -28.74 25.89
C ASN A 28 3.30 -27.45 26.69
N THR A 29 3.92 -27.53 27.88
CA THR A 29 4.00 -26.39 28.79
C THR A 29 4.97 -25.32 28.31
N THR A 30 5.80 -25.62 27.31
CA THR A 30 6.79 -24.69 26.77
C THR A 30 6.31 -24.06 25.48
N ARG A 31 7.06 -23.04 25.04
CA ARG A 31 6.89 -22.44 23.73
C ARG A 31 7.77 -23.10 22.68
N GLU A 32 8.31 -24.26 22.96
CA GLU A 32 9.22 -24.96 22.06
C GLU A 32 8.46 -26.03 21.28
N THR A 33 8.98 -26.32 20.08
CA THR A 33 8.54 -27.50 19.35
C THR A 33 9.24 -28.73 19.92
N LEU A 34 8.46 -29.76 20.23
CA LEU A 34 9.01 -31.02 20.71
C LEU A 34 9.61 -31.80 19.54
N PRO A 35 10.66 -32.59 19.77
CA PRO A 35 11.11 -33.51 18.73
C PRO A 35 10.04 -34.55 18.43
N ARG A 36 10.01 -34.99 17.18
CA ARG A 36 9.00 -35.96 16.74
C ARG A 36 8.93 -37.15 17.68
N SER A 37 10.09 -37.67 18.09
CA SER A 37 10.12 -38.84 18.97
C SER A 37 9.41 -38.58 20.29
N GLU A 38 9.45 -37.34 20.78
CA GLU A 38 8.73 -37.01 22.01
C GLU A 38 7.22 -36.86 21.75
N VAL A 39 6.84 -36.26 20.61
CA VAL A 39 5.42 -36.19 20.24
C VAL A 39 4.83 -37.59 20.17
N ILE A 40 5.55 -38.53 19.55
CA ILE A 40 5.08 -39.90 19.40
C ILE A 40 4.97 -40.57 20.75
N ALA A 41 5.99 -40.42 21.60
CA ALA A 41 5.95 -41.03 22.92
C ALA A 41 4.77 -40.54 23.75
N ARG A 42 4.35 -39.28 23.58
CA ARG A 42 3.17 -38.78 24.29
C ARG A 42 1.89 -39.28 23.63
N ALA A 43 1.86 -39.27 22.29
CA ALA A 43 0.64 -39.61 21.57
C ALA A 43 0.35 -41.10 21.57
N LYS A 44 1.35 -41.90 21.94
CA LYS A 44 1.23 -43.37 21.91
C LYS A 44 -0.04 -43.86 22.59
N ASP A 45 -0.42 -43.25 23.72
CA ASP A 45 -1.62 -43.65 24.47
C ASP A 45 -2.74 -42.64 24.33
N ALA A 46 -2.70 -41.83 23.28
CA ALA A 46 -3.64 -40.74 23.12
C ALA A 46 -4.80 -41.13 22.22
N ASP A 47 -6.00 -40.70 22.59
CA ASP A 47 -7.17 -40.79 21.74
C ASP A 47 -7.29 -39.61 20.78
N ALA A 48 -6.64 -38.50 21.09
CA ALA A 48 -6.79 -37.29 20.30
C ALA A 48 -5.45 -36.57 20.28
N LEU A 49 -5.25 -35.79 19.24
CA LEU A 49 -4.05 -34.98 19.08
C LEU A 49 -4.43 -33.62 18.50
N MET A 50 -3.97 -32.55 19.14
CA MET A 50 -4.02 -31.24 18.50
C MET A 50 -2.68 -30.99 17.82
N ALA A 51 -2.72 -30.82 16.50
CA ALA A 51 -1.54 -30.67 15.67
C ALA A 51 -1.36 -29.21 15.23
N PHE A 52 -0.11 -28.83 15.01
CA PHE A 52 0.22 -27.49 14.53
C PHE A 52 1.12 -27.58 13.30
N MET A 53 1.47 -26.41 12.76
CA MET A 53 2.29 -26.38 11.54
C MET A 53 3.56 -27.24 11.62
N PRO A 54 4.33 -27.27 12.71
CA PRO A 54 5.53 -28.12 12.69
C PRO A 54 5.24 -29.62 12.67
N ASP A 55 4.02 -30.07 12.97
CA ASP A 55 3.77 -31.51 13.03
C ASP A 55 3.68 -32.11 11.63
N SER A 56 4.07 -33.38 11.51
CA SER A 56 4.10 -34.06 10.22
C SER A 56 3.51 -35.45 10.42
N ILE A 57 2.26 -35.62 10.03
CA ILE A 57 1.49 -36.84 10.33
C ILE A 57 1.50 -37.73 9.09
N ASP A 58 2.32 -38.78 9.13
CA ASP A 58 2.38 -39.80 8.07
C ASP A 58 1.97 -41.16 8.64
N SER A 59 1.96 -42.16 7.77
CA SER A 59 1.51 -43.49 8.20
C SER A 59 2.40 -44.05 9.31
N ALA A 60 3.71 -43.82 9.23
CA ALA A 60 4.61 -44.28 10.28
C ALA A 60 4.25 -43.67 11.64
N PHE A 61 3.89 -42.38 11.65
CA PHE A 61 3.40 -41.77 12.88
C PHE A 61 2.14 -42.46 13.39
N LEU A 62 1.14 -42.62 12.51
CA LEU A 62 -0.15 -43.19 12.92
C LEU A 62 0.01 -44.62 13.42
N GLU A 63 0.91 -45.40 12.79
CA GLU A 63 1.11 -46.78 13.21
C GLU A 63 1.52 -46.86 14.67
N GLU A 64 2.21 -45.84 15.18
CA GLU A 64 2.72 -45.82 16.54
C GLU A 64 1.70 -45.31 17.56
N CYS A 65 0.48 -44.92 17.13
CA CYS A 65 -0.56 -44.38 18.02
C CYS A 65 -1.86 -45.11 17.73
N PRO A 66 -2.02 -46.32 18.27
CA PRO A 66 -3.16 -47.14 17.88
C PRO A 66 -4.48 -46.75 18.49
N LYS A 67 -4.52 -45.87 19.51
CA LYS A 67 -5.79 -45.43 20.08
C LYS A 67 -6.32 -44.14 19.46
N LEU A 68 -5.55 -43.51 18.59
CA LEU A 68 -5.91 -42.19 18.08
C LEU A 68 -7.22 -42.23 17.29
N ARG A 69 -8.14 -41.36 17.66
CA ARG A 69 -9.41 -41.25 16.96
C ARG A 69 -9.60 -39.94 16.21
N VAL A 70 -8.86 -38.89 16.57
CA VAL A 70 -9.04 -37.59 15.92
C VAL A 70 -7.74 -36.82 16.03
N ILE A 71 -7.36 -36.21 14.92
CA ILE A 71 -6.32 -35.20 14.93
C ILE A 71 -7.04 -33.88 14.70
N GLY A 72 -6.95 -32.99 15.67
CA GLY A 72 -7.50 -31.69 15.47
C GLY A 72 -6.41 -30.74 15.06
N ALA A 73 -6.32 -30.42 13.78
CA ALA A 73 -5.26 -29.51 13.33
C ALA A 73 -5.65 -28.08 13.67
N ALA A 74 -4.79 -27.39 14.41
CA ALA A 74 -4.99 -25.96 14.59
C ALA A 74 -4.45 -25.21 13.38
N LEU A 75 -4.87 -25.61 12.18
CA LEU A 75 -4.41 -25.00 10.94
C LEU A 75 -5.54 -24.95 9.93
N LYS A 76 -5.46 -23.98 9.01
CA LYS A 76 -6.41 -23.86 7.92
C LYS A 76 -6.11 -24.80 6.75
N GLY A 77 -4.99 -25.52 6.79
CA GLY A 77 -4.60 -26.38 5.69
C GLY A 77 -4.10 -27.70 6.24
N TYR A 78 -3.74 -28.60 5.31
CA TYR A 78 -3.34 -29.95 5.72
C TYR A 78 -2.20 -30.50 4.87
N ASP A 79 -1.30 -29.63 4.41
CA ASP A 79 -0.19 -30.06 3.58
C ASP A 79 0.73 -31.05 4.31
N ASN A 80 0.79 -30.98 5.63
CA ASN A 80 1.71 -31.80 6.42
C ASN A 80 1.04 -33.06 6.97
N PHE A 81 -0.17 -33.37 6.53
CA PHE A 81 -0.85 -34.58 6.94
C PHE A 81 -1.10 -35.45 5.73
N ASP A 82 -0.93 -36.77 5.91
CA ASP A 82 -1.34 -37.77 4.94
C ASP A 82 -2.78 -38.10 5.24
N VAL A 83 -3.70 -37.45 4.52
CA VAL A 83 -5.13 -37.56 4.86
C VAL A 83 -5.61 -38.99 4.74
N ASN A 84 -5.29 -39.66 3.64
CA ASN A 84 -5.92 -40.98 3.47
C ASN A 84 -5.26 -42.02 4.36
N ALA A 85 -4.02 -41.79 4.81
CA ALA A 85 -3.50 -42.65 5.87
C ALA A 85 -4.29 -42.48 7.15
N CYS A 86 -4.72 -41.24 7.47
CA CYS A 86 -5.60 -41.03 8.62
C CYS A 86 -6.92 -41.79 8.45
N THR A 87 -7.56 -41.60 7.29
CA THR A 87 -8.77 -42.33 6.92
C THR A 87 -8.59 -43.82 7.17
N ARG A 88 -7.53 -44.41 6.61
CA ARG A 88 -7.34 -45.86 6.72
C ARG A 88 -7.18 -46.31 8.17
N HIS A 89 -6.58 -45.47 9.02
CA HIS A 89 -6.33 -45.85 10.39
C HIS A 89 -7.49 -45.54 11.31
N GLY A 90 -8.63 -45.11 10.76
CA GLY A 90 -9.77 -44.76 11.57
C GLY A 90 -9.64 -43.43 12.28
N VAL A 91 -8.89 -42.48 11.73
CA VAL A 91 -8.59 -41.24 12.42
C VAL A 91 -9.22 -40.07 11.68
N TRP A 92 -10.12 -39.38 12.37
CA TRP A 92 -10.65 -38.09 11.89
C TRP A 92 -9.52 -37.08 11.76
N LEU A 93 -9.53 -36.34 10.66
CA LEU A 93 -8.63 -35.21 10.47
C LEU A 93 -9.47 -33.96 10.25
N THR A 94 -9.28 -32.97 11.12
CA THR A 94 -10.04 -31.73 11.05
C THR A 94 -9.11 -30.54 10.88
N ILE A 95 -9.62 -29.49 10.23
CA ILE A 95 -8.90 -28.21 10.14
C ILE A 95 -9.79 -27.12 10.71
N VAL A 96 -9.34 -25.87 10.62
CA VAL A 96 -10.09 -24.71 11.09
C VAL A 96 -10.25 -23.73 9.93
N PRO A 97 -11.21 -22.83 10.01
CA PRO A 97 -11.30 -21.79 8.97
C PRO A 97 -10.10 -20.86 8.98
N ASP A 98 -9.89 -20.21 7.84
CA ASP A 98 -8.80 -19.26 7.69
C ASP A 98 -9.12 -18.02 8.53
N LEU A 99 -8.32 -17.76 9.56
CA LEU A 99 -8.54 -16.58 10.40
C LEU A 99 -7.37 -15.59 10.32
N LEU A 100 -6.47 -15.75 9.35
CA LEU A 100 -5.19 -15.09 9.33
C LEU A 100 -5.19 -13.76 8.58
N THR A 101 -6.24 -13.46 7.83
CA THR A 101 -6.20 -12.39 6.83
C THR A 101 -5.89 -11.03 7.46
N ILE A 102 -6.65 -10.66 8.47
CA ILE A 102 -6.53 -9.29 8.98
C ILE A 102 -5.23 -9.12 9.76
N PRO A 103 -4.87 -10.01 10.71
CA PRO A 103 -3.57 -9.81 11.37
C PRO A 103 -2.38 -9.86 10.41
N THR A 104 -2.48 -10.63 9.33
CA THR A 104 -1.42 -10.65 8.33
C THR A 104 -1.34 -9.32 7.59
N ALA A 105 -2.49 -8.78 7.16
CA ALA A 105 -2.50 -7.49 6.50
C ALA A 105 -1.90 -6.42 7.39
N GLU A 106 -2.31 -6.40 8.66
CA GLU A 106 -1.82 -5.40 9.61
C GLU A 106 -0.30 -5.49 9.78
N LEU A 107 0.23 -6.70 9.92
CA LEU A 107 1.67 -6.84 10.08
C LEU A 107 2.42 -6.42 8.83
N THR A 108 1.84 -6.68 7.65
CA THR A 108 2.44 -6.24 6.39
C THR A 108 2.64 -4.74 6.37
N ILE A 109 1.67 -3.99 6.89
CA ILE A 109 1.82 -2.55 6.98
C ILE A 109 2.81 -2.19 8.07
N GLY A 110 2.79 -2.93 9.19
CA GLY A 110 3.86 -2.82 10.15
C GLY A 110 5.23 -2.97 9.51
N LEU A 111 5.40 -4.01 8.68
CA LEU A 111 6.71 -4.22 8.06
C LEU A 111 7.07 -3.07 7.12
N LEU A 112 6.10 -2.61 6.34
CA LEU A 112 6.32 -1.48 5.44
C LEU A 112 6.82 -0.25 6.21
N LEU A 113 6.10 0.14 7.26
CA LEU A 113 6.49 1.33 8.02
C LEU A 113 7.83 1.15 8.72
N GLY A 114 8.05 0.01 9.37
CA GLY A 114 9.29 -0.18 10.10
C GLY A 114 10.50 -0.17 9.17
N LEU A 115 10.36 -0.79 8.00
CA LEU A 115 11.45 -0.81 7.02
C LEU A 115 11.73 0.57 6.47
N THR A 116 10.70 1.26 5.96
CA THR A 116 10.93 2.51 5.24
C THR A 116 11.31 3.65 6.17
N ARG A 117 11.02 3.54 7.47
CA ARG A 117 11.33 4.61 8.41
C ARG A 117 12.55 4.30 9.27
N HIS A 118 13.28 3.21 8.99
CA HIS A 118 14.51 2.89 9.72
C HIS A 118 14.27 2.75 11.22
N MET A 119 13.16 2.10 11.58
CA MET A 119 12.77 2.09 12.99
C MET A 119 13.60 1.10 13.80
N LEU A 120 14.15 0.07 13.17
CA LEU A 120 15.02 -0.85 13.92
C LEU A 120 16.33 -0.18 14.27
N GLU A 121 16.97 0.43 13.28
CA GLU A 121 18.19 1.19 13.56
C GLU A 121 17.90 2.27 14.58
N GLY A 122 16.75 2.95 14.45
CA GLY A 122 16.40 3.99 15.41
C GLY A 122 16.28 3.47 16.84
N ASP A 123 15.61 2.33 17.02
CA ASP A 123 15.49 1.76 18.36
C ASP A 123 16.86 1.38 18.91
N ARG A 124 17.72 0.78 18.07
CA ARG A 124 19.07 0.45 18.52
C ARG A 124 19.83 1.70 18.94
N GLN A 125 19.71 2.79 18.18
CA GLN A 125 20.38 4.05 18.57
C GLN A 125 19.88 4.57 19.91
N ILE A 126 18.57 4.42 20.20
CA ILE A 126 18.06 4.78 21.52
C ILE A 126 18.70 3.91 22.60
N ARG A 127 18.77 2.59 22.37
CA ARG A 127 19.27 1.68 23.39
C ARG A 127 20.77 1.81 23.63
N SER A 128 21.54 2.26 22.64
CA SER A 128 22.96 2.50 22.82
C SER A 128 23.27 3.54 23.89
N GLY A 129 22.27 4.32 24.30
CA GLY A 129 22.47 5.34 25.31
C GLY A 129 23.00 6.67 24.84
N HIS A 130 23.29 6.84 23.55
CA HIS A 130 23.96 8.03 23.05
C HIS A 130 23.01 9.09 22.49
N PHE A 131 21.70 8.95 22.71
CA PHE A 131 20.74 9.89 22.14
C PHE A 131 20.85 11.24 22.82
N GLN A 132 20.98 12.30 22.01
CA GLN A 132 21.06 13.67 22.53
C GLN A 132 20.15 14.62 21.76
N GLY A 133 19.03 14.13 21.24
CA GLY A 133 18.04 14.95 20.56
C GLY A 133 18.05 14.72 19.05
N TRP A 134 17.16 15.45 18.37
CA TRP A 134 17.08 15.37 16.91
C TRP A 134 18.45 15.52 16.26
N ARG A 135 18.71 14.71 15.23
CA ARG A 135 19.88 14.80 14.35
C ARG A 135 19.44 14.58 12.91
N PRO A 136 20.18 15.13 11.92
CA PRO A 136 19.85 14.84 10.52
C PRO A 136 20.25 13.43 10.10
N THR A 137 19.64 12.43 10.72
CA THR A 137 20.04 11.03 10.57
C THR A 137 18.80 10.20 10.23
N LEU A 138 19.01 9.04 9.63
CA LEU A 138 17.95 8.05 9.40
C LEU A 138 16.79 8.65 8.62
N TYR A 139 17.11 9.39 7.57
CA TYR A 139 16.08 9.91 6.67
C TYR A 139 15.52 8.77 5.83
N GLY A 140 14.23 8.50 5.96
CA GLY A 140 13.61 7.40 5.29
C GLY A 140 12.70 7.84 4.16
N SER A 141 11.77 6.96 3.82
CA SER A 141 10.85 7.16 2.71
C SER A 141 9.43 7.18 3.26
N GLY A 142 8.68 8.22 2.92
CA GLY A 142 7.32 8.35 3.40
C GLY A 142 6.35 7.51 2.59
N LEU A 143 5.10 7.46 3.07
CA LEU A 143 4.06 6.81 2.30
C LEU A 143 3.32 7.77 1.37
N THR A 144 2.97 8.96 1.85
CA THR A 144 2.07 9.80 1.09
C THR A 144 2.71 10.24 -0.21
N GLY A 145 1.96 10.11 -1.31
CA GLY A 145 2.44 10.39 -2.66
C GLY A 145 3.15 9.23 -3.34
N LYS A 146 3.50 8.18 -2.62
CA LYS A 146 4.23 7.09 -3.23
C LYS A 146 3.27 6.15 -3.97
N THR A 147 3.84 5.28 -4.79
CA THR A 147 3.05 4.30 -5.52
C THR A 147 3.35 2.94 -4.91
N LEU A 148 2.30 2.28 -4.43
CA LEU A 148 2.41 0.96 -3.82
C LEU A 148 1.58 -0.02 -4.63
N GLY A 149 2.18 -1.14 -5.01
CA GLY A 149 1.46 -2.13 -5.78
C GLY A 149 1.19 -3.41 -5.01
N ILE A 150 -0.05 -3.86 -5.02
CA ILE A 150 -0.42 -5.12 -4.39
C ILE A 150 -0.54 -6.17 -5.49
N ARG A 151 0.41 -7.10 -5.53
CA ARG A 151 0.35 -8.18 -6.53
C ARG A 151 -0.50 -9.31 -5.96
N GLY A 152 -1.73 -9.43 -6.44
CA GLY A 152 -2.68 -10.39 -5.91
C GLY A 152 -3.74 -9.75 -5.02
N MET A 153 -4.98 -9.74 -5.49
CA MET A 153 -6.07 -9.20 -4.69
C MET A 153 -6.97 -10.30 -4.12
N GLY A 154 -6.36 -11.30 -3.50
CA GLY A 154 -7.13 -12.18 -2.63
C GLY A 154 -7.49 -11.49 -1.33
N ALA A 155 -7.79 -12.27 -0.30
CA ALA A 155 -8.33 -11.71 0.92
C ALA A 155 -7.33 -10.78 1.61
N VAL A 156 -6.08 -11.24 1.76
CA VAL A 156 -5.05 -10.42 2.40
C VAL A 156 -4.81 -9.14 1.59
N GLY A 157 -4.76 -9.26 0.26
CA GLY A 157 -4.55 -8.07 -0.56
C GLY A 157 -5.68 -7.06 -0.42
N ARG A 158 -6.93 -7.55 -0.33
CA ARG A 158 -8.06 -6.64 -0.15
C ARG A 158 -7.97 -5.93 1.19
N ALA A 159 -7.57 -6.64 2.23
CA ALA A 159 -7.47 -6.05 3.56
C ALA A 159 -6.37 -4.99 3.64
N ILE A 160 -5.27 -5.21 2.92
CA ILE A 160 -4.20 -4.20 2.86
C ILE A 160 -4.69 -2.96 2.15
N ALA A 161 -5.37 -3.14 1.03
CA ALA A 161 -5.80 -1.99 0.24
C ALA A 161 -6.83 -1.17 1.00
N GLN A 162 -7.70 -1.84 1.75
CA GLN A 162 -8.65 -1.13 2.60
C GLN A 162 -7.92 -0.30 3.64
N ARG A 163 -6.87 -0.87 4.24
CA ARG A 163 -6.15 -0.17 5.31
C ARG A 163 -5.25 0.95 4.79
N LEU A 164 -4.65 0.78 3.62
CA LEU A 164 -3.82 1.83 3.03
C LEU A 164 -4.63 2.94 2.37
N ALA A 165 -5.94 2.74 2.20
CA ALA A 165 -6.79 3.69 1.49
C ALA A 165 -6.76 5.09 2.08
N GLY A 166 -6.44 5.22 3.36
CA GLY A 166 -6.44 6.53 3.98
C GLY A 166 -5.09 7.20 4.05
N PHE A 167 -4.07 6.61 3.42
CA PHE A 167 -2.72 7.13 3.50
C PHE A 167 -2.34 8.02 2.34
N GLU A 168 -3.29 8.37 1.48
CA GLU A 168 -3.05 9.28 0.36
C GLU A 168 -1.89 8.82 -0.53
N MET A 169 -1.88 7.53 -0.87
CA MET A 169 -0.92 6.96 -1.80
C MET A 169 -1.57 6.75 -3.17
N ASN A 170 -0.76 6.34 -4.15
CA ASN A 170 -1.24 5.84 -5.45
C ASN A 170 -1.19 4.32 -5.38
N LEU A 171 -2.35 3.70 -5.22
CA LEU A 171 -2.42 2.27 -4.96
C LEU A 171 -2.70 1.54 -6.26
N LEU A 172 -1.84 0.59 -6.61
CA LEU A 172 -2.00 -0.24 -7.79
C LEU A 172 -2.17 -1.69 -7.37
N TYR A 173 -2.80 -2.48 -8.24
CA TYR A 173 -2.87 -3.91 -8.02
C TYR A 173 -2.94 -4.64 -9.36
N CYS A 174 -2.46 -5.88 -9.38
CA CYS A 174 -2.63 -6.76 -10.52
C CYS A 174 -3.25 -8.07 -10.07
N ASP A 175 -4.13 -8.61 -10.91
CA ASP A 175 -4.80 -9.89 -10.66
C ASP A 175 -5.56 -10.30 -11.91
N ARG A 176 -5.57 -11.60 -12.20
CA ARG A 176 -6.38 -12.07 -13.32
C ARG A 176 -7.86 -11.87 -13.08
N ILE A 177 -8.30 -11.98 -11.83
CA ILE A 177 -9.68 -11.69 -11.44
C ILE A 177 -9.71 -10.27 -10.88
N PRO A 178 -10.43 -9.35 -11.50
CA PRO A 178 -10.43 -7.97 -11.00
C PRO A 178 -11.35 -7.75 -9.81
N LEU A 179 -10.98 -6.77 -9.00
CA LEU A 179 -11.89 -6.18 -8.04
C LEU A 179 -13.11 -5.59 -8.75
N ASN A 180 -14.20 -5.43 -8.01
CA ASN A 180 -15.36 -4.76 -8.59
C ASN A 180 -15.21 -3.24 -8.47
N ALA A 181 -16.03 -2.51 -9.24
CA ALA A 181 -15.83 -1.08 -9.39
C ALA A 181 -16.05 -0.37 -8.07
N GLU A 182 -16.96 -0.90 -7.27
CA GLU A 182 -17.23 -0.26 -6.01
C GLU A 182 -16.08 -0.45 -5.02
N GLN A 183 -15.23 -1.46 -5.20
CA GLN A 183 -14.06 -1.60 -4.34
C GLN A 183 -12.87 -0.76 -4.82
N GLU A 184 -12.59 -0.74 -6.14
CA GLU A 184 -11.59 0.17 -6.70
C GLU A 184 -11.89 1.61 -6.32
N LYS A 185 -13.17 1.97 -6.26
CA LYS A 185 -13.55 3.33 -5.90
C LYS A 185 -13.35 3.58 -4.42
N ALA A 186 -13.89 2.68 -3.58
CA ALA A 186 -13.80 2.85 -2.13
C ALA A 186 -12.35 2.89 -1.66
N TRP A 187 -11.47 2.12 -2.29
CA TRP A 187 -10.09 2.02 -1.83
C TRP A 187 -9.13 2.84 -2.67
N HIS A 188 -9.60 3.45 -3.77
CA HIS A 188 -8.77 4.22 -4.70
C HIS A 188 -7.61 3.37 -5.24
N VAL A 189 -7.90 2.15 -5.64
CA VAL A 189 -6.88 1.23 -6.12
C VAL A 189 -7.16 0.92 -7.59
N GLN A 190 -6.11 0.92 -8.39
CA GLN A 190 -6.23 0.89 -9.84
C GLN A 190 -5.63 -0.41 -10.37
N ARG A 191 -6.36 -1.08 -11.24
CA ARG A 191 -5.87 -2.30 -11.84
C ARG A 191 -4.85 -2.00 -12.92
N VAL A 192 -3.79 -2.80 -12.95
CA VAL A 192 -2.71 -2.72 -13.92
C VAL A 192 -2.19 -4.13 -14.16
N THR A 193 -1.29 -4.27 -15.13
CA THR A 193 -0.59 -5.53 -15.35
C THR A 193 0.61 -5.64 -14.43
N LEU A 194 1.10 -6.88 -14.28
CA LEU A 194 2.26 -7.15 -13.44
C LEU A 194 3.48 -6.35 -13.90
N ASP A 195 3.65 -6.19 -15.20
CA ASP A 195 4.78 -5.38 -15.69
C ASP A 195 4.58 -3.91 -15.32
N GLU A 196 3.36 -3.38 -15.50
CA GLU A 196 3.08 -2.01 -15.08
C GLU A 196 3.37 -1.82 -13.60
N LEU A 197 2.87 -2.74 -12.76
CA LEU A 197 3.09 -2.65 -11.32
C LEU A 197 4.58 -2.62 -11.00
N LEU A 198 5.36 -3.55 -11.56
CA LEU A 198 6.77 -3.63 -11.20
C LEU A 198 7.52 -2.37 -11.63
N GLU A 199 7.11 -1.76 -12.74
CA GLU A 199 7.85 -0.62 -13.26
C GLU A 199 7.52 0.67 -12.54
N LYS A 200 6.31 0.81 -11.98
CA LYS A 200 5.84 2.07 -11.45
C LYS A 200 5.92 2.20 -9.94
N CYS A 201 6.20 1.13 -9.20
CA CYS A 201 5.92 1.10 -7.77
C CYS A 201 7.14 1.45 -6.95
N ASP A 202 6.95 2.34 -5.97
CA ASP A 202 8.01 2.54 -4.97
C ASP A 202 8.03 1.40 -3.97
N TYR A 203 6.86 0.79 -3.73
CA TYR A 203 6.70 -0.31 -2.78
C TYR A 203 5.95 -1.43 -3.48
N VAL A 204 6.48 -2.64 -3.38
CA VAL A 204 5.86 -3.82 -3.98
C VAL A 204 5.53 -4.79 -2.86
N VAL A 205 4.29 -5.26 -2.85
CA VAL A 205 3.79 -6.11 -1.78
C VAL A 205 3.12 -7.34 -2.38
N PRO A 206 3.82 -8.48 -2.45
CA PRO A 206 3.19 -9.69 -2.98
C PRO A 206 2.19 -10.28 -1.98
N ALA A 207 0.99 -10.56 -2.48
CA ALA A 207 -0.09 -11.22 -1.74
C ALA A 207 -0.59 -12.44 -2.54
N VAL A 208 -1.53 -13.18 -1.96
CA VAL A 208 -2.10 -14.33 -2.67
C VAL A 208 -3.14 -13.83 -3.67
N PRO A 209 -3.05 -14.17 -4.94
CA PRO A 209 -4.06 -13.71 -5.91
C PRO A 209 -5.41 -14.38 -5.65
N MET A 210 -6.45 -13.81 -6.28
CA MET A 210 -7.76 -14.48 -6.28
C MET A 210 -7.68 -15.88 -6.88
N ALA A 211 -6.84 -16.08 -7.88
CA ALA A 211 -6.63 -17.40 -8.48
C ALA A 211 -5.42 -17.42 -9.42
N ALA A 212 -4.40 -18.22 -9.08
CA ALA A 212 -3.22 -18.40 -9.93
C ALA A 212 -2.32 -19.47 -9.32
N GLU A 213 -1.47 -20.06 -10.17
CA GLU A 213 -0.50 -21.07 -9.76
C GLU A 213 0.88 -20.58 -10.21
N THR A 214 1.68 -20.11 -9.25
CA THR A 214 3.00 -19.55 -9.55
C THR A 214 3.90 -19.68 -8.33
N LEU A 215 5.15 -20.07 -8.56
CA LEU A 215 6.17 -20.19 -7.51
C LEU A 215 7.40 -19.38 -7.91
N HIS A 216 7.88 -18.54 -6.99
CA HIS A 216 9.03 -17.65 -7.17
C HIS A 216 8.77 -16.56 -8.19
N LEU A 217 7.84 -15.66 -7.88
CA LEU A 217 7.46 -14.57 -8.79
C LEU A 217 8.41 -13.38 -8.70
N ILE A 218 9.00 -13.14 -7.55
CA ILE A 218 9.99 -12.08 -7.38
C ILE A 218 11.35 -12.75 -7.49
N ASP A 219 11.89 -12.78 -8.72
CA ASP A 219 13.18 -13.37 -9.05
C ASP A 219 14.08 -12.29 -9.64
N ALA A 220 15.23 -12.71 -10.16
CA ALA A 220 16.18 -11.73 -10.71
C ALA A 220 15.58 -10.93 -11.85
N THR A 221 14.70 -11.55 -12.65
CA THR A 221 14.07 -10.85 -13.76
C THR A 221 13.07 -9.81 -13.27
N ALA A 222 12.23 -10.17 -12.30
CA ALA A 222 11.27 -9.22 -11.76
C ALA A 222 11.99 -8.04 -11.10
N LEU A 223 13.02 -8.31 -10.29
CA LEU A 223 13.73 -7.23 -9.63
C LEU A 223 14.39 -6.29 -10.64
N ALA A 224 14.78 -6.82 -11.82
CA ALA A 224 15.34 -5.98 -12.87
C ALA A 224 14.31 -4.98 -13.40
N LYS A 225 13.02 -5.33 -13.37
CA LYS A 225 11.99 -4.46 -13.91
C LYS A 225 11.52 -3.40 -12.92
N MET A 226 11.95 -3.49 -11.66
CA MET A 226 11.45 -2.64 -10.60
C MET A 226 12.23 -1.33 -10.56
N LYS A 227 11.56 -0.32 -10.01
CA LYS A 227 12.15 0.99 -9.86
C LYS A 227 13.38 0.93 -8.95
N THR A 228 14.44 1.64 -9.33
CA THR A 228 15.64 1.66 -8.51
C THR A 228 15.35 2.37 -7.18
N GLY A 229 15.82 1.78 -6.08
CA GLY A 229 15.49 2.33 -4.79
C GLY A 229 14.13 1.92 -4.26
N SER A 230 13.55 0.85 -4.80
CA SER A 230 12.24 0.38 -4.39
C SER A 230 12.36 -0.50 -3.16
N TYR A 231 11.23 -0.79 -2.55
CA TYR A 231 11.17 -1.64 -1.37
C TYR A 231 10.24 -2.82 -1.65
N LEU A 232 10.59 -3.97 -1.10
CA LEU A 232 9.82 -5.19 -1.27
C LEU A 232 9.44 -5.72 0.11
N ILE A 233 8.15 -5.94 0.32
CA ILE A 233 7.61 -6.42 1.60
C ILE A 233 6.94 -7.76 1.37
N ASN A 234 7.49 -8.82 1.96
CA ASN A 234 6.99 -10.19 1.77
C ASN A 234 6.43 -10.76 3.06
N ALA A 235 5.11 -10.70 3.21
CA ALA A 235 4.42 -11.40 4.29
C ALA A 235 3.52 -12.50 3.73
N CYS A 236 3.82 -12.95 2.52
CA CYS A 236 2.98 -13.91 1.79
C CYS A 236 3.39 -15.35 2.07
N ARG A 237 4.41 -15.84 1.37
CA ARG A 237 5.02 -17.12 1.72
C ARG A 237 6.45 -17.16 1.19
N GLY A 238 7.26 -18.08 1.73
CA GLY A 238 8.67 -18.11 1.38
C GLY A 238 8.93 -18.31 -0.10
N SER A 239 8.07 -19.06 -0.78
CA SER A 239 8.30 -19.39 -2.19
C SER A 239 8.07 -18.20 -3.12
N VAL A 240 7.63 -17.07 -2.58
CA VAL A 240 7.24 -15.93 -3.41
C VAL A 240 8.46 -15.11 -3.85
N VAL A 241 9.58 -15.21 -3.15
CA VAL A 241 10.69 -14.29 -3.37
C VAL A 241 11.99 -15.08 -3.36
N ASP A 242 12.79 -14.91 -4.41
CA ASP A 242 14.13 -15.49 -4.47
C ASP A 242 15.04 -14.67 -3.58
N GLU A 243 15.43 -15.24 -2.44
CA GLU A 243 16.19 -14.47 -1.46
C GLU A 243 17.62 -14.18 -1.94
N ASN A 244 18.18 -15.05 -2.79
CA ASN A 244 19.48 -14.76 -3.36
C ASN A 244 19.39 -13.60 -4.34
N ALA A 245 18.37 -13.62 -5.20
CA ALA A 245 18.08 -12.48 -6.07
C ALA A 245 17.96 -11.17 -5.27
N VAL A 246 17.42 -11.24 -4.05
CA VAL A 246 17.17 -10.02 -3.29
C VAL A 246 18.45 -9.49 -2.67
N ILE A 247 19.36 -10.40 -2.29
CA ILE A 247 20.68 -9.99 -1.80
C ILE A 247 21.41 -9.18 -2.87
N ALA A 248 21.38 -9.65 -4.12
CA ALA A 248 22.09 -8.95 -5.18
C ALA A 248 21.48 -7.59 -5.47
N ALA A 249 20.15 -7.52 -5.57
CA ALA A 249 19.46 -6.26 -5.79
C ALA A 249 19.72 -5.28 -4.66
N LEU A 250 19.91 -5.77 -3.44
CA LEU A 250 20.25 -4.89 -2.32
C LEU A 250 21.66 -4.33 -2.47
N ALA A 251 22.61 -5.19 -2.86
CA ALA A 251 23.99 -4.74 -3.05
C ALA A 251 24.10 -3.74 -4.19
N SER A 252 23.43 -4.01 -5.31
CA SER A 252 23.53 -3.12 -6.47
C SER A 252 22.74 -1.82 -6.30
N GLY A 253 21.91 -1.71 -5.26
CA GLY A 253 21.10 -0.53 -5.10
C GLY A 253 19.72 -0.59 -5.74
N LYS A 254 19.40 -1.70 -6.41
CA LYS A 254 18.08 -1.81 -7.03
C LYS A 254 16.97 -1.76 -5.99
N LEU A 255 17.16 -2.49 -4.89
CA LEU A 255 16.24 -2.44 -3.76
C LEU A 255 16.82 -1.55 -2.69
N ALA A 256 16.00 -0.65 -2.14
CA ALA A 256 16.45 0.01 -0.92
C ALA A 256 16.23 -0.84 0.32
N GLY A 257 15.35 -1.84 0.28
CA GLY A 257 15.04 -2.60 1.48
C GLY A 257 14.17 -3.81 1.23
N TYR A 258 14.26 -4.75 2.16
CA TYR A 258 13.47 -5.97 2.07
C TYR A 258 12.94 -6.27 3.46
N ALA A 259 11.63 -6.42 3.56
CA ALA A 259 10.99 -6.82 4.81
C ALA A 259 10.24 -8.10 4.55
N ALA A 260 10.34 -9.04 5.48
CA ALA A 260 9.69 -10.33 5.27
C ALA A 260 9.31 -10.93 6.61
N ASP A 261 8.15 -11.58 6.61
CA ASP A 261 7.65 -12.40 7.72
C ASP A 261 7.80 -13.89 7.43
N VAL A 262 8.19 -14.24 6.21
CA VAL A 262 8.25 -15.63 5.78
C VAL A 262 9.54 -15.82 5.01
N PHE A 263 10.02 -17.05 4.98
CA PHE A 263 11.35 -17.31 4.47
C PHE A 263 11.32 -18.57 3.62
N GLU A 264 12.25 -18.64 2.67
CA GLU A 264 12.35 -19.82 1.83
C GLU A 264 12.68 -21.06 2.64
N MET A 265 13.45 -20.91 3.72
CA MET A 265 13.85 -22.07 4.51
C MET A 265 12.69 -22.81 5.17
N GLU A 266 11.50 -22.23 5.24
CA GLU A 266 10.38 -22.94 5.86
C GLU A 266 9.48 -23.63 4.84
N GLU A 267 9.91 -23.72 3.59
CA GLU A 267 9.16 -24.43 2.55
C GLU A 267 9.48 -25.92 2.62
N TRP A 268 8.44 -26.73 2.87
CA TRP A 268 8.57 -28.19 2.96
C TRP A 268 7.77 -28.90 1.88
N ILE A 269 7.43 -28.22 0.79
CA ILE A 269 6.83 -28.85 -0.38
C ILE A 269 7.77 -28.78 -1.59
N ARG A 270 9.05 -28.49 -1.36
CA ARG A 270 10.09 -28.58 -2.38
C ARG A 270 11.41 -28.89 -1.71
N ALA A 271 12.23 -29.74 -2.34
CA ALA A 271 13.40 -30.31 -1.69
C ALA A 271 14.62 -29.40 -1.75
N ASP A 272 14.81 -28.70 -2.87
CA ASP A 272 15.95 -27.79 -3.07
C ASP A 272 15.73 -26.52 -2.25
N ARG A 273 15.80 -26.67 -0.92
CA ARG A 273 15.51 -25.56 -0.01
C ARG A 273 16.62 -25.44 1.02
N PRO A 274 17.15 -24.24 1.25
CA PRO A 274 18.08 -24.04 2.37
C PRO A 274 17.35 -24.22 3.69
N GLN A 275 18.11 -24.49 4.76
CA GLN A 275 17.52 -24.53 6.09
C GLN A 275 18.07 -23.43 7.00
N ALA A 276 18.55 -22.36 6.41
CA ALA A 276 18.88 -21.15 7.16
C ALA A 276 18.50 -19.97 6.29
N ILE A 277 18.22 -18.85 6.94
CA ILE A 277 18.07 -17.58 6.21
C ILE A 277 19.44 -17.11 5.77
N PRO A 278 19.64 -16.68 4.53
CA PRO A 278 20.99 -16.36 4.06
C PRO A 278 21.69 -15.31 4.92
N LYS A 279 22.96 -15.59 5.25
CA LYS A 279 23.73 -14.74 6.15
C LYS A 279 23.81 -13.31 5.63
N ALA A 280 23.84 -13.12 4.30
CA ALA A 280 23.90 -11.79 3.73
C ALA A 280 22.67 -10.97 4.09
N LEU A 281 21.51 -11.62 4.20
CA LEU A 281 20.30 -10.94 4.67
C LEU A 281 20.35 -10.69 6.18
N LEU A 282 20.71 -11.71 6.96
CA LEU A 282 20.75 -11.59 8.41
C LEU A 282 21.68 -10.48 8.86
N ASP A 283 22.75 -10.24 8.10
CA ASP A 283 23.76 -9.27 8.49
C ASP A 283 23.36 -7.84 8.15
N ASN A 284 22.52 -7.67 7.14
CA ASN A 284 22.15 -6.35 6.62
C ASN A 284 21.00 -5.75 7.44
N THR A 285 21.28 -5.50 8.72
CA THR A 285 20.27 -4.91 9.60
C THR A 285 19.84 -3.52 9.13
N ALA A 286 20.65 -2.84 8.33
CA ALA A 286 20.33 -1.49 7.88
C ALA A 286 19.25 -1.45 6.80
N GLN A 287 19.13 -2.51 6.00
CA GLN A 287 18.25 -2.50 4.84
C GLN A 287 17.17 -3.58 4.87
N THR A 288 17.04 -4.31 5.98
CA THR A 288 16.05 -5.37 6.07
C THR A 288 15.30 -5.26 7.40
N PHE A 289 14.15 -5.94 7.46
CA PHE A 289 13.29 -5.96 8.65
C PHE A 289 12.54 -7.28 8.60
N PHE A 290 12.80 -8.16 9.56
CA PHE A 290 12.29 -9.53 9.50
C PHE A 290 11.49 -9.86 10.75
N THR A 291 10.50 -10.74 10.60
CA THR A 291 9.78 -11.25 11.75
C THR A 291 9.57 -12.74 11.56
N PRO A 292 9.51 -13.52 12.65
CA PRO A 292 9.54 -14.99 12.52
C PRO A 292 8.15 -15.58 12.39
N HIS A 293 7.53 -15.35 11.24
CA HIS A 293 6.19 -15.87 10.95
C HIS A 293 5.18 -15.44 12.01
N LEU A 294 5.11 -14.12 12.22
CA LEU A 294 4.21 -13.51 13.19
C LEU A 294 2.91 -13.02 12.56
N GLY A 295 2.67 -13.39 11.29
CA GLY A 295 1.52 -12.84 10.56
C GLY A 295 0.20 -12.94 11.30
N SER A 296 -0.04 -14.06 11.97
CA SER A 296 -1.27 -14.23 12.75
C SER A 296 -1.01 -14.27 14.27
N ALA A 297 0.12 -13.77 14.74
CA ALA A 297 0.49 -13.88 16.16
C ALA A 297 -0.20 -12.79 16.99
N VAL A 298 -1.52 -12.79 16.99
CA VAL A 298 -2.30 -11.96 17.89
C VAL A 298 -3.17 -12.88 18.73
N LYS A 299 -3.26 -12.56 20.02
CA LYS A 299 -3.84 -13.47 21.01
C LYS A 299 -5.25 -13.88 20.63
N GLU A 300 -6.02 -12.94 20.11
CA GLU A 300 -7.42 -13.20 19.84
C GLU A 300 -7.58 -14.21 18.70
N VAL A 301 -6.68 -14.18 17.72
CA VAL A 301 -6.77 -15.11 16.62
C VAL A 301 -6.22 -16.48 17.03
N ARG A 302 -5.03 -16.51 17.66
CA ARG A 302 -4.47 -17.77 18.15
C ARG A 302 -5.46 -18.50 19.05
N LEU A 303 -6.11 -17.77 19.96
CA LEU A 303 -7.08 -18.39 20.87
C LEU A 303 -8.25 -19.01 20.11
N GLU A 304 -8.77 -18.30 19.09
CA GLU A 304 -9.92 -18.82 18.36
C GLU A 304 -9.52 -20.01 17.47
N ILE A 305 -8.31 -19.99 16.94
CA ILE A 305 -7.77 -21.15 16.22
C ILE A 305 -7.70 -22.35 17.17
N GLU A 306 -7.17 -22.12 18.38
CA GLU A 306 -7.05 -23.20 19.36
C GLU A 306 -8.41 -23.71 19.81
N ARG A 307 -9.38 -22.81 20.01
CA ARG A 307 -10.71 -23.22 20.45
C ARG A 307 -11.45 -24.05 19.38
N GLN A 308 -11.28 -23.68 18.10
CA GLN A 308 -11.93 -24.46 17.04
C GLN A 308 -11.32 -25.85 16.93
N ALA A 309 -9.99 -25.96 17.00
CA ALA A 309 -9.37 -27.28 17.03
C ALA A 309 -9.88 -28.09 18.21
N ALA A 310 -9.97 -27.47 19.38
CA ALA A 310 -10.39 -28.20 20.56
C ALA A 310 -11.86 -28.64 20.46
N MET A 311 -12.73 -27.76 19.96
CA MET A 311 -14.11 -28.16 19.72
C MET A 311 -14.19 -29.35 18.77
N ASN A 312 -13.38 -29.35 17.71
CA ASN A 312 -13.34 -30.51 16.82
C ASN A 312 -12.97 -31.78 17.57
N ILE A 313 -11.96 -31.68 18.43
CA ILE A 313 -11.56 -32.84 19.22
C ILE A 313 -12.68 -33.28 20.13
N ILE A 314 -13.31 -32.32 20.81
CA ILE A 314 -14.39 -32.66 21.74
C ILE A 314 -15.55 -33.34 20.99
N GLN A 315 -15.91 -32.82 19.80
CA GLN A 315 -16.98 -33.43 19.01
C GLN A 315 -16.64 -34.86 18.62
N ALA A 316 -15.46 -35.07 18.03
CA ALA A 316 -15.10 -36.39 17.52
C ALA A 316 -15.02 -37.40 18.64
N LEU A 317 -14.50 -37.00 19.80
CA LEU A 317 -14.45 -37.88 20.97
C LEU A 317 -15.85 -38.24 21.46
N ALA A 318 -16.79 -37.33 21.31
CA ALA A 318 -18.16 -37.61 21.73
C ALA A 318 -18.92 -38.48 20.75
N GLY A 319 -18.28 -38.96 19.68
CA GLY A 319 -18.96 -39.76 18.69
C GLY A 319 -19.63 -38.99 17.55
N GLU A 320 -19.57 -37.66 17.56
CA GLU A 320 -20.15 -36.88 16.48
C GLU A 320 -19.17 -36.76 15.32
N LYS A 321 -19.68 -36.30 14.19
CA LYS A 321 -18.82 -35.91 13.07
C LYS A 321 -18.34 -34.49 13.31
N PRO A 322 -17.04 -34.26 13.43
CA PRO A 322 -16.56 -32.92 13.80
C PRO A 322 -16.83 -31.92 12.68
N MET A 323 -17.07 -30.68 13.09
CA MET A 323 -17.46 -29.65 12.14
C MET A 323 -16.37 -29.36 11.12
N GLY A 324 -15.09 -29.47 11.52
CA GLY A 324 -13.96 -29.25 10.62
C GLY A 324 -13.45 -30.44 9.85
N ALA A 325 -14.17 -31.57 9.86
CA ALA A 325 -13.66 -32.77 9.20
C ALA A 325 -13.40 -32.54 7.71
N ILE A 326 -12.26 -33.04 7.23
CA ILE A 326 -11.96 -33.09 5.81
C ILE A 326 -11.94 -34.52 5.29
N ASN A 327 -12.23 -35.50 6.15
CA ASN A 327 -12.22 -36.90 5.73
C ASN A 327 -13.38 -37.63 6.38
N GLN A 328 -13.49 -38.92 6.05
CA GLN A 328 -14.39 -39.84 6.72
C GLN A 328 -13.57 -41.08 7.06
N PRO A 329 -13.23 -41.32 8.34
CA PRO A 329 -12.29 -42.41 8.64
C PRO A 329 -12.92 -43.81 8.59
N TYR A 330 -12.21 -44.81 9.11
CA TYR A 330 -12.51 -46.26 9.01
C TYR A 330 -12.64 -46.67 7.56
N LYS B 2 15.26 26.44 -33.47
CA LYS B 2 14.87 27.12 -32.24
C LYS B 2 14.09 26.19 -31.31
N PRO B 3 14.35 26.31 -30.01
CA PRO B 3 13.56 25.56 -29.03
C PRO B 3 12.09 25.99 -29.04
N LYS B 4 11.25 25.11 -28.55
CA LYS B 4 9.81 25.33 -28.53
C LYS B 4 9.35 25.48 -27.08
N VAL B 5 8.48 26.44 -26.84
CA VAL B 5 7.96 26.71 -25.52
C VAL B 5 6.45 26.65 -25.61
N VAL B 6 5.84 25.88 -24.70
CA VAL B 6 4.39 25.71 -24.63
C VAL B 6 3.88 26.49 -23.43
N LEU B 7 2.83 27.27 -23.65
CA LEU B 7 2.20 28.11 -22.63
C LEU B 7 0.81 27.52 -22.35
N THR B 8 0.57 26.99 -21.15
CA THR B 8 -0.70 26.30 -20.95
C THR B 8 -1.88 27.26 -20.82
N HIS B 9 -1.63 28.53 -20.54
CA HIS B 9 -2.73 29.50 -20.45
C HIS B 9 -2.39 30.75 -21.23
N TRP B 10 -3.42 31.58 -21.47
CA TRP B 10 -3.29 32.81 -22.24
C TRP B 10 -2.28 33.74 -21.60
N VAL B 11 -1.53 34.46 -22.43
CA VAL B 11 -0.67 35.55 -21.97
C VAL B 11 -0.83 36.76 -22.88
N HIS B 12 -0.31 37.87 -22.41
CA HIS B 12 -0.38 39.10 -23.15
C HIS B 12 0.50 39.00 -24.39
N PRO B 13 0.07 39.63 -25.49
CA PRO B 13 0.86 39.50 -26.74
C PRO B 13 2.31 39.94 -26.61
N GLU B 14 2.61 40.93 -25.76
CA GLU B 14 4.01 41.31 -25.59
C GLU B 14 4.84 40.23 -24.90
N ILE B 15 4.23 39.35 -24.10
CA ILE B 15 4.97 38.21 -23.56
C ILE B 15 5.34 37.24 -24.68
N ILE B 16 4.41 37.02 -25.62
CA ILE B 16 4.66 36.15 -26.76
C ILE B 16 5.80 36.71 -27.60
N GLU B 17 5.79 38.03 -27.82
CA GLU B 17 6.86 38.65 -28.60
C GLU B 17 8.19 38.53 -27.88
N LEU B 18 8.20 38.80 -26.58
CA LEU B 18 9.40 38.59 -25.78
C LEU B 18 9.95 37.17 -25.98
N LEU B 19 9.09 36.16 -25.88
CA LEU B 19 9.57 34.78 -26.02
C LEU B 19 9.94 34.44 -27.46
N SER B 20 9.29 35.09 -28.43
CA SER B 20 9.46 34.73 -29.83
C SER B 20 10.88 34.96 -30.34
N ALA B 21 11.62 35.89 -29.73
CA ALA B 21 12.99 36.13 -30.18
C ALA B 21 13.87 34.91 -29.96
N SER B 22 13.64 34.16 -28.88
CA SER B 22 14.52 33.06 -28.57
C SER B 22 13.87 31.70 -28.74
N ALA B 23 12.60 31.64 -29.12
CA ALA B 23 11.91 30.36 -29.12
C ALA B 23 10.73 30.43 -30.08
N ASP B 24 10.28 29.24 -30.49
CA ASP B 24 9.01 29.11 -31.18
C ASP B 24 7.93 28.87 -30.13
N VAL B 25 6.92 29.72 -30.12
CA VAL B 25 5.95 29.77 -29.04
C VAL B 25 4.67 29.03 -29.47
N ILE B 26 4.20 28.12 -28.61
CA ILE B 26 2.89 27.53 -28.82
C ILE B 26 1.96 28.07 -27.74
N PRO B 27 1.19 29.12 -28.05
CA PRO B 27 0.34 29.74 -27.03
C PRO B 27 -0.97 28.99 -26.87
N ASN B 28 -1.62 29.26 -25.75
CA ASN B 28 -3.05 29.02 -25.61
C ASN B 28 -3.75 30.31 -26.06
N THR B 29 -4.43 30.25 -27.22
CA THR B 29 -5.06 31.47 -27.71
C THR B 29 -6.36 31.80 -26.98
N THR B 30 -6.91 30.84 -26.23
CA THR B 30 -8.18 31.04 -25.54
C THR B 30 -7.94 31.40 -24.08
N ARG B 31 -9.03 31.74 -23.39
CA ARG B 31 -9.02 31.96 -21.95
C ARG B 31 -9.42 30.70 -21.17
N GLU B 32 -9.51 29.56 -21.82
CA GLU B 32 -9.90 28.33 -21.15
C GLU B 32 -8.67 27.56 -20.67
N THR B 33 -8.91 26.65 -19.73
CA THR B 33 -7.92 25.67 -19.30
C THR B 33 -7.98 24.48 -20.26
N LEU B 34 -6.84 24.10 -20.83
CA LEU B 34 -6.80 22.94 -21.69
C LEU B 34 -6.89 21.67 -20.85
N PRO B 35 -7.49 20.59 -21.39
CA PRO B 35 -7.39 19.30 -20.70
C PRO B 35 -5.94 18.88 -20.62
N ARG B 36 -5.64 18.07 -19.59
CA ARG B 36 -4.29 17.60 -19.37
C ARG B 36 -3.73 16.91 -20.60
N SER B 37 -4.54 16.07 -21.26
CA SER B 37 -4.05 15.33 -22.42
C SER B 37 -3.59 16.28 -23.53
N GLU B 38 -4.29 17.42 -23.68
CA GLU B 38 -3.91 18.39 -24.71
C GLU B 38 -2.64 19.12 -24.34
N VAL B 39 -2.49 19.50 -23.06
CA VAL B 39 -1.23 20.12 -22.62
C VAL B 39 -0.05 19.18 -22.91
N ILE B 40 -0.23 17.89 -22.61
CA ILE B 40 0.84 16.93 -22.82
C ILE B 40 1.12 16.74 -24.31
N ALA B 41 0.06 16.66 -25.12
CA ALA B 41 0.25 16.53 -26.56
C ALA B 41 1.06 17.71 -27.13
N ARG B 42 0.82 18.92 -26.61
CA ARG B 42 1.64 20.04 -27.03
C ARG B 42 3.04 19.98 -26.43
N ALA B 43 3.14 19.71 -25.13
CA ALA B 43 4.43 19.78 -24.46
C ALA B 43 5.35 18.60 -24.78
N LYS B 44 4.84 17.56 -25.44
CA LYS B 44 5.60 16.34 -25.71
C LYS B 44 6.94 16.61 -26.40
N ASP B 45 7.02 17.57 -27.32
CA ASP B 45 8.32 17.92 -27.87
C ASP B 45 8.69 19.37 -27.57
N ALA B 46 8.19 19.91 -26.47
CA ALA B 46 8.60 21.25 -26.07
C ALA B 46 9.86 21.19 -25.20
N ASP B 47 10.74 22.17 -25.39
CA ASP B 47 11.89 22.39 -24.53
C ASP B 47 11.54 23.13 -23.26
N ALA B 48 10.38 23.79 -23.22
CA ALA B 48 10.07 24.68 -22.11
C ALA B 48 8.56 24.75 -21.97
N LEU B 49 8.12 24.92 -20.74
CA LEU B 49 6.71 25.05 -20.44
C LEU B 49 6.52 26.24 -19.51
N MET B 50 5.48 27.04 -19.76
CA MET B 50 5.01 28.01 -18.77
C MET B 50 3.75 27.44 -18.11
N ALA B 51 3.81 27.23 -16.80
CA ALA B 51 2.75 26.58 -16.06
C ALA B 51 1.99 27.58 -15.20
N PHE B 52 0.72 27.26 -14.96
CA PHE B 52 -0.19 28.12 -14.24
C PHE B 52 -0.86 27.30 -13.12
N MET B 53 -1.76 27.94 -12.37
CA MET B 53 -2.43 27.29 -11.24
C MET B 53 -3.11 25.97 -11.59
N PRO B 54 -3.82 25.83 -12.73
CA PRO B 54 -4.46 24.53 -13.04
C PRO B 54 -3.50 23.41 -13.37
N ASP B 55 -2.22 23.70 -13.64
CA ASP B 55 -1.28 22.67 -14.08
C ASP B 55 -0.83 21.79 -12.92
N SER B 56 -0.67 20.49 -13.19
CA SER B 56 -0.23 19.52 -12.19
C SER B 56 0.96 18.77 -12.77
N ILE B 57 2.16 19.07 -12.30
CA ILE B 57 3.38 18.52 -12.87
C ILE B 57 3.88 17.42 -11.95
N ASP B 58 3.59 16.16 -12.33
CA ASP B 58 4.10 14.95 -11.69
C ASP B 58 5.03 14.22 -12.65
N SER B 59 5.58 13.09 -12.20
CA SER B 59 6.57 12.38 -13.02
C SER B 59 5.94 11.78 -14.27
N ALA B 60 4.73 11.23 -14.18
CA ALA B 60 4.04 10.80 -15.38
C ALA B 60 4.00 11.91 -16.42
N PHE B 61 3.71 13.15 -15.99
CA PHE B 61 3.74 14.27 -16.94
C PHE B 61 5.12 14.38 -17.56
N LEU B 62 6.15 14.38 -16.72
CA LEU B 62 7.50 14.61 -17.21
C LEU B 62 8.00 13.47 -18.08
N GLU B 63 7.58 12.22 -17.79
CA GLU B 63 7.99 11.08 -18.61
C GLU B 63 7.47 11.19 -20.04
N GLU B 64 6.32 11.85 -20.23
CA GLU B 64 5.80 12.06 -21.58
C GLU B 64 6.38 13.28 -22.26
N CYS B 65 7.25 14.05 -21.58
CA CYS B 65 7.82 15.28 -22.12
C CYS B 65 9.34 15.20 -22.01
N PRO B 66 9.98 14.39 -22.85
CA PRO B 66 11.41 14.11 -22.65
C PRO B 66 12.36 15.22 -23.04
N LYS B 67 11.96 16.19 -23.87
CA LYS B 67 12.85 17.28 -24.24
C LYS B 67 12.82 18.45 -23.27
N LEU B 68 11.94 18.39 -22.27
CA LEU B 68 11.70 19.53 -21.41
C LEU B 68 12.97 19.88 -20.64
N ARG B 69 13.35 21.15 -20.67
CA ARG B 69 14.48 21.64 -19.89
C ARG B 69 14.09 22.60 -18.77
N VAL B 70 12.99 23.36 -18.91
CA VAL B 70 12.56 24.28 -17.87
C VAL B 70 11.03 24.31 -17.83
N ILE B 71 10.49 24.38 -16.62
CA ILE B 71 9.10 24.74 -16.39
C ILE B 71 9.14 26.09 -15.70
N GLY B 72 8.78 27.15 -16.42
CA GLY B 72 8.64 28.44 -15.77
C GLY B 72 7.23 28.64 -15.26
N ALA B 73 7.02 28.50 -13.95
CA ALA B 73 5.66 28.67 -13.42
C ALA B 73 5.35 30.15 -13.23
N ALA B 74 4.18 30.57 -13.75
CA ALA B 74 3.68 31.91 -13.51
C ALA B 74 2.98 31.93 -12.14
N LEU B 75 3.69 31.52 -11.09
CA LEU B 75 3.12 31.27 -9.77
C LEU B 75 4.17 31.59 -8.71
N LYS B 76 3.69 31.99 -7.54
CA LYS B 76 4.61 32.33 -6.47
C LYS B 76 5.00 31.12 -5.62
N GLY B 77 4.28 30.00 -5.74
CA GLY B 77 4.57 28.76 -5.02
C GLY B 77 4.50 27.54 -5.91
N TYR B 78 4.63 26.33 -5.35
CA TYR B 78 4.86 25.17 -6.22
C TYR B 78 4.15 23.93 -5.69
N ASP B 79 2.96 24.13 -5.10
CA ASP B 79 2.24 23.02 -4.48
C ASP B 79 1.96 21.89 -5.47
N ASN B 80 1.53 22.24 -6.69
CA ASN B 80 1.14 21.21 -7.66
C ASN B 80 2.28 20.81 -8.60
N PHE B 81 3.51 21.06 -8.20
CA PHE B 81 4.69 20.62 -8.92
C PHE B 81 5.42 19.61 -8.03
N ASP B 82 5.85 18.50 -8.62
CA ASP B 82 6.73 17.56 -7.94
C ASP B 82 8.14 18.02 -8.27
N VAL B 83 8.72 18.79 -7.36
CA VAL B 83 9.97 19.46 -7.67
C VAL B 83 11.11 18.46 -7.78
N ASN B 84 11.13 17.44 -6.92
CA ASN B 84 12.22 16.48 -7.03
C ASN B 84 12.13 15.66 -8.31
N ALA B 85 10.90 15.30 -8.72
CA ALA B 85 10.73 14.70 -10.03
C ALA B 85 11.32 15.58 -11.14
N CYS B 86 11.06 16.90 -11.08
CA CYS B 86 11.65 17.79 -12.09
C CYS B 86 13.17 17.73 -12.04
N THR B 87 13.73 17.75 -10.83
CA THR B 87 15.18 17.68 -10.68
C THR B 87 15.76 16.41 -11.29
N ARG B 88 15.17 15.26 -10.95
CA ARG B 88 15.67 13.99 -11.48
C ARG B 88 15.55 13.93 -13.01
N HIS B 89 14.54 14.57 -13.58
CA HIS B 89 14.39 14.56 -15.04
C HIS B 89 15.21 15.63 -15.71
N GLY B 90 16.06 16.34 -14.95
CA GLY B 90 16.85 17.42 -15.53
C GLY B 90 16.04 18.64 -15.90
N VAL B 91 14.92 18.88 -15.23
CA VAL B 91 14.03 20.00 -15.56
C VAL B 91 14.15 21.09 -14.49
N TRP B 92 14.59 22.27 -14.90
CA TRP B 92 14.48 23.47 -14.05
C TRP B 92 13.04 23.77 -13.68
N LEU B 93 12.81 24.06 -12.40
CA LEU B 93 11.51 24.53 -11.94
C LEU B 93 11.68 25.92 -11.33
N THR B 94 11.03 26.91 -11.95
CA THR B 94 11.15 28.29 -11.50
C THR B 94 9.80 28.81 -11.04
N ILE B 95 9.82 29.73 -10.07
CA ILE B 95 8.64 30.47 -9.65
C ILE B 95 8.89 31.96 -9.80
N VAL B 96 7.89 32.77 -9.44
CA VAL B 96 7.98 34.23 -9.49
C VAL B 96 7.80 34.73 -8.05
N PRO B 97 8.19 35.97 -7.77
CA PRO B 97 7.95 36.51 -6.43
C PRO B 97 6.47 36.79 -6.22
N ASP B 98 6.13 37.00 -4.96
CA ASP B 98 4.76 37.33 -4.56
C ASP B 98 4.43 38.75 -5.02
N LEU B 99 3.59 38.88 -6.04
CA LEU B 99 3.13 40.19 -6.47
C LEU B 99 1.63 40.37 -6.24
N LEU B 100 1.01 39.50 -5.46
CA LEU B 100 -0.45 39.49 -5.34
C LEU B 100 -0.97 40.42 -4.26
N THR B 101 -0.09 41.04 -3.47
CA THR B 101 -0.50 41.60 -2.19
C THR B 101 -1.47 42.77 -2.35
N ILE B 102 -1.07 43.78 -3.11
CA ILE B 102 -1.86 45.01 -3.21
C ILE B 102 -3.18 44.73 -3.92
N PRO B 103 -3.21 44.10 -5.11
CA PRO B 103 -4.53 43.81 -5.71
C PRO B 103 -5.41 42.91 -4.86
N THR B 104 -4.84 42.07 -3.98
CA THR B 104 -5.70 41.27 -3.11
C THR B 104 -6.27 42.10 -1.96
N ALA B 105 -5.48 43.04 -1.42
CA ALA B 105 -6.01 43.93 -0.39
C ALA B 105 -7.12 44.83 -0.95
N GLU B 106 -6.92 45.40 -2.14
CA GLU B 106 -7.94 46.24 -2.76
C GLU B 106 -9.24 45.45 -3.03
N LEU B 107 -9.12 44.23 -3.53
CA LEU B 107 -10.33 43.45 -3.82
C LEU B 107 -11.07 43.09 -2.54
N THR B 108 -10.33 42.81 -1.48
CA THR B 108 -10.93 42.54 -0.18
C THR B 108 -11.78 43.71 0.29
N ILE B 109 -11.27 44.93 0.14
CA ILE B 109 -12.06 46.13 0.45
C ILE B 109 -13.26 46.25 -0.48
N GLY B 110 -13.09 45.81 -1.74
CA GLY B 110 -14.23 45.78 -2.64
C GLY B 110 -15.31 44.82 -2.20
N LEU B 111 -14.92 43.60 -1.82
CA LEU B 111 -15.91 42.64 -1.34
C LEU B 111 -16.60 43.16 -0.08
N LEU B 112 -15.82 43.78 0.81
CA LEU B 112 -16.41 44.34 2.02
C LEU B 112 -17.47 45.39 1.70
N LEU B 113 -17.11 46.37 0.86
CA LEU B 113 -18.04 47.44 0.51
C LEU B 113 -19.24 46.91 -0.27
N GLY B 114 -18.99 46.12 -1.32
CA GLY B 114 -20.11 45.62 -2.11
C GLY B 114 -21.10 44.82 -1.29
N LEU B 115 -20.61 44.06 -0.29
CA LEU B 115 -21.47 43.20 0.51
C LEU B 115 -22.26 43.98 1.56
N THR B 116 -21.59 44.91 2.25
CA THR B 116 -22.27 45.65 3.31
C THR B 116 -23.26 46.68 2.76
N ARG B 117 -23.06 47.17 1.55
CA ARG B 117 -23.92 48.20 0.96
C ARG B 117 -24.98 47.64 0.02
N HIS B 118 -25.10 46.31 -0.09
CA HIS B 118 -26.10 45.65 -0.93
C HIS B 118 -25.97 46.08 -2.40
N MET B 119 -24.73 46.24 -2.85
CA MET B 119 -24.51 46.81 -4.17
C MET B 119 -24.89 45.86 -5.30
N LEU B 120 -24.81 44.56 -5.08
CA LEU B 120 -25.20 43.63 -6.13
C LEU B 120 -26.71 43.59 -6.30
N GLU B 121 -27.44 43.41 -5.20
CA GLU B 121 -28.89 43.56 -5.26
C GLU B 121 -29.26 44.94 -5.78
N GLY B 122 -28.50 45.99 -5.40
CA GLY B 122 -28.72 47.29 -6.00
C GLY B 122 -28.64 47.26 -7.52
N ASP B 123 -27.57 46.68 -8.05
CA ASP B 123 -27.40 46.64 -9.50
C ASP B 123 -28.53 45.86 -10.17
N ARG B 124 -28.92 44.71 -9.58
CA ARG B 124 -30.02 43.93 -10.14
C ARG B 124 -31.32 44.75 -10.20
N GLN B 125 -31.56 45.60 -9.19
CA GLN B 125 -32.77 46.42 -9.21
C GLN B 125 -32.73 47.46 -10.33
N ILE B 126 -31.59 48.12 -10.52
CA ILE B 126 -31.40 48.99 -11.69
C ILE B 126 -31.72 48.25 -12.99
N ARG B 127 -31.10 47.08 -13.20
CA ARG B 127 -31.24 46.39 -14.48
C ARG B 127 -32.65 45.93 -14.75
N SER B 128 -33.47 45.78 -13.70
CA SER B 128 -34.86 45.36 -13.82
C SER B 128 -35.73 46.35 -14.59
N GLY B 129 -35.25 47.58 -14.82
CA GLY B 129 -36.06 48.60 -15.45
C GLY B 129 -37.07 49.28 -14.55
N HIS B 130 -37.18 48.88 -13.28
CA HIS B 130 -38.22 49.39 -12.39
C HIS B 130 -37.75 50.54 -11.49
N PHE B 131 -36.51 51.02 -11.64
CA PHE B 131 -36.04 52.11 -10.77
C PHE B 131 -36.84 53.36 -11.04
N GLN B 132 -37.33 53.98 -9.96
CA GLN B 132 -38.12 55.19 -10.08
C GLN B 132 -37.68 56.26 -9.09
N GLY B 133 -36.47 56.18 -8.57
CA GLY B 133 -35.94 57.17 -7.67
C GLY B 133 -35.58 56.57 -6.32
N TRP B 134 -35.04 57.43 -5.45
CA TRP B 134 -34.71 57.02 -4.09
C TRP B 134 -35.89 56.32 -3.41
N ARG B 135 -35.60 55.23 -2.70
CA ARG B 135 -36.54 54.51 -1.84
C ARG B 135 -35.87 54.13 -0.53
N PRO B 136 -36.65 54.03 0.56
CA PRO B 136 -36.07 53.53 1.84
C PRO B 136 -35.90 52.01 1.83
N THR B 137 -35.01 51.54 0.96
CA THR B 137 -34.72 50.11 0.84
C THR B 137 -33.22 49.91 0.75
N LEU B 138 -32.81 48.65 0.95
CA LEU B 138 -31.41 48.24 0.84
C LEU B 138 -30.51 49.00 1.79
N TYR B 139 -31.02 49.32 2.96
CA TYR B 139 -30.21 49.92 4.00
C TYR B 139 -29.15 48.92 4.43
N GLY B 140 -27.89 49.33 4.37
CA GLY B 140 -26.81 48.46 4.71
C GLY B 140 -26.07 48.87 5.96
N SER B 141 -24.81 48.45 6.05
CA SER B 141 -23.95 48.73 7.18
C SER B 141 -22.79 49.57 6.67
N GLY B 142 -22.48 50.65 7.37
CA GLY B 142 -21.38 51.51 6.98
C GLY B 142 -20.07 51.09 7.61
N LEU B 143 -19.00 51.79 7.23
CA LEU B 143 -17.65 51.53 7.75
C LEU B 143 -17.28 52.45 8.92
N THR B 144 -17.53 53.75 8.79
CA THR B 144 -17.12 54.69 9.82
C THR B 144 -17.77 54.35 11.16
N GLY B 145 -16.99 54.46 12.22
CA GLY B 145 -17.42 54.06 13.55
C GLY B 145 -17.45 52.56 13.80
N LYS B 146 -17.39 51.73 12.75
CA LYS B 146 -17.49 50.30 12.99
C LYS B 146 -16.12 49.71 13.28
N THR B 147 -16.13 48.47 13.78
CA THR B 147 -14.91 47.78 14.15
C THR B 147 -14.67 46.62 13.19
N LEU B 148 -13.51 46.60 12.55
CA LEU B 148 -13.11 45.56 11.63
C LEU B 148 -11.88 44.85 12.16
N GLY B 149 -11.89 43.51 12.12
CA GLY B 149 -10.74 42.76 12.59
C GLY B 149 -9.97 42.05 11.50
N ILE B 150 -8.66 42.32 11.43
CA ILE B 150 -7.74 41.70 10.49
C ILE B 150 -7.06 40.53 11.21
N ARG B 151 -7.45 39.29 10.89
CA ARG B 151 -6.86 38.13 11.55
C ARG B 151 -5.55 37.79 10.86
N GLY B 152 -4.44 38.31 11.41
CA GLY B 152 -3.13 38.01 10.87
C GLY B 152 -2.58 39.21 10.15
N MET B 153 -1.35 39.62 10.47
CA MET B 153 -0.79 40.80 9.83
C MET B 153 0.37 40.45 8.92
N GLY B 154 0.14 39.55 7.97
CA GLY B 154 1.08 39.35 6.88
C GLY B 154 1.07 40.54 5.95
N ALA B 155 1.64 40.38 4.75
CA ALA B 155 1.74 41.51 3.84
C ALA B 155 0.37 42.00 3.38
N VAL B 156 -0.58 41.08 3.19
CA VAL B 156 -1.92 41.46 2.76
C VAL B 156 -2.64 42.19 3.89
N GLY B 157 -2.61 41.61 5.10
CA GLY B 157 -3.15 42.28 6.27
C GLY B 157 -2.61 43.69 6.44
N ARG B 158 -1.31 43.88 6.22
CA ARG B 158 -0.74 45.22 6.31
C ARG B 158 -1.30 46.12 5.23
N ALA B 159 -1.41 45.61 4.01
CA ALA B 159 -1.88 46.46 2.91
C ALA B 159 -3.33 46.89 3.12
N ILE B 160 -4.12 46.04 3.78
CA ILE B 160 -5.50 46.40 4.08
C ILE B 160 -5.55 47.50 5.13
N ALA B 161 -4.78 47.32 6.21
CA ALA B 161 -4.75 48.29 7.29
C ALA B 161 -4.31 49.66 6.79
N GLN B 162 -3.28 49.71 5.95
CA GLN B 162 -2.85 51.00 5.40
C GLN B 162 -3.96 51.65 4.60
N ARG B 163 -4.82 50.84 3.97
CA ARG B 163 -5.86 51.41 3.11
C ARG B 163 -7.10 51.76 3.89
N LEU B 164 -7.45 50.99 4.91
CA LEU B 164 -8.59 51.31 5.76
C LEU B 164 -8.28 52.37 6.82
N ALA B 165 -7.06 52.92 6.83
CA ALA B 165 -6.71 53.87 7.89
C ALA B 165 -7.47 55.18 7.75
N GLY B 166 -7.80 55.58 6.54
CA GLY B 166 -8.52 56.80 6.26
C GLY B 166 -10.03 56.74 6.39
N PHE B 167 -10.59 55.59 6.73
CA PHE B 167 -12.04 55.39 6.75
C PHE B 167 -12.67 55.67 8.11
N GLU B 168 -11.89 56.13 9.09
CA GLU B 168 -12.39 56.45 10.43
C GLU B 168 -13.12 55.26 11.05
N MET B 169 -12.52 54.09 10.97
CA MET B 169 -13.03 52.91 11.62
C MET B 169 -12.29 52.68 12.94
N ASN B 170 -12.72 51.63 13.65
CA ASN B 170 -11.96 51.11 14.78
C ASN B 170 -11.29 49.84 14.28
N LEU B 171 -9.98 49.90 14.04
CA LEU B 171 -9.26 48.82 13.38
C LEU B 171 -8.50 47.98 14.40
N LEU B 172 -8.81 46.69 14.43
CA LEU B 172 -8.12 45.76 15.30
C LEU B 172 -7.40 44.70 14.47
N TYR B 173 -6.37 44.09 15.07
CA TYR B 173 -5.67 42.98 14.45
C TYR B 173 -5.13 42.06 15.53
N CYS B 174 -4.98 40.79 15.17
CA CYS B 174 -4.28 39.84 16.01
C CYS B 174 -3.22 39.13 15.20
N ASP B 175 -2.08 38.87 15.83
CA ASP B 175 -0.98 38.13 15.22
C ASP B 175 0.01 37.74 16.31
N ARG B 176 0.68 36.59 16.11
CA ARG B 176 1.73 36.16 17.03
C ARG B 176 2.85 37.20 17.13
N ILE B 177 3.19 37.84 16.02
CA ILE B 177 4.20 38.89 15.98
C ILE B 177 3.50 40.22 15.75
N PRO B 178 3.80 41.26 16.53
CA PRO B 178 3.14 42.56 16.37
C PRO B 178 3.80 43.41 15.30
N LEU B 179 3.02 44.36 14.78
CA LEU B 179 3.58 45.42 13.96
C LEU B 179 4.50 46.31 14.79
N ASN B 180 5.33 47.09 14.09
CA ASN B 180 6.14 48.06 14.78
C ASN B 180 5.25 49.11 15.44
N ALA B 181 5.85 49.91 16.32
CA ALA B 181 5.10 50.99 16.95
C ALA B 181 4.72 52.06 15.94
N GLU B 182 5.61 52.37 14.99
CA GLU B 182 5.35 53.46 14.05
C GLU B 182 4.21 53.14 13.08
N GLN B 183 3.98 51.85 12.78
CA GLN B 183 2.90 51.46 11.87
C GLN B 183 1.55 51.42 12.59
N GLU B 184 1.54 50.97 13.85
CA GLU B 184 0.29 50.99 14.60
C GLU B 184 -0.25 52.40 14.76
N LYS B 185 0.64 53.39 14.94
CA LYS B 185 0.18 54.76 15.07
C LYS B 185 -0.28 55.32 13.74
N ALA B 186 0.44 55.03 12.65
CA ALA B 186 0.11 55.62 11.36
C ALA B 186 -1.12 54.99 10.73
N TRP B 187 -1.50 53.78 11.15
CA TRP B 187 -2.71 53.14 10.64
C TRP B 187 -3.81 53.07 11.68
N HIS B 188 -3.56 53.56 12.90
CA HIS B 188 -4.56 53.54 13.97
C HIS B 188 -5.14 52.16 14.17
N VAL B 189 -4.29 51.14 14.06
CA VAL B 189 -4.73 49.76 14.26
C VAL B 189 -4.18 49.27 15.58
N GLN B 190 -4.99 48.48 16.27
CA GLN B 190 -4.76 48.12 17.66
C GLN B 190 -4.63 46.60 17.78
N ARG B 191 -3.56 46.14 18.41
CA ARG B 191 -3.33 44.72 18.61
C ARG B 191 -4.15 44.19 19.77
N VAL B 192 -4.82 43.07 19.54
CA VAL B 192 -5.68 42.43 20.53
C VAL B 192 -5.48 40.93 20.37
N THR B 193 -6.07 40.14 21.28
CA THR B 193 -6.01 38.69 21.10
C THR B 193 -7.02 38.24 20.05
N LEU B 194 -6.99 36.94 19.78
CA LEU B 194 -7.85 36.36 18.75
C LEU B 194 -9.29 36.25 19.23
N ASP B 195 -9.51 35.84 20.48
CA ASP B 195 -10.86 35.77 20.98
C ASP B 195 -11.49 37.15 21.12
N GLU B 196 -10.70 38.17 21.46
CA GLU B 196 -11.23 39.53 21.54
C GLU B 196 -11.59 40.07 20.18
N LEU B 197 -10.74 39.81 19.17
CA LEU B 197 -11.00 40.27 17.82
C LEU B 197 -12.34 39.74 17.30
N LEU B 198 -12.56 38.43 17.44
CA LEU B 198 -13.83 37.84 17.04
C LEU B 198 -14.99 38.42 17.85
N GLU B 199 -14.71 38.80 19.10
CA GLU B 199 -15.77 39.21 20.02
C GLU B 199 -16.29 40.60 19.71
N LYS B 200 -15.41 41.52 19.32
CA LYS B 200 -15.76 42.92 19.18
C LYS B 200 -16.05 43.36 17.76
N CYS B 201 -15.76 42.55 16.75
CA CYS B 201 -15.71 43.02 15.37
C CYS B 201 -17.05 42.90 14.68
N ASP B 202 -17.43 43.97 13.99
CA ASP B 202 -18.55 43.89 13.05
C ASP B 202 -18.13 43.23 11.75
N TYR B 203 -16.86 43.37 11.38
CA TYR B 203 -16.31 42.82 10.14
C TYR B 203 -15.03 42.05 10.46
N VAL B 204 -14.99 40.77 10.09
CA VAL B 204 -13.83 39.92 10.35
C VAL B 204 -13.15 39.58 9.02
N VAL B 205 -11.89 39.94 8.89
CA VAL B 205 -11.16 39.80 7.64
C VAL B 205 -9.93 38.92 7.84
N PRO B 206 -10.01 37.61 7.63
CA PRO B 206 -8.82 36.75 7.80
C PRO B 206 -7.82 36.96 6.68
N ALA B 207 -6.62 37.37 7.05
CA ALA B 207 -5.47 37.33 6.15
C ALA B 207 -4.60 36.14 6.58
N VAL B 208 -3.45 35.99 5.94
CA VAL B 208 -2.56 34.93 6.38
C VAL B 208 -1.77 35.53 7.53
N PRO B 209 -1.75 34.90 8.70
CA PRO B 209 -0.90 35.38 9.78
C PRO B 209 0.56 35.19 9.43
N MET B 210 1.41 35.88 10.19
CA MET B 210 2.84 35.56 10.17
C MET B 210 2.93 34.26 10.97
N ALA B 211 4.10 33.65 10.94
CA ALA B 211 4.34 32.39 11.62
C ALA B 211 3.62 31.21 10.95
N ALA B 212 2.70 30.53 11.66
CA ALA B 212 2.24 29.20 11.28
C ALA B 212 0.72 29.07 11.50
N GLU B 213 0.31 27.86 11.86
CA GLU B 213 -0.94 27.50 12.55
C GLU B 213 -2.03 26.83 11.68
N THR B 214 -3.16 26.51 12.31
CA THR B 214 -3.97 25.35 11.97
C THR B 214 -4.85 25.58 10.75
N LEU B 215 -5.65 24.55 10.41
CA LEU B 215 -6.55 24.52 9.25
C LEU B 215 -8.00 24.78 9.69
N HIS B 216 -8.76 25.43 8.81
CA HIS B 216 -10.09 25.97 9.13
C HIS B 216 -9.99 26.95 10.31
N LEU B 217 -9.27 28.04 10.08
CA LEU B 217 -9.14 29.12 11.05
C LEU B 217 -10.48 29.73 11.45
N ILE B 218 -11.51 29.60 10.61
CA ILE B 218 -12.84 30.12 10.91
C ILE B 218 -13.81 28.95 10.79
N ASP B 219 -14.00 28.23 11.91
CA ASP B 219 -14.88 27.07 11.98
C ASP B 219 -16.14 27.44 12.78
N ALA B 220 -16.89 26.41 13.22
CA ALA B 220 -18.09 26.64 14.00
C ALA B 220 -17.77 27.31 15.34
N THR B 221 -16.64 26.94 15.95
CA THR B 221 -16.29 27.51 17.24
C THR B 221 -15.91 28.99 17.12
N ALA B 222 -15.19 29.35 16.06
CA ALA B 222 -14.84 30.74 15.83
C ALA B 222 -16.08 31.58 15.54
N LEU B 223 -17.04 31.03 14.79
CA LEU B 223 -18.25 31.78 14.44
C LEU B 223 -19.09 32.05 15.69
N ALA B 224 -19.14 31.10 16.63
CA ALA B 224 -19.96 31.25 17.82
C ALA B 224 -19.48 32.40 18.70
N LYS B 225 -18.16 32.65 18.74
CA LYS B 225 -17.58 33.77 19.46
C LYS B 225 -17.77 35.12 18.77
N MET B 226 -18.10 35.13 17.48
CA MET B 226 -18.21 36.40 16.77
C MET B 226 -19.49 37.13 17.13
N LYS B 227 -19.49 38.44 16.91
CA LYS B 227 -20.65 39.28 17.18
C LYS B 227 -21.81 38.91 16.27
N THR B 228 -23.02 38.91 16.83
CA THR B 228 -24.23 38.65 16.05
C THR B 228 -24.40 39.78 15.02
N GLY B 229 -24.77 39.40 13.80
CA GLY B 229 -24.88 40.37 12.71
C GLY B 229 -23.57 40.86 12.14
N SER B 230 -22.49 40.11 12.30
CA SER B 230 -21.20 40.49 11.74
C SER B 230 -21.09 40.01 10.30
N TYR B 231 -20.05 40.49 9.60
CA TYR B 231 -19.76 40.11 8.22
C TYR B 231 -18.36 39.52 8.13
N LEU B 232 -18.23 38.44 7.35
CA LEU B 232 -16.98 37.72 7.15
C LEU B 232 -16.53 37.85 5.70
N ILE B 233 -15.30 38.31 5.48
CA ILE B 233 -14.78 38.56 4.13
C ILE B 233 -13.50 37.75 3.95
N ASN B 234 -13.52 36.76 3.04
CA ASN B 234 -12.42 35.81 2.84
C ASN B 234 -11.85 35.90 1.41
N ALA B 235 -10.83 36.73 1.23
CA ALA B 235 -10.06 36.75 -0.01
C ALA B 235 -8.68 36.12 0.17
N CYS B 236 -8.50 35.32 1.22
CA CYS B 236 -7.19 34.78 1.58
C CYS B 236 -6.96 33.42 0.94
N ARG B 237 -7.54 32.36 1.51
CA ARG B 237 -7.37 31.01 1.00
C ARG B 237 -8.64 30.23 1.26
N GLY B 238 -8.93 29.29 0.35
CA GLY B 238 -10.10 28.47 0.51
C GLY B 238 -10.11 27.66 1.79
N SER B 239 -8.93 27.34 2.32
CA SER B 239 -8.88 26.51 3.54
C SER B 239 -9.23 27.28 4.80
N VAL B 240 -9.21 28.62 4.75
CA VAL B 240 -9.33 29.47 5.93
C VAL B 240 -10.73 29.40 6.54
N VAL B 241 -11.77 29.14 5.75
CA VAL B 241 -13.15 29.26 6.19
C VAL B 241 -13.86 27.93 5.99
N ASP B 242 -14.60 27.49 7.00
CA ASP B 242 -15.46 26.31 6.90
C ASP B 242 -16.80 26.75 6.31
N GLU B 243 -16.99 26.51 5.01
CA GLU B 243 -18.15 27.05 4.32
C GLU B 243 -19.45 26.51 4.91
N ASN B 244 -19.49 25.23 5.29
CA ASN B 244 -20.77 24.70 5.77
C ASN B 244 -21.18 25.34 7.08
N ALA B 245 -20.23 25.54 7.99
CA ALA B 245 -20.50 26.34 9.18
C ALA B 245 -20.93 27.77 8.81
N VAL B 246 -20.40 28.32 7.72
CA VAL B 246 -20.82 29.66 7.31
C VAL B 246 -22.28 29.64 6.87
N ILE B 247 -22.71 28.55 6.22
CA ILE B 247 -24.11 28.42 5.83
C ILE B 247 -25.00 28.43 7.07
N ALA B 248 -24.62 27.70 8.12
CA ALA B 248 -25.44 27.64 9.32
C ALA B 248 -25.43 28.96 10.07
N ALA B 249 -24.29 29.66 10.07
CA ALA B 249 -24.23 30.95 10.75
C ALA B 249 -25.04 32.01 10.02
N LEU B 250 -25.18 31.88 8.70
CA LEU B 250 -26.02 32.80 7.96
C LEU B 250 -27.50 32.51 8.22
N ALA B 251 -27.86 31.22 8.30
CA ALA B 251 -29.25 30.83 8.50
C ALA B 251 -29.78 31.24 9.87
N SER B 252 -28.92 31.22 10.89
CA SER B 252 -29.31 31.54 12.26
C SER B 252 -29.15 33.03 12.60
N GLY B 253 -28.60 33.83 11.69
CA GLY B 253 -28.44 35.24 11.94
C GLY B 253 -27.14 35.63 12.61
N LYS B 254 -26.32 34.64 12.99
CA LYS B 254 -24.99 34.94 13.50
C LYS B 254 -24.20 35.79 12.50
N LEU B 255 -24.18 35.36 11.25
CA LEU B 255 -23.56 36.13 10.19
C LEU B 255 -24.64 36.92 9.45
N ALA B 256 -24.35 38.20 9.19
CA ALA B 256 -25.17 39.00 8.28
C ALA B 256 -24.79 38.80 6.83
N GLY B 257 -23.55 38.42 6.54
CA GLY B 257 -23.11 38.23 5.17
C GLY B 257 -21.75 37.57 5.09
N TYR B 258 -21.48 37.01 3.92
CA TYR B 258 -20.22 36.35 3.59
C TYR B 258 -19.79 36.83 2.21
N ALA B 259 -18.55 37.32 2.11
CA ALA B 259 -17.93 37.59 0.81
C ALA B 259 -16.66 36.78 0.70
N ALA B 260 -16.41 36.22 -0.49
CA ALA B 260 -15.20 35.44 -0.69
C ALA B 260 -14.76 35.51 -2.14
N ASP B 261 -13.45 35.50 -2.32
CA ASP B 261 -12.79 35.36 -3.59
C ASP B 261 -12.20 33.96 -3.79
N VAL B 262 -12.25 33.12 -2.74
CA VAL B 262 -11.61 31.81 -2.73
C VAL B 262 -12.57 30.82 -2.07
N PHE B 263 -12.41 29.54 -2.40
CA PHE B 263 -13.40 28.54 -2.01
C PHE B 263 -12.71 27.24 -1.64
N GLU B 264 -13.38 26.48 -0.78
CA GLU B 264 -12.81 25.22 -0.31
C GLU B 264 -12.54 24.25 -1.46
N MET B 265 -13.32 24.32 -2.53
CA MET B 265 -13.11 23.43 -3.67
C MET B 265 -11.82 23.71 -4.42
N GLU B 266 -11.06 24.74 -4.08
CA GLU B 266 -9.81 25.04 -4.75
C GLU B 266 -8.60 24.36 -4.12
N GLU B 267 -8.76 23.68 -2.98
CA GLU B 267 -7.63 23.13 -2.24
C GLU B 267 -7.36 21.72 -2.75
N TRP B 268 -6.40 21.61 -3.68
CA TRP B 268 -5.97 20.29 -4.18
C TRP B 268 -4.92 19.64 -3.26
N ILE B 269 -4.85 20.10 -2.01
CA ILE B 269 -4.01 19.48 -1.00
C ILE B 269 -4.83 18.69 0.02
N ARG B 270 -6.09 19.07 0.26
CA ARG B 270 -6.98 18.35 1.18
C ARG B 270 -7.70 17.21 0.47
N ALA B 271 -7.78 16.06 1.15
CA ALA B 271 -8.54 14.92 0.64
C ALA B 271 -10.04 15.08 0.93
N ASP B 272 -10.40 15.46 2.15
CA ASP B 272 -11.79 15.83 2.50
C ASP B 272 -12.10 17.15 1.79
N ARG B 273 -12.37 17.05 0.48
CA ARG B 273 -12.39 18.21 -0.39
C ARG B 273 -13.69 18.28 -1.18
N PRO B 274 -14.36 19.44 -1.21
CA PRO B 274 -15.58 19.58 -2.01
C PRO B 274 -15.27 19.78 -3.49
N GLN B 275 -16.26 19.47 -4.32
CA GLN B 275 -16.11 19.57 -5.77
C GLN B 275 -16.84 20.77 -6.37
N ALA B 276 -17.66 21.45 -5.60
CA ALA B 276 -18.35 22.65 -6.06
C ALA B 276 -18.54 23.59 -4.89
N ILE B 277 -18.92 24.83 -5.21
CA ILE B 277 -19.34 25.77 -4.16
C ILE B 277 -20.74 25.38 -3.71
N PRO B 278 -20.96 25.20 -2.40
CA PRO B 278 -22.28 24.73 -1.92
C PRO B 278 -23.42 25.57 -2.50
N LYS B 279 -24.47 24.90 -2.97
CA LYS B 279 -25.55 25.63 -3.61
C LYS B 279 -26.32 26.54 -2.65
N ALA B 280 -26.31 26.24 -1.34
CA ALA B 280 -26.95 27.13 -0.38
C ALA B 280 -26.25 28.49 -0.33
N LEU B 281 -24.93 28.50 -0.49
CA LEU B 281 -24.22 29.77 -0.64
C LEU B 281 -24.54 30.40 -1.99
N LEU B 282 -24.52 29.61 -3.06
CA LEU B 282 -24.78 30.13 -4.40
C LEU B 282 -26.15 30.77 -4.50
N ASP B 283 -27.16 30.15 -3.90
CA ASP B 283 -28.52 30.67 -3.96
C ASP B 283 -28.68 31.96 -3.17
N ASN B 284 -27.92 32.13 -2.08
CA ASN B 284 -28.15 33.24 -1.15
C ASN B 284 -27.54 34.53 -1.70
N THR B 285 -28.16 35.06 -2.76
CA THR B 285 -27.66 36.28 -3.36
C THR B 285 -27.87 37.49 -2.46
N ALA B 286 -28.83 37.43 -1.55
CA ALA B 286 -29.10 38.57 -0.69
C ALA B 286 -27.97 38.83 0.32
N GLN B 287 -27.20 37.81 0.69
CA GLN B 287 -26.26 37.90 1.80
C GLN B 287 -24.84 37.47 1.44
N THR B 288 -24.54 37.22 0.17
CA THR B 288 -23.21 36.79 -0.23
C THR B 288 -22.75 37.61 -1.43
N PHE B 289 -21.43 37.78 -1.53
CA PHE B 289 -20.80 38.47 -2.64
C PHE B 289 -19.56 37.65 -2.99
N PHE B 290 -19.52 37.07 -4.18
CA PHE B 290 -18.44 36.16 -4.56
C PHE B 290 -17.72 36.63 -5.83
N THR B 291 -16.42 36.35 -5.91
CA THR B 291 -15.67 36.56 -7.15
C THR B 291 -14.82 35.33 -7.43
N PRO B 292 -14.53 35.05 -8.70
CA PRO B 292 -13.81 33.80 -9.08
C PRO B 292 -12.29 33.92 -9.07
N HIS B 293 -11.74 34.08 -7.86
CA HIS B 293 -10.29 34.16 -7.65
C HIS B 293 -9.68 35.29 -8.49
N LEU B 294 -10.29 36.48 -8.37
CA LEU B 294 -9.85 37.68 -9.05
C LEU B 294 -8.84 38.47 -8.25
N GLY B 295 -8.36 37.90 -7.13
CA GLY B 295 -7.48 38.63 -6.22
C GLY B 295 -6.37 39.39 -6.93
N SER B 296 -5.75 38.75 -7.91
CA SER B 296 -4.67 39.43 -8.62
C SER B 296 -5.02 39.68 -10.09
N ALA B 297 -6.30 39.75 -10.42
CA ALA B 297 -6.73 39.96 -11.80
C ALA B 297 -6.71 41.44 -12.18
N VAL B 298 -5.50 42.02 -12.13
CA VAL B 298 -5.25 43.38 -12.61
C VAL B 298 -4.15 43.32 -13.65
N LYS B 299 -4.39 43.98 -14.78
CA LYS B 299 -3.57 43.80 -15.97
C LYS B 299 -2.09 43.93 -15.67
N GLU B 300 -1.71 45.00 -14.97
CA GLU B 300 -0.30 45.29 -14.77
C GLU B 300 0.38 44.21 -13.93
N VAL B 301 -0.37 43.53 -13.07
CA VAL B 301 0.23 42.50 -12.23
C VAL B 301 0.30 41.17 -12.98
N ARG B 302 -0.73 40.85 -13.78
CA ARG B 302 -0.66 39.63 -14.60
C ARG B 302 0.49 39.72 -15.58
N LEU B 303 0.65 40.89 -16.22
CA LEU B 303 1.76 41.09 -17.16
C LEU B 303 3.10 40.83 -16.49
N GLU B 304 3.30 41.40 -15.30
CA GLU B 304 4.58 41.23 -14.61
C GLU B 304 4.81 39.77 -14.21
N ILE B 305 3.76 39.05 -13.78
CA ILE B 305 3.92 37.64 -13.45
C ILE B 305 4.29 36.84 -14.69
N GLU B 306 3.68 37.18 -15.83
CA GLU B 306 3.96 36.49 -17.09
C GLU B 306 5.38 36.79 -17.57
N ARG B 307 5.84 38.04 -17.41
CA ARG B 307 7.17 38.42 -17.87
C ARG B 307 8.27 37.73 -17.06
N GLN B 308 8.09 37.66 -15.74
CA GLN B 308 9.06 36.95 -14.91
C GLN B 308 9.11 35.46 -15.22
N ALA B 309 7.95 34.83 -15.48
CA ALA B 309 7.99 33.42 -15.86
C ALA B 309 8.70 33.25 -17.22
N ALA B 310 8.41 34.15 -18.17
CA ALA B 310 9.06 34.10 -19.48
C ALA B 310 10.57 34.36 -19.38
N MET B 311 10.98 35.32 -18.55
CA MET B 311 12.40 35.56 -18.38
C MET B 311 13.11 34.34 -17.81
N ASN B 312 12.48 33.66 -16.85
CA ASN B 312 13.09 32.44 -16.31
C ASN B 312 13.28 31.40 -17.40
N ILE B 313 12.26 31.21 -18.24
CA ILE B 313 12.36 30.25 -19.33
C ILE B 313 13.48 30.65 -20.30
N ILE B 314 13.56 31.93 -20.66
CA ILE B 314 14.58 32.39 -21.59
C ILE B 314 15.97 32.16 -21.00
N GLN B 315 16.15 32.54 -19.73
CA GLN B 315 17.42 32.28 -19.05
C GLN B 315 17.80 30.80 -19.13
N ALA B 316 16.89 29.92 -18.70
CA ALA B 316 17.23 28.50 -18.63
C ALA B 316 17.57 27.94 -20.01
N LEU B 317 16.84 28.35 -21.04
CA LEU B 317 17.14 27.87 -22.39
C LEU B 317 18.50 28.32 -22.87
N ALA B 318 18.94 29.52 -22.46
CA ALA B 318 20.23 30.06 -22.84
C ALA B 318 21.40 29.39 -22.12
N GLY B 319 21.14 28.55 -21.13
CA GLY B 319 22.20 27.88 -20.40
C GLY B 319 22.48 28.40 -19.02
N GLU B 320 21.77 29.43 -18.57
CA GLU B 320 22.02 30.02 -17.26
C GLU B 320 21.21 29.33 -16.17
N LYS B 321 21.59 29.60 -14.92
CA LYS B 321 20.69 29.38 -13.80
C LYS B 321 19.59 30.44 -13.86
N PRO B 322 18.33 30.06 -14.00
CA PRO B 322 17.25 31.05 -14.00
C PRO B 322 17.05 31.68 -12.63
N MET B 323 16.67 32.97 -12.64
CA MET B 323 16.61 33.77 -11.40
C MET B 323 15.63 33.20 -10.38
N GLY B 324 14.57 32.53 -10.82
CA GLY B 324 13.57 31.99 -9.91
C GLY B 324 13.68 30.51 -9.65
N ALA B 325 14.78 29.88 -10.02
CA ALA B 325 14.97 28.46 -9.79
C ALA B 325 14.75 28.14 -8.31
N ILE B 326 14.03 27.05 -8.08
CA ILE B 326 13.93 26.48 -6.76
C ILE B 326 14.55 25.11 -6.69
N ASN B 327 15.21 24.68 -7.75
CA ASN B 327 15.92 23.43 -7.74
C ASN B 327 17.22 23.61 -8.51
N GLN B 328 17.99 22.54 -8.57
CA GLN B 328 19.20 22.48 -9.37
C GLN B 328 19.19 21.12 -10.06
N PRO B 329 18.89 21.05 -11.35
CA PRO B 329 18.85 19.76 -12.03
C PRO B 329 20.14 19.43 -12.79
N TYR B 330 20.44 18.14 -12.86
CA TYR B 330 21.25 17.53 -13.92
C TYR B 330 21.33 16.03 -13.62
N MET C 1 -33.55 -28.51 7.74
CA MET C 1 -33.73 -29.32 6.53
C MET C 1 -32.51 -29.19 5.63
N LYS C 2 -31.93 -30.34 5.30
CA LYS C 2 -30.58 -30.36 4.73
C LYS C 2 -30.57 -29.82 3.31
N PRO C 3 -29.60 -28.98 2.97
CA PRO C 3 -29.43 -28.58 1.56
C PRO C 3 -29.07 -29.79 0.70
N LYS C 4 -29.27 -29.63 -0.61
CA LYS C 4 -29.00 -30.66 -1.59
C LYS C 4 -27.77 -30.29 -2.41
N VAL C 5 -26.88 -31.26 -2.63
CA VAL C 5 -25.69 -31.08 -3.48
C VAL C 5 -25.73 -32.13 -4.59
N VAL C 6 -25.61 -31.66 -5.83
CA VAL C 6 -25.56 -32.53 -7.00
C VAL C 6 -24.11 -32.66 -7.44
N LEU C 7 -23.66 -33.89 -7.67
CA LEU C 7 -22.34 -34.18 -8.21
C LEU C 7 -22.55 -34.67 -9.63
N THR C 8 -22.02 -33.93 -10.62
CA THR C 8 -22.27 -34.33 -12.01
C THR C 8 -21.47 -35.55 -12.43
N HIS C 9 -20.33 -35.81 -11.79
CA HIS C 9 -19.53 -36.98 -12.15
C HIS C 9 -19.26 -37.83 -10.92
N TRP C 10 -18.84 -39.07 -11.18
CA TRP C 10 -18.55 -40.04 -10.13
C TRP C 10 -17.45 -39.51 -9.22
N VAL C 11 -17.64 -39.72 -7.91
CA VAL C 11 -16.62 -39.38 -6.93
C VAL C 11 -16.42 -40.58 -6.00
N HIS C 12 -15.26 -40.61 -5.34
CA HIS C 12 -14.99 -41.70 -4.41
C HIS C 12 -16.02 -41.72 -3.28
N PRO C 13 -16.34 -42.91 -2.76
CA PRO C 13 -17.40 -42.97 -1.73
C PRO C 13 -17.10 -42.19 -0.46
N GLU C 14 -15.83 -42.02 -0.09
CA GLU C 14 -15.48 -41.22 1.09
C GLU C 14 -15.99 -39.78 0.94
N ILE C 15 -15.86 -39.21 -0.26
CA ILE C 15 -16.27 -37.83 -0.50
C ILE C 15 -17.78 -37.67 -0.32
N ILE C 16 -18.54 -38.68 -0.75
CA ILE C 16 -19.99 -38.66 -0.57
C ILE C 16 -20.34 -38.65 0.92
N GLU C 17 -19.71 -39.54 1.70
CA GLU C 17 -19.97 -39.57 3.14
C GLU C 17 -19.52 -38.28 3.83
N LEU C 18 -18.41 -37.70 3.37
CA LEU C 18 -17.98 -36.41 3.90
C LEU C 18 -19.04 -35.34 3.67
N LEU C 19 -19.63 -35.30 2.48
CA LEU C 19 -20.64 -34.28 2.19
C LEU C 19 -21.95 -34.54 2.93
N SER C 20 -22.28 -35.81 3.16
CA SER C 20 -23.58 -36.18 3.73
C SER C 20 -23.79 -35.60 5.10
N ALA C 21 -22.72 -35.26 5.82
CA ALA C 21 -22.89 -34.73 7.16
C ALA C 21 -23.74 -33.48 7.16
N SER C 22 -23.53 -32.59 6.17
CA SER C 22 -24.22 -31.31 6.12
C SER C 22 -25.11 -31.14 4.89
N ALA C 23 -25.20 -32.15 4.03
CA ALA C 23 -26.02 -32.03 2.82
C ALA C 23 -26.53 -33.41 2.43
N ASP C 24 -27.62 -33.40 1.63
CA ASP C 24 -28.12 -34.60 0.97
C ASP C 24 -27.49 -34.66 -0.42
N VAL C 25 -26.79 -35.75 -0.72
CA VAL C 25 -25.95 -35.86 -1.91
C VAL C 25 -26.72 -36.55 -3.02
N ILE C 26 -26.78 -35.93 -4.19
CA ILE C 26 -27.33 -36.55 -5.39
C ILE C 26 -26.14 -36.91 -6.27
N PRO C 27 -25.64 -38.15 -6.20
CA PRO C 27 -24.44 -38.50 -6.92
C PRO C 27 -24.71 -38.98 -8.33
N ASN C 28 -23.64 -39.00 -9.14
CA ASN C 28 -23.64 -39.71 -10.41
C ASN C 28 -23.02 -41.07 -10.14
N THR C 29 -23.86 -42.11 -10.08
CA THR C 29 -23.41 -43.45 -9.74
C THR C 29 -22.70 -44.14 -10.89
N THR C 30 -22.74 -43.58 -12.09
CA THR C 30 -22.06 -44.13 -13.26
C THR C 30 -20.74 -43.40 -13.49
N ARG C 31 -19.90 -44.01 -14.31
CA ARG C 31 -18.68 -43.39 -14.80
C ARG C 31 -18.90 -42.60 -16.08
N GLU C 32 -20.13 -42.26 -16.43
CA GLU C 32 -20.39 -41.50 -17.65
C GLU C 32 -20.74 -40.04 -17.34
N THR C 33 -20.53 -39.21 -18.35
CA THR C 33 -21.02 -37.83 -18.34
C THR C 33 -22.52 -37.85 -18.63
N LEU C 34 -23.29 -37.22 -17.76
CA LEU C 34 -24.71 -37.12 -18.01
C LEU C 34 -24.99 -35.98 -19.00
N PRO C 35 -26.02 -36.11 -19.82
CA PRO C 35 -26.40 -34.99 -20.70
C PRO C 35 -26.69 -33.75 -19.85
N ARG C 36 -26.38 -32.61 -20.44
CA ARG C 36 -26.63 -31.34 -19.76
C ARG C 36 -28.05 -31.24 -19.27
N SER C 37 -29.01 -31.78 -20.05
CA SER C 37 -30.41 -31.71 -19.66
C SER C 37 -30.67 -32.46 -18.35
N GLU C 38 -30.02 -33.61 -18.17
CA GLU C 38 -30.18 -34.37 -16.94
C GLU C 38 -29.45 -33.70 -15.78
N VAL C 39 -28.27 -33.12 -16.03
CA VAL C 39 -27.58 -32.34 -15.00
C VAL C 39 -28.47 -31.20 -14.52
N ILE C 40 -29.02 -30.44 -15.47
CA ILE C 40 -29.87 -29.30 -15.11
C ILE C 40 -31.07 -29.77 -14.32
N ALA C 41 -31.66 -30.91 -14.71
CA ALA C 41 -32.86 -31.40 -14.03
C ALA C 41 -32.56 -31.76 -12.58
N ARG C 42 -31.41 -32.40 -12.34
CA ARG C 42 -31.01 -32.73 -10.97
C ARG C 42 -30.70 -31.47 -10.17
N ALA C 43 -30.10 -30.47 -10.82
CA ALA C 43 -29.61 -29.33 -10.07
C ALA C 43 -30.67 -28.25 -9.87
N LYS C 44 -31.85 -28.40 -10.48
CA LYS C 44 -32.87 -27.35 -10.49
C LYS C 44 -33.19 -26.86 -9.07
N ASP C 45 -33.42 -27.78 -8.12
CA ASP C 45 -33.67 -27.38 -6.73
C ASP C 45 -32.47 -27.68 -5.82
N ALA C 46 -31.25 -27.69 -6.36
CA ALA C 46 -30.07 -27.96 -5.55
C ALA C 46 -29.52 -26.67 -4.92
N ASP C 47 -28.98 -26.81 -3.72
CA ASP C 47 -28.26 -25.69 -3.11
C ASP C 47 -26.81 -25.62 -3.54
N ALA C 48 -26.26 -26.72 -4.05
CA ALA C 48 -24.84 -26.79 -4.34
C ALA C 48 -24.61 -27.72 -5.53
N LEU C 49 -23.56 -27.43 -6.27
CA LEU C 49 -23.19 -28.26 -7.39
C LEU C 49 -21.69 -28.50 -7.38
N MET C 50 -21.26 -29.76 -7.60
CA MET C 50 -19.85 -30.04 -7.85
C MET C 50 -19.67 -30.23 -9.36
N ALA C 51 -18.97 -29.29 -9.98
CA ALA C 51 -18.81 -29.26 -11.42
C ALA C 51 -17.49 -29.88 -11.83
N PHE C 52 -17.49 -30.47 -13.00
CA PHE C 52 -16.32 -31.07 -13.63
C PHE C 52 -16.14 -30.45 -15.02
N MET C 53 -15.15 -30.94 -15.76
CA MET C 53 -14.77 -30.30 -17.02
C MET C 53 -15.90 -30.25 -18.05
N PRO C 54 -16.75 -31.27 -18.21
CA PRO C 54 -17.89 -31.14 -19.15
C PRO C 54 -18.94 -30.11 -18.75
N ASP C 55 -18.94 -29.58 -17.54
CA ASP C 55 -20.03 -28.69 -17.16
C ASP C 55 -19.76 -27.27 -17.65
N SER C 56 -20.81 -26.64 -18.16
CA SER C 56 -20.71 -25.33 -18.80
C SER C 56 -21.68 -24.42 -18.06
N ILE C 57 -21.17 -23.63 -17.11
CA ILE C 57 -22.04 -22.92 -16.17
C ILE C 57 -22.23 -21.50 -16.71
N ASP C 58 -23.27 -21.35 -17.52
CA ASP C 58 -23.62 -20.07 -18.11
C ASP C 58 -24.87 -19.51 -17.44
N SER C 59 -25.28 -18.33 -17.92
CA SER C 59 -26.47 -17.67 -17.40
C SER C 59 -27.69 -18.56 -17.49
N ALA C 60 -27.82 -19.31 -18.59
CA ALA C 60 -28.97 -20.19 -18.75
C ALA C 60 -28.99 -21.26 -17.66
N PHE C 61 -27.82 -21.84 -17.37
CA PHE C 61 -27.71 -22.84 -16.30
C PHE C 61 -28.12 -22.25 -14.96
N LEU C 62 -27.55 -21.09 -14.61
CA LEU C 62 -27.87 -20.50 -13.31
C LEU C 62 -29.34 -20.12 -13.23
N GLU C 63 -29.93 -19.62 -14.32
CA GLU C 63 -31.35 -19.28 -14.29
C GLU C 63 -32.22 -20.53 -14.13
N GLU C 64 -31.74 -21.69 -14.60
CA GLU C 64 -32.51 -22.92 -14.37
C GLU C 64 -32.44 -23.42 -12.92
N CYS C 65 -31.42 -23.00 -12.15
CA CYS C 65 -31.20 -23.46 -10.78
C CYS C 65 -31.16 -22.27 -9.83
N PRO C 66 -32.31 -21.75 -9.43
CA PRO C 66 -32.32 -20.50 -8.63
C PRO C 66 -31.87 -20.67 -7.19
N LYS C 67 -31.93 -21.88 -6.61
CA LYS C 67 -31.53 -22.08 -5.21
C LYS C 67 -30.02 -22.31 -5.01
N LEU C 68 -29.24 -22.29 -6.08
CA LEU C 68 -27.81 -22.60 -6.00
C LEU C 68 -27.07 -21.54 -5.19
N ARG C 69 -26.30 -21.97 -4.18
CA ARG C 69 -25.46 -21.03 -3.45
C ARG C 69 -23.98 -21.21 -3.71
N VAL C 70 -23.56 -22.38 -4.17
CA VAL C 70 -22.14 -22.57 -4.43
C VAL C 70 -21.97 -23.59 -5.55
N ILE C 71 -21.03 -23.31 -6.44
CA ILE C 71 -20.53 -24.26 -7.41
C ILE C 71 -19.10 -24.61 -7.01
N GLY C 72 -18.90 -25.82 -6.52
CA GLY C 72 -17.57 -26.32 -6.24
C GLY C 72 -16.97 -27.01 -7.45
N ALA C 73 -16.08 -26.34 -8.16
CA ALA C 73 -15.51 -26.95 -9.36
C ALA C 73 -14.32 -27.80 -8.94
N ALA C 74 -14.39 -29.09 -9.25
CA ALA C 74 -13.26 -29.98 -9.08
C ALA C 74 -12.33 -29.75 -10.27
N LEU C 75 -11.91 -28.50 -10.45
CA LEU C 75 -11.10 -28.07 -11.59
C LEU C 75 -10.19 -26.95 -11.14
N LYS C 76 -9.07 -26.80 -11.83
CA LYS C 76 -8.12 -25.73 -11.53
C LYS C 76 -8.38 -24.45 -12.32
N GLY C 77 -9.19 -24.51 -13.37
CA GLY C 77 -9.53 -23.37 -14.18
C GLY C 77 -11.03 -23.13 -14.22
N TYR C 78 -11.42 -22.06 -14.94
CA TYR C 78 -12.81 -21.64 -14.96
C TYR C 78 -13.24 -21.18 -16.35
N ASP C 79 -12.58 -21.69 -17.39
CA ASP C 79 -12.93 -21.32 -18.77
C ASP C 79 -14.39 -21.61 -19.09
N ASN C 80 -14.97 -22.64 -18.47
CA ASN C 80 -16.34 -23.06 -18.73
C ASN C 80 -17.35 -22.43 -17.77
N PHE C 81 -16.95 -21.45 -16.97
CA PHE C 81 -17.86 -20.78 -16.05
C PHE C 81 -17.98 -19.30 -16.42
N ASP C 82 -19.20 -18.80 -16.38
CA ASP C 82 -19.43 -17.35 -16.44
C ASP C 82 -19.30 -16.84 -15.01
N VAL C 83 -18.10 -16.37 -14.68
CA VAL C 83 -17.80 -15.96 -13.31
C VAL C 83 -18.72 -14.82 -12.89
N ASN C 84 -18.87 -13.81 -13.75
CA ASN C 84 -19.68 -12.65 -13.40
C ASN C 84 -21.14 -13.04 -13.23
N ALA C 85 -21.65 -13.91 -14.10
CA ALA C 85 -23.03 -14.34 -13.92
C ALA C 85 -23.22 -15.04 -12.58
N CYS C 86 -22.28 -15.91 -12.18
CA CYS C 86 -22.38 -16.53 -10.85
C CYS C 86 -22.44 -15.47 -9.76
N THR C 87 -21.56 -14.47 -9.87
CA THR C 87 -21.55 -13.39 -8.89
C THR C 87 -22.90 -12.70 -8.83
N ARG C 88 -23.42 -12.30 -9.99
CA ARG C 88 -24.69 -11.59 -10.04
C ARG C 88 -25.84 -12.46 -9.51
N HIS C 89 -25.74 -13.78 -9.64
CA HIS C 89 -26.79 -14.66 -9.15
C HIS C 89 -26.59 -15.07 -7.70
N GLY C 90 -25.56 -14.55 -7.04
CA GLY C 90 -25.31 -14.88 -5.64
C GLY C 90 -24.82 -16.30 -5.41
N VAL C 91 -23.93 -16.78 -6.28
CA VAL C 91 -23.44 -18.15 -6.21
C VAL C 91 -21.94 -18.08 -6.08
N TRP C 92 -21.40 -18.61 -4.98
CA TRP C 92 -19.95 -18.79 -4.87
C TRP C 92 -19.48 -19.70 -5.98
N LEU C 93 -18.40 -19.30 -6.64
CA LEU C 93 -17.74 -20.14 -7.63
C LEU C 93 -16.34 -20.43 -7.12
N THR C 94 -16.00 -21.72 -6.98
CA THR C 94 -14.72 -22.09 -6.40
C THR C 94 -13.96 -23.07 -7.30
N ILE C 95 -12.64 -22.99 -7.24
CA ILE C 95 -11.77 -23.91 -7.96
C ILE C 95 -10.86 -24.61 -6.96
N VAL C 96 -10.08 -25.57 -7.44
CA VAL C 96 -9.10 -26.28 -6.61
C VAL C 96 -7.72 -25.93 -7.16
N PRO C 97 -6.67 -26.05 -6.34
CA PRO C 97 -5.31 -25.83 -6.85
C PRO C 97 -4.93 -26.84 -7.92
N ASP C 98 -3.91 -26.48 -8.70
CA ASP C 98 -3.38 -27.35 -9.75
C ASP C 98 -2.69 -28.55 -9.13
N LEU C 99 -3.28 -29.73 -9.30
CA LEU C 99 -2.72 -30.99 -8.81
C LEU C 99 -2.36 -31.95 -9.95
N LEU C 100 -2.53 -31.52 -11.20
CA LEU C 100 -2.37 -32.37 -12.38
C LEU C 100 -0.92 -32.46 -12.90
N THR C 101 0.01 -31.69 -12.33
CA THR C 101 1.30 -31.50 -12.98
C THR C 101 2.15 -32.76 -12.91
N ILE C 102 2.28 -33.35 -11.72
CA ILE C 102 3.19 -34.49 -11.56
C ILE C 102 2.63 -35.71 -12.28
N PRO C 103 1.35 -36.08 -12.10
CA PRO C 103 0.86 -37.27 -12.82
C PRO C 103 0.88 -37.12 -14.33
N THR C 104 0.75 -35.90 -14.84
CA THR C 104 0.86 -35.67 -16.27
C THR C 104 2.29 -35.87 -16.77
N ALA C 105 3.28 -35.46 -15.97
CA ALA C 105 4.68 -35.70 -16.29
C ALA C 105 4.98 -37.18 -16.31
N GLU C 106 4.59 -37.89 -15.25
CA GLU C 106 4.76 -39.35 -15.20
C GLU C 106 4.13 -40.02 -16.41
N LEU C 107 2.90 -39.64 -16.77
CA LEU C 107 2.25 -40.26 -17.92
C LEU C 107 3.00 -39.94 -19.19
N THR C 108 3.50 -38.70 -19.32
CA THR C 108 4.21 -38.30 -20.52
C THR C 108 5.43 -39.18 -20.75
N ILE C 109 6.17 -39.45 -19.68
CA ILE C 109 7.33 -40.33 -19.75
C ILE C 109 6.90 -41.76 -20.07
N GLY C 110 5.79 -42.22 -19.47
CA GLY C 110 5.24 -43.52 -19.84
C GLY C 110 4.92 -43.64 -21.32
N LEU C 111 4.30 -42.59 -21.88
CA LEU C 111 4.01 -42.61 -23.31
C LEU C 111 5.29 -42.68 -24.13
N LEU C 112 6.31 -41.92 -23.74
CA LEU C 112 7.59 -41.91 -24.45
C LEU C 112 8.25 -43.28 -24.44
N LEU C 113 8.33 -43.91 -23.26
CA LEU C 113 8.95 -45.22 -23.15
C LEU C 113 8.12 -46.29 -23.87
N GLY C 114 6.80 -46.25 -23.74
CA GLY C 114 5.97 -47.23 -24.43
C GLY C 114 6.06 -47.12 -25.95
N LEU C 115 6.12 -45.89 -26.46
CA LEU C 115 6.19 -45.69 -27.91
C LEU C 115 7.55 -46.11 -28.46
N THR C 116 8.64 -45.54 -27.93
CA THR C 116 9.97 -45.82 -28.44
C THR C 116 10.39 -47.29 -28.30
N ARG C 117 9.79 -48.05 -27.38
CA ARG C 117 10.20 -49.43 -27.13
C ARG C 117 9.18 -50.45 -27.63
N HIS C 118 8.15 -50.01 -28.35
CA HIS C 118 7.18 -50.89 -29.00
C HIS C 118 6.50 -51.79 -27.98
N MET C 119 6.25 -51.24 -26.80
CA MET C 119 5.78 -52.09 -25.71
C MET C 119 4.36 -52.58 -25.96
N LEU C 120 3.54 -51.83 -26.70
CA LEU C 120 2.18 -52.28 -26.95
C LEU C 120 2.12 -53.41 -27.97
N GLU C 121 2.81 -53.27 -29.10
CA GLU C 121 2.95 -54.40 -30.00
C GLU C 121 3.58 -55.58 -29.27
N GLY C 122 4.54 -55.30 -28.38
CA GLY C 122 5.17 -56.36 -27.62
C GLY C 122 4.18 -57.12 -26.76
N ASP C 123 3.31 -56.40 -26.07
CA ASP C 123 2.29 -57.07 -25.28
C ASP C 123 1.32 -57.84 -26.16
N ARG C 124 1.01 -57.31 -27.35
CA ARG C 124 0.19 -58.06 -28.31
C ARG C 124 0.84 -59.37 -28.69
N GLN C 125 2.16 -59.37 -28.90
CA GLN C 125 2.84 -60.63 -29.22
C GLN C 125 2.77 -61.61 -28.07
N ILE C 126 2.84 -61.12 -26.83
CA ILE C 126 2.70 -62.03 -25.70
C ILE C 126 1.30 -62.64 -25.66
N ARG C 127 0.26 -61.79 -25.76
CA ARG C 127 -1.11 -62.28 -25.67
C ARG C 127 -1.46 -63.28 -26.77
N SER C 128 -0.73 -63.26 -27.90
CA SER C 128 -1.08 -64.17 -28.99
C SER C 128 -0.78 -65.63 -28.66
N GLY C 129 -0.06 -65.90 -27.57
CA GLY C 129 0.34 -67.25 -27.26
C GLY C 129 1.53 -67.77 -28.03
N HIS C 130 2.11 -66.96 -28.92
CA HIS C 130 3.18 -67.42 -29.81
C HIS C 130 4.60 -67.13 -29.30
N PHE C 131 4.75 -66.66 -28.07
CA PHE C 131 6.08 -66.33 -27.57
C PHE C 131 6.89 -67.60 -27.31
N GLN C 132 8.09 -67.66 -27.90
CA GLN C 132 8.98 -68.81 -27.71
C GLN C 132 10.39 -68.38 -27.34
N GLY C 133 10.55 -67.16 -26.81
CA GLY C 133 11.85 -66.61 -26.46
C GLY C 133 12.19 -65.41 -27.33
N TRP C 134 13.38 -64.88 -27.07
CA TRP C 134 13.88 -63.69 -27.74
C TRP C 134 13.84 -63.85 -29.26
N ARG C 135 13.55 -62.75 -29.96
CA ARG C 135 13.65 -62.69 -31.42
C ARG C 135 14.23 -61.33 -31.81
N PRO C 136 14.92 -61.25 -32.96
CA PRO C 136 15.45 -59.96 -33.40
C PRO C 136 14.33 -59.11 -33.97
N THR C 137 13.40 -58.72 -33.10
CA THR C 137 12.18 -58.02 -33.50
C THR C 137 11.89 -56.90 -32.51
N LEU C 138 11.11 -55.92 -32.97
CA LEU C 138 10.71 -54.77 -32.14
C LEU C 138 11.93 -54.02 -31.61
N TYR C 139 12.97 -53.95 -32.43
CA TYR C 139 14.10 -53.10 -32.11
C TYR C 139 13.63 -51.65 -32.04
N GLY C 140 13.94 -50.97 -30.94
CA GLY C 140 13.45 -49.64 -30.71
C GLY C 140 14.58 -48.63 -30.61
N SER C 141 14.21 -47.46 -30.10
CA SER C 141 15.14 -46.37 -29.92
C SER C 141 15.30 -46.15 -28.44
N GLY C 142 16.54 -46.04 -27.98
CA GLY C 142 16.79 -45.84 -26.57
C GLY C 142 16.75 -44.38 -26.19
N LEU C 143 16.87 -44.12 -24.89
CA LEU C 143 16.87 -42.75 -24.40
C LEU C 143 18.28 -42.19 -24.24
N THR C 144 19.18 -42.97 -23.65
CA THR C 144 20.49 -42.44 -23.29
C THR C 144 21.26 -42.01 -24.54
N GLY C 145 21.91 -40.86 -24.44
CA GLY C 145 22.62 -40.29 -25.56
C GLY C 145 21.78 -39.54 -26.57
N LYS C 146 20.45 -39.67 -26.52
CA LYS C 146 19.61 -39.03 -27.51
C LYS C 146 19.25 -37.59 -27.11
N THR C 147 18.68 -36.85 -28.07
CA THR C 147 18.28 -35.46 -27.86
C THR C 147 16.76 -35.37 -27.78
N LEU C 148 16.26 -34.77 -26.68
CA LEU C 148 14.83 -34.58 -26.44
C LEU C 148 14.59 -33.12 -26.11
N GLY C 149 13.68 -32.48 -26.85
CA GLY C 149 13.33 -31.09 -26.63
C GLY C 149 11.94 -30.95 -26.01
N ILE C 150 11.89 -30.19 -24.92
CA ILE C 150 10.65 -29.80 -24.27
C ILE C 150 10.26 -28.42 -24.76
N ARG C 151 9.16 -28.34 -25.52
CA ARG C 151 8.67 -27.06 -26.03
C ARG C 151 7.73 -26.45 -25.00
N GLY C 152 8.31 -25.80 -24.00
CA GLY C 152 7.55 -25.07 -23.00
C GLY C 152 7.96 -25.46 -21.60
N MET C 153 8.44 -24.50 -20.82
CA MET C 153 8.91 -24.80 -19.45
C MET C 153 7.91 -24.32 -18.40
N GLY C 154 6.62 -24.52 -18.62
CA GLY C 154 5.66 -24.39 -17.56
C GLY C 154 5.86 -25.47 -16.50
N ALA C 155 4.86 -25.60 -15.63
CA ALA C 155 5.00 -26.54 -14.52
C ALA C 155 5.18 -27.98 -15.02
N VAL C 156 4.45 -28.38 -16.06
CA VAL C 156 4.56 -29.75 -16.54
C VAL C 156 5.91 -29.96 -17.21
N GLY C 157 6.30 -29.07 -18.13
CA GLY C 157 7.62 -29.15 -18.73
C GLY C 157 8.75 -29.21 -17.71
N ARG C 158 8.58 -28.53 -16.57
CA ARG C 158 9.63 -28.55 -15.56
C ARG C 158 9.67 -29.86 -14.83
N ALA C 159 8.48 -30.44 -14.52
CA ALA C 159 8.43 -31.73 -13.87
C ALA C 159 8.97 -32.84 -14.77
N ILE C 160 8.82 -32.69 -16.09
CA ILE C 160 9.36 -33.69 -17.01
C ILE C 160 10.89 -33.64 -17.02
N ALA C 161 11.45 -32.43 -17.13
CA ALA C 161 12.90 -32.26 -17.16
C ALA C 161 13.55 -32.77 -15.88
N GLN C 162 12.91 -32.53 -14.74
CA GLN C 162 13.46 -33.04 -13.48
C GLN C 162 13.50 -34.55 -13.47
N ARG C 163 12.48 -35.19 -14.06
CA ARG C 163 12.45 -36.64 -14.03
C ARG C 163 13.34 -37.25 -15.10
N LEU C 164 13.49 -36.60 -16.24
CA LEU C 164 14.37 -37.09 -17.28
C LEU C 164 15.84 -36.77 -17.01
N ALA C 165 16.14 -36.15 -15.87
CA ALA C 165 17.51 -35.68 -15.64
C ALA C 165 18.46 -36.83 -15.37
N GLY C 166 17.97 -37.93 -14.79
CA GLY C 166 18.79 -39.09 -14.55
C GLY C 166 18.91 -40.07 -15.71
N PHE C 167 18.30 -39.77 -16.86
CA PHE C 167 18.28 -40.67 -18.01
C PHE C 167 19.44 -40.46 -18.98
N GLU C 168 20.35 -39.52 -18.68
CA GLU C 168 21.60 -39.35 -19.42
C GLU C 168 21.34 -38.96 -20.87
N MET C 169 20.39 -38.05 -21.06
CA MET C 169 20.01 -37.55 -22.36
C MET C 169 20.56 -36.14 -22.58
N ASN C 170 20.34 -35.63 -23.79
CA ASN C 170 20.64 -34.26 -24.12
C ASN C 170 19.29 -33.52 -24.18
N LEU C 171 18.96 -32.81 -23.09
CA LEU C 171 17.67 -32.14 -22.93
C LEU C 171 17.78 -30.68 -23.34
N LEU C 172 17.01 -30.29 -24.37
CA LEU C 172 16.82 -28.93 -24.84
C LEU C 172 15.41 -28.43 -24.53
N TYR C 173 15.25 -27.11 -24.47
CA TYR C 173 13.93 -26.52 -24.29
C TYR C 173 13.89 -25.15 -24.99
N CYS C 174 12.69 -24.76 -25.43
CA CYS C 174 12.44 -23.41 -25.90
C CYS C 174 11.29 -22.81 -25.11
N ASP C 175 11.36 -21.51 -24.87
CA ASP C 175 10.36 -20.75 -24.11
C ASP C 175 10.74 -19.29 -24.17
N ARG C 176 9.73 -18.41 -24.38
CA ARG C 176 9.99 -16.98 -24.39
C ARG C 176 10.61 -16.49 -23.08
N ILE C 177 10.36 -17.19 -21.98
CA ILE C 177 10.94 -16.87 -20.68
C ILE C 177 11.90 -18.00 -20.31
N PRO C 178 13.16 -17.69 -19.98
CA PRO C 178 14.10 -18.75 -19.58
C PRO C 178 13.90 -19.25 -18.15
N LEU C 179 14.80 -20.12 -17.71
CA LEU C 179 14.64 -20.86 -16.46
C LEU C 179 15.60 -20.42 -15.36
N ASN C 180 16.13 -19.20 -15.42
CA ASN C 180 17.24 -18.77 -14.57
C ASN C 180 18.42 -19.74 -14.64
N ALA C 181 19.52 -19.39 -13.97
CA ALA C 181 20.76 -20.15 -14.14
C ALA C 181 20.71 -21.53 -13.51
N GLU C 182 20.11 -21.66 -12.31
CA GLU C 182 20.31 -22.88 -11.53
C GLU C 182 19.49 -24.07 -12.01
N GLN C 183 18.17 -23.93 -12.22
CA GLN C 183 17.41 -25.05 -12.73
C GLN C 183 17.99 -25.57 -14.03
N GLU C 184 18.48 -24.68 -14.89
CA GLU C 184 19.01 -25.13 -16.16
C GLU C 184 20.20 -26.07 -15.98
N LYS C 185 20.91 -25.96 -14.86
CA LYS C 185 22.09 -26.79 -14.60
C LYS C 185 21.78 -28.06 -13.81
N ALA C 186 20.89 -27.99 -12.82
CA ALA C 186 20.56 -29.20 -12.07
C ALA C 186 19.88 -30.25 -12.94
N TRP C 187 19.12 -29.82 -13.94
CA TRP C 187 18.36 -30.73 -14.79
C TRP C 187 19.04 -31.02 -16.12
N HIS C 188 20.16 -30.37 -16.41
CA HIS C 188 20.94 -30.61 -17.64
C HIS C 188 20.12 -30.26 -18.87
N VAL C 189 19.47 -29.09 -18.83
CA VAL C 189 18.65 -28.61 -19.94
C VAL C 189 19.24 -27.32 -20.49
N GLN C 190 19.20 -27.16 -21.81
CA GLN C 190 19.77 -26.00 -22.49
C GLN C 190 18.72 -25.31 -23.36
N ARG C 191 18.61 -23.99 -23.21
CA ARG C 191 17.61 -23.23 -23.95
C ARG C 191 18.03 -23.06 -25.41
N VAL C 192 17.11 -23.35 -26.32
CA VAL C 192 17.33 -23.13 -27.74
C VAL C 192 16.10 -22.44 -28.31
N THR C 193 16.17 -22.15 -29.59
CA THR C 193 15.00 -21.64 -30.29
C THR C 193 14.08 -22.78 -30.69
N LEU C 194 12.86 -22.41 -31.08
CA LEU C 194 11.92 -23.42 -31.52
C LEU C 194 12.38 -24.10 -32.80
N ASP C 195 12.90 -23.30 -33.74
CA ASP C 195 13.38 -23.86 -35.01
C ASP C 195 14.58 -24.77 -34.78
N GLU C 196 15.41 -24.48 -33.78
CA GLU C 196 16.54 -25.34 -33.48
C GLU C 196 16.12 -26.59 -32.73
N LEU C 197 15.17 -26.46 -31.80
CA LEU C 197 14.63 -27.63 -31.13
C LEU C 197 14.05 -28.61 -32.15
N LEU C 198 13.23 -28.10 -33.08
CA LEU C 198 12.62 -28.97 -34.08
C LEU C 198 13.68 -29.65 -34.94
N GLU C 199 14.75 -28.93 -35.27
CA GLU C 199 15.75 -29.45 -36.20
C GLU C 199 16.56 -30.58 -35.57
N LYS C 200 16.87 -30.47 -34.28
CA LYS C 200 17.88 -31.32 -33.67
C LYS C 200 17.33 -32.48 -32.83
N CYS C 201 16.04 -32.53 -32.54
CA CYS C 201 15.53 -33.44 -31.52
C CYS C 201 15.15 -34.80 -32.08
N ASP C 202 15.58 -35.85 -31.40
CA ASP C 202 15.03 -37.18 -31.65
C ASP C 202 13.59 -37.27 -31.15
N TYR C 203 13.31 -36.63 -30.02
CA TYR C 203 12.01 -36.65 -29.36
C TYR C 203 11.58 -35.21 -29.09
N VAL C 204 10.31 -34.93 -29.38
CA VAL C 204 9.72 -33.60 -29.17
C VAL C 204 8.54 -33.76 -28.22
N VAL C 205 8.56 -33.02 -27.12
CA VAL C 205 7.54 -33.06 -26.08
C VAL C 205 7.01 -31.64 -25.87
N PRO C 206 5.88 -31.30 -26.49
CA PRO C 206 5.29 -29.96 -26.23
C PRO C 206 4.63 -29.92 -24.86
N ALA C 207 4.90 -28.86 -24.11
CA ALA C 207 4.19 -28.57 -22.87
C ALA C 207 3.68 -27.14 -22.92
N VAL C 208 2.93 -26.75 -21.92
CA VAL C 208 2.47 -25.37 -21.84
C VAL C 208 3.63 -24.50 -21.36
N PRO C 209 3.89 -23.36 -21.99
CA PRO C 209 5.01 -22.52 -21.55
C PRO C 209 4.57 -21.52 -20.50
N MET C 210 5.47 -20.63 -20.11
CA MET C 210 5.11 -19.49 -19.30
C MET C 210 4.74 -18.32 -20.21
N ALA C 211 3.60 -17.69 -19.91
CA ALA C 211 3.17 -16.40 -20.45
C ALA C 211 2.58 -16.45 -21.86
N ALA C 212 3.40 -16.78 -22.86
CA ALA C 212 3.03 -16.64 -24.25
C ALA C 212 2.12 -17.79 -24.69
N GLU C 213 0.88 -17.46 -25.04
CA GLU C 213 -0.07 -18.42 -25.59
C GLU C 213 -0.02 -18.33 -27.13
N THR C 214 0.79 -19.19 -27.75
CA THR C 214 0.91 -19.28 -29.19
C THR C 214 0.13 -20.49 -29.71
N LEU C 215 -0.42 -20.34 -30.92
CA LEU C 215 -1.46 -21.23 -31.43
C LEU C 215 -0.92 -22.29 -32.38
N HIS C 216 -1.47 -23.51 -32.26
CA HIS C 216 -1.35 -24.61 -33.23
C HIS C 216 0.09 -24.85 -33.67
N LEU C 217 1.01 -24.71 -32.72
CA LEU C 217 2.41 -24.55 -33.06
C LEU C 217 2.96 -25.72 -33.90
N ILE C 218 2.37 -26.91 -33.79
CA ILE C 218 2.90 -28.06 -34.53
C ILE C 218 1.92 -28.50 -35.61
N ASP C 219 2.04 -27.89 -36.79
CA ASP C 219 1.28 -28.24 -37.99
C ASP C 219 2.22 -28.86 -39.02
N ALA C 220 1.76 -28.95 -40.27
CA ALA C 220 2.59 -29.53 -41.33
C ALA C 220 3.91 -28.79 -41.48
N THR C 221 3.88 -27.45 -41.31
CA THR C 221 5.10 -26.67 -41.41
C THR C 221 6.09 -27.03 -40.31
N ALA C 222 5.61 -27.18 -39.08
CA ALA C 222 6.52 -27.53 -37.99
C ALA C 222 7.04 -28.96 -38.15
N LEU C 223 6.17 -29.89 -38.56
CA LEU C 223 6.63 -31.27 -38.77
C LEU C 223 7.65 -31.34 -39.88
N ALA C 224 7.51 -30.50 -40.91
CA ALA C 224 8.52 -30.48 -41.98
C ALA C 224 9.88 -30.06 -41.45
N LYS C 225 9.92 -29.28 -40.37
CA LYS C 225 11.17 -28.83 -39.75
C LYS C 225 11.77 -29.85 -38.80
N MET C 226 11.06 -30.92 -38.47
CA MET C 226 11.61 -31.83 -37.48
C MET C 226 12.58 -32.82 -38.13
N LYS C 227 13.44 -33.42 -37.30
CA LYS C 227 14.39 -34.38 -37.79
C LYS C 227 13.68 -35.65 -38.26
N THR C 228 14.11 -36.18 -39.40
CA THR C 228 13.49 -37.37 -39.96
C THR C 228 13.62 -38.54 -39.00
N GLY C 229 12.53 -39.28 -38.82
CA GLY C 229 12.51 -40.39 -37.89
C GLY C 229 12.38 -39.99 -36.43
N SER C 230 11.86 -38.80 -36.14
CA SER C 230 11.67 -38.33 -34.78
C SER C 230 10.35 -38.84 -34.22
N TYR C 231 10.22 -38.76 -32.90
CA TYR C 231 8.99 -39.14 -32.20
C TYR C 231 8.40 -37.91 -31.53
N LEU C 232 7.07 -37.84 -31.53
CA LEU C 232 6.33 -36.72 -30.98
C LEU C 232 5.39 -37.24 -29.89
N ILE C 233 5.46 -36.62 -28.70
CA ILE C 233 4.77 -37.07 -27.49
C ILE C 233 3.90 -35.91 -27.00
N ASN C 234 2.58 -35.98 -27.24
CA ASN C 234 1.67 -34.88 -26.94
C ASN C 234 0.72 -35.25 -25.81
N ALA C 235 0.92 -34.63 -24.64
CA ALA C 235 0.02 -34.88 -23.53
C ALA C 235 -0.38 -33.60 -22.80
N CYS C 236 -0.19 -32.43 -23.43
CA CYS C 236 -0.57 -31.18 -22.76
C CYS C 236 -2.00 -30.77 -23.12
N ARG C 237 -2.28 -30.55 -24.41
CA ARG C 237 -3.67 -30.37 -24.82
C ARG C 237 -3.79 -30.61 -26.33
N GLY C 238 -5.02 -30.92 -26.75
CA GLY C 238 -5.27 -31.46 -28.07
C GLY C 238 -5.11 -30.46 -29.22
N SER C 239 -4.99 -29.17 -28.91
CA SER C 239 -4.92 -28.16 -29.96
C SER C 239 -3.52 -27.98 -30.52
N VAL C 240 -2.48 -28.43 -29.80
CA VAL C 240 -1.11 -28.12 -30.20
C VAL C 240 -0.61 -28.98 -31.35
N VAL C 241 -1.39 -29.92 -31.84
CA VAL C 241 -0.92 -30.91 -32.82
C VAL C 241 -1.97 -31.07 -33.90
N ASP C 242 -1.55 -30.91 -35.16
CA ASP C 242 -2.40 -31.17 -36.32
C ASP C 242 -2.35 -32.66 -36.65
N GLU C 243 -3.42 -33.39 -36.34
CA GLU C 243 -3.38 -34.86 -36.43
C GLU C 243 -3.33 -35.35 -37.89
N ASN C 244 -3.93 -34.62 -38.83
CA ASN C 244 -3.81 -35.03 -40.23
C ASN C 244 -2.43 -34.76 -40.79
N ALA C 245 -1.76 -33.71 -40.30
CA ALA C 245 -0.35 -33.56 -40.63
C ALA C 245 0.48 -34.68 -40.04
N VAL C 246 0.15 -35.16 -38.83
CA VAL C 246 0.89 -36.27 -38.25
C VAL C 246 0.69 -37.54 -39.06
N ILE C 247 -0.55 -37.82 -39.50
CA ILE C 247 -0.80 -38.97 -40.36
C ILE C 247 0.10 -38.94 -41.58
N ALA C 248 0.18 -37.77 -42.24
CA ALA C 248 1.04 -37.62 -43.42
C ALA C 248 2.50 -37.83 -43.06
N ALA C 249 2.98 -37.19 -41.98
CA ALA C 249 4.39 -37.30 -41.65
C ALA C 249 4.76 -38.71 -41.20
N LEU C 250 3.83 -39.46 -40.60
CA LEU C 250 4.11 -40.86 -40.30
C LEU C 250 4.22 -41.68 -41.59
N ALA C 251 3.35 -41.43 -42.57
CA ALA C 251 3.35 -42.21 -43.81
C ALA C 251 4.61 -41.97 -44.63
N SER C 252 5.15 -40.74 -44.59
CA SER C 252 6.33 -40.35 -45.35
C SER C 252 7.63 -40.70 -44.65
N GLY C 253 7.57 -41.14 -43.39
CA GLY C 253 8.78 -41.42 -42.64
C GLY C 253 9.37 -40.25 -41.87
N LYS C 254 8.77 -39.06 -41.97
CA LYS C 254 9.26 -37.93 -41.19
C LYS C 254 9.17 -38.20 -39.70
N LEU C 255 8.03 -38.72 -39.24
CA LEU C 255 7.86 -39.12 -37.85
C LEU C 255 8.03 -40.63 -37.74
N ALA C 256 8.86 -41.07 -36.78
CA ALA C 256 8.88 -42.50 -36.44
C ALA C 256 7.66 -42.91 -35.62
N GLY C 257 7.11 -42.01 -34.82
CA GLY C 257 5.97 -42.38 -33.99
C GLY C 257 5.33 -41.16 -33.37
N TYR C 258 4.08 -41.36 -32.94
CA TYR C 258 3.30 -40.31 -32.29
C TYR C 258 2.55 -40.91 -31.12
N ALA C 259 2.78 -40.39 -29.92
CA ALA C 259 2.02 -40.76 -28.72
C ALA C 259 1.21 -39.55 -28.24
N ALA C 260 -0.03 -39.81 -27.80
CA ALA C 260 -0.88 -38.72 -27.29
C ALA C 260 -1.81 -39.19 -26.18
N ASP C 261 -2.06 -38.27 -25.26
CA ASP C 261 -3.08 -38.40 -24.24
C ASP C 261 -4.24 -37.44 -24.48
N VAL C 262 -4.15 -36.59 -25.49
CA VAL C 262 -5.15 -35.58 -25.80
C VAL C 262 -5.37 -35.58 -27.30
N PHE C 263 -6.54 -35.11 -27.73
CA PHE C 263 -6.94 -35.23 -29.12
C PHE C 263 -7.74 -34.01 -29.55
N GLU C 264 -7.62 -33.67 -30.84
CA GLU C 264 -8.31 -32.51 -31.38
C GLU C 264 -9.82 -32.57 -31.15
N MET C 265 -10.41 -33.77 -31.24
CA MET C 265 -11.85 -33.88 -31.03
C MET C 265 -12.28 -33.43 -29.64
N GLU C 266 -11.33 -33.18 -28.74
CA GLU C 266 -11.66 -32.66 -27.40
C GLU C 266 -11.85 -31.14 -27.41
N GLU C 267 -11.29 -30.43 -28.38
CA GLU C 267 -11.39 -28.97 -28.41
C GLU C 267 -12.80 -28.54 -28.80
N TRP C 268 -13.64 -28.27 -27.81
CA TRP C 268 -15.03 -27.89 -28.03
C TRP C 268 -15.17 -26.39 -28.26
N ILE C 269 -14.70 -25.58 -27.31
CA ILE C 269 -14.97 -24.14 -27.30
C ILE C 269 -14.05 -23.41 -28.30
N ARG C 270 -13.47 -24.16 -29.23
CA ARG C 270 -12.78 -23.59 -30.37
C ARG C 270 -13.35 -24.17 -31.65
N ALA C 271 -13.53 -23.31 -32.67
CA ALA C 271 -14.31 -23.69 -33.85
C ALA C 271 -13.70 -24.88 -34.58
N ASP C 272 -12.38 -25.07 -34.48
CA ASP C 272 -11.70 -26.20 -35.10
C ASP C 272 -12.05 -27.47 -34.33
N ARG C 273 -12.92 -28.29 -34.91
CA ARG C 273 -13.37 -29.46 -34.16
C ARG C 273 -13.75 -30.63 -35.07
N PRO C 274 -12.93 -31.65 -35.16
CA PRO C 274 -13.39 -32.93 -35.71
C PRO C 274 -14.10 -33.75 -34.63
N GLN C 275 -14.88 -34.73 -35.07
CA GLN C 275 -15.66 -35.44 -34.08
C GLN C 275 -14.97 -36.71 -33.58
N ALA C 276 -14.15 -37.34 -34.39
CA ALA C 276 -13.51 -38.59 -34.01
C ALA C 276 -12.01 -38.40 -34.02
N ILE C 277 -11.32 -39.39 -33.48
CA ILE C 277 -9.87 -39.51 -33.71
C ILE C 277 -9.65 -40.10 -35.10
N PRO C 278 -8.81 -39.50 -35.93
CA PRO C 278 -8.69 -39.96 -37.33
C PRO C 278 -8.44 -41.45 -37.40
N LYS C 279 -9.23 -42.14 -38.23
CA LYS C 279 -9.11 -43.59 -38.38
C LYS C 279 -7.70 -44.00 -38.79
N ALA C 280 -7.01 -43.17 -39.57
CA ALA C 280 -5.63 -43.48 -39.96
C ALA C 280 -4.71 -43.56 -38.75
N LEU C 281 -4.96 -42.74 -37.73
CA LEU C 281 -4.18 -42.87 -36.50
C LEU C 281 -4.58 -44.11 -35.71
N LEU C 282 -5.88 -44.41 -35.61
CA LEU C 282 -6.34 -45.55 -34.82
C LEU C 282 -5.85 -46.87 -35.38
N ASP C 283 -5.78 -46.97 -36.71
CA ASP C 283 -5.34 -48.22 -37.34
C ASP C 283 -3.84 -48.43 -37.24
N ASN C 284 -3.07 -47.37 -36.93
CA ASN C 284 -1.62 -47.44 -36.93
C ASN C 284 -1.10 -47.79 -35.55
N THR C 285 -1.29 -49.05 -35.17
CA THR C 285 -0.85 -49.58 -33.89
C THR C 285 0.65 -49.84 -33.81
N ALA C 286 1.39 -49.78 -34.93
CA ALA C 286 2.84 -49.97 -34.85
C ALA C 286 3.58 -48.68 -34.57
N GLN C 287 2.96 -47.53 -34.84
CA GLN C 287 3.64 -46.24 -34.74
C GLN C 287 2.99 -45.26 -33.76
N THR C 288 1.92 -45.65 -33.08
CA THR C 288 1.22 -44.75 -32.17
C THR C 288 1.00 -45.43 -30.83
N PHE C 289 0.75 -44.60 -29.83
CA PHE C 289 0.47 -45.05 -28.47
C PHE C 289 -0.45 -44.00 -27.86
N PHE C 290 -1.70 -44.39 -27.57
CA PHE C 290 -2.71 -43.42 -27.14
C PHE C 290 -3.31 -43.79 -25.79
N THR C 291 -3.67 -42.77 -25.01
CA THR C 291 -4.39 -42.89 -23.74
C THR C 291 -5.55 -41.90 -23.71
N PRO C 292 -6.67 -42.28 -23.12
CA PRO C 292 -7.90 -41.45 -23.13
C PRO C 292 -7.91 -40.39 -22.04
N HIS C 293 -6.98 -39.44 -22.16
CA HIS C 293 -6.92 -38.29 -21.26
C HIS C 293 -6.75 -38.72 -19.81
N LEU C 294 -5.74 -39.59 -19.59
CA LEU C 294 -5.43 -40.14 -18.29
C LEU C 294 -4.34 -39.36 -17.56
N GLY C 295 -4.02 -38.17 -18.06
CA GLY C 295 -2.92 -37.40 -17.48
C GLY C 295 -2.97 -37.31 -15.97
N SER C 296 -4.16 -37.12 -15.41
CA SER C 296 -4.33 -36.95 -13.97
C SER C 296 -5.09 -38.10 -13.33
N ALA C 297 -5.25 -39.21 -14.06
CA ALA C 297 -6.02 -40.35 -13.60
C ALA C 297 -5.20 -41.25 -12.66
N VAL C 298 -4.80 -40.71 -11.52
CA VAL C 298 -4.26 -41.53 -10.44
C VAL C 298 -5.14 -41.33 -9.22
N LYS C 299 -5.51 -42.45 -8.59
CA LYS C 299 -6.56 -42.42 -7.58
C LYS C 299 -6.31 -41.34 -6.52
N GLU C 300 -5.07 -41.24 -6.03
CA GLU C 300 -4.76 -40.36 -4.91
C GLU C 300 -4.96 -38.89 -5.29
N VAL C 301 -4.75 -38.56 -6.55
CA VAL C 301 -4.91 -37.18 -7.00
C VAL C 301 -6.39 -36.86 -7.20
N ARG C 302 -7.13 -37.76 -7.84
CA ARG C 302 -8.56 -37.55 -8.05
C ARG C 302 -9.29 -37.40 -6.72
N LEU C 303 -8.90 -38.21 -5.72
CA LEU C 303 -9.54 -38.12 -4.41
C LEU C 303 -9.31 -36.75 -3.79
N GLU C 304 -8.10 -36.20 -3.93
CA GLU C 304 -7.80 -34.90 -3.32
C GLU C 304 -8.47 -33.75 -4.08
N ILE C 305 -8.52 -33.84 -5.41
CA ILE C 305 -9.31 -32.86 -6.17
C ILE C 305 -10.76 -32.85 -5.68
N GLU C 306 -11.36 -34.04 -5.58
CA GLU C 306 -12.74 -34.14 -5.09
C GLU C 306 -12.87 -33.62 -3.65
N ARG C 307 -11.88 -33.92 -2.81
CA ARG C 307 -11.95 -33.50 -1.40
C ARG C 307 -12.00 -31.98 -1.29
N GLN C 308 -11.12 -31.30 -2.02
CA GLN C 308 -11.08 -29.84 -1.97
C GLN C 308 -12.38 -29.23 -2.50
N ALA C 309 -12.87 -29.74 -3.62
CA ALA C 309 -14.18 -29.31 -4.10
C ALA C 309 -15.26 -29.53 -3.05
N ALA C 310 -15.28 -30.70 -2.41
CA ALA C 310 -16.30 -30.92 -1.38
C ALA C 310 -16.13 -29.92 -0.22
N MET C 311 -14.89 -29.65 0.18
CA MET C 311 -14.69 -28.75 1.32
C MET C 311 -15.18 -27.35 0.98
N ASN C 312 -14.91 -26.90 -0.24
CA ASN C 312 -15.44 -25.62 -0.70
C ASN C 312 -16.94 -25.58 -0.59
N ILE C 313 -17.60 -26.69 -0.94
CA ILE C 313 -19.05 -26.72 -0.89
C ILE C 313 -19.52 -26.73 0.55
N ILE C 314 -18.87 -27.52 1.40
CA ILE C 314 -19.22 -27.55 2.83
C ILE C 314 -19.03 -26.17 3.45
N GLN C 315 -17.94 -25.48 3.10
CA GLN C 315 -17.69 -24.17 3.70
C GLN C 315 -18.77 -23.18 3.28
N ALA C 316 -19.08 -23.10 1.98
CA ALA C 316 -20.05 -22.12 1.53
C ALA C 316 -21.42 -22.38 2.14
N LEU C 317 -21.86 -23.65 2.17
CA LEU C 317 -23.16 -23.98 2.76
C LEU C 317 -23.23 -23.62 4.25
N ALA C 318 -22.08 -23.53 4.93
CA ALA C 318 -22.01 -23.18 6.33
C ALA C 318 -21.95 -21.67 6.54
N GLY C 319 -22.00 -20.89 5.47
CA GLY C 319 -21.91 -19.45 5.59
C GLY C 319 -20.51 -18.90 5.71
N GLU C 320 -19.48 -19.68 5.38
CA GLU C 320 -18.10 -19.22 5.42
C GLU C 320 -17.66 -18.74 4.04
N LYS C 321 -16.53 -18.04 4.02
CA LYS C 321 -15.87 -17.78 2.74
C LYS C 321 -15.14 -19.05 2.31
N PRO C 322 -15.54 -19.66 1.19
CA PRO C 322 -14.88 -20.90 0.77
C PRO C 322 -13.46 -20.64 0.30
N MET C 323 -12.56 -21.58 0.62
CA MET C 323 -11.12 -21.35 0.44
C MET C 323 -10.73 -21.14 -1.02
N GLY C 324 -11.45 -21.76 -1.95
CA GLY C 324 -11.13 -21.64 -3.36
C GLY C 324 -11.93 -20.60 -4.11
N ALA C 325 -12.61 -19.69 -3.42
CA ALA C 325 -13.48 -18.72 -4.07
C ALA C 325 -12.69 -17.83 -5.01
N ILE C 326 -13.23 -17.63 -6.20
CA ILE C 326 -12.69 -16.68 -7.17
C ILE C 326 -13.65 -15.52 -7.42
N ASN C 327 -14.72 -15.41 -6.64
CA ASN C 327 -15.65 -14.31 -6.76
C ASN C 327 -16.17 -13.94 -5.38
N GLN C 328 -16.93 -12.84 -5.33
CA GLN C 328 -17.66 -12.45 -4.13
C GLN C 328 -19.12 -12.25 -4.53
N PRO C 329 -20.00 -13.20 -4.21
CA PRO C 329 -21.36 -13.16 -4.74
C PRO C 329 -22.22 -12.09 -4.09
N TYR C 330 -23.38 -11.88 -4.72
CA TYR C 330 -24.43 -10.90 -4.43
C TYR C 330 -24.00 -9.53 -4.98
N LYS D 2 30.88 37.62 -3.56
CA LYS D 2 29.67 36.83 -3.38
C LYS D 2 29.33 36.64 -1.90
N PRO D 3 28.03 36.75 -1.57
CA PRO D 3 27.61 36.57 -0.18
C PRO D 3 27.91 35.16 0.33
N LYS D 4 27.93 35.04 1.66
CA LYS D 4 28.39 33.83 2.34
C LYS D 4 27.26 33.30 3.21
N VAL D 5 26.88 32.04 2.99
CA VAL D 5 25.82 31.41 3.75
C VAL D 5 26.40 30.23 4.54
N VAL D 6 26.11 30.19 5.83
CA VAL D 6 26.57 29.13 6.71
C VAL D 6 25.36 28.25 7.05
N LEU D 7 25.55 26.93 6.96
CA LEU D 7 24.50 25.93 7.20
C LEU D 7 24.88 25.17 8.46
N THR D 8 24.12 25.34 9.55
CA THR D 8 24.60 24.72 10.79
C THR D 8 24.46 23.21 10.78
N HIS D 9 23.56 22.63 9.96
CA HIS D 9 23.36 21.19 9.91
C HIS D 9 23.40 20.67 8.49
N TRP D 10 23.60 19.36 8.38
CA TRP D 10 23.68 18.71 7.08
C TRP D 10 22.41 19.00 6.29
N VAL D 11 22.58 19.26 4.98
CA VAL D 11 21.46 19.41 4.06
C VAL D 11 21.78 18.61 2.80
N HIS D 12 20.74 18.34 2.02
CA HIS D 12 20.91 17.52 0.83
C HIS D 12 21.80 18.23 -0.19
N PRO D 13 22.57 17.49 -0.99
CA PRO D 13 23.49 18.16 -1.93
C PRO D 13 22.76 19.06 -2.94
N GLU D 14 21.51 18.73 -3.30
CA GLU D 14 20.76 19.58 -4.22
C GLU D 14 20.48 20.96 -3.61
N ILE D 15 20.34 21.04 -2.29
CA ILE D 15 20.12 22.34 -1.66
C ILE D 15 21.41 23.16 -1.67
N ILE D 16 22.55 22.51 -1.42
CA ILE D 16 23.83 23.22 -1.48
C ILE D 16 24.04 23.80 -2.88
N GLU D 17 23.78 23.00 -3.91
CA GLU D 17 23.90 23.48 -5.29
C GLU D 17 22.96 24.65 -5.53
N LEU D 18 21.72 24.57 -5.03
CA LEU D 18 20.76 25.66 -5.22
C LEU D 18 21.29 26.95 -4.62
N LEU D 19 21.81 26.90 -3.40
CA LEU D 19 22.36 28.11 -2.78
C LEU D 19 23.67 28.55 -3.45
N SER D 20 24.44 27.61 -4.00
CA SER D 20 25.75 27.92 -4.59
C SER D 20 25.64 28.82 -5.80
N ALA D 21 24.51 28.76 -6.51
CA ALA D 21 24.32 29.63 -7.67
C ALA D 21 24.33 31.11 -7.31
N SER D 22 24.00 31.48 -6.07
CA SER D 22 23.98 32.87 -5.65
C SER D 22 24.79 33.18 -4.40
N ALA D 23 25.49 32.21 -3.82
CA ALA D 23 26.24 32.46 -2.60
C ALA D 23 27.35 31.44 -2.48
N ASP D 24 28.33 31.75 -1.65
CA ASP D 24 29.31 30.76 -1.24
C ASP D 24 28.83 30.08 0.04
N VAL D 25 28.75 28.76 0.01
CA VAL D 25 28.09 27.96 1.03
C VAL D 25 29.16 27.34 1.93
N ILE D 26 28.97 27.45 3.24
CA ILE D 26 29.82 26.71 4.17
C ILE D 26 28.94 25.67 4.84
N PRO D 27 29.00 24.42 4.39
CA PRO D 27 28.09 23.39 4.92
C PRO D 27 28.67 22.71 6.15
N ASN D 28 27.78 22.08 6.90
CA ASN D 28 28.17 21.08 7.88
C ASN D 28 28.18 19.75 7.15
N THR D 29 29.38 19.23 6.86
CA THR D 29 29.52 17.99 6.10
C THR D 29 29.22 16.75 6.93
N THR D 30 29.01 16.87 8.23
CA THR D 30 28.71 15.74 9.10
C THR D 30 27.24 15.74 9.48
N ARG D 31 26.84 14.65 10.14
CA ARG D 31 25.50 14.50 10.69
C ARG D 31 25.41 14.94 12.13
N GLU D 32 26.42 15.64 12.64
CA GLU D 32 26.39 16.03 14.04
C GLU D 32 26.02 17.50 14.19
N THR D 33 25.67 17.89 15.40
CA THR D 33 25.54 19.29 15.76
C THR D 33 26.92 19.83 16.09
N LEU D 34 27.28 20.94 15.48
CA LEU D 34 28.52 21.60 15.83
C LEU D 34 28.33 22.33 17.15
N PRO D 35 29.35 22.38 18.00
CA PRO D 35 29.26 23.25 19.18
C PRO D 35 28.97 24.68 18.76
N ARG D 36 28.27 25.39 19.65
CA ARG D 36 27.91 26.78 19.41
C ARG D 36 29.15 27.62 19.06
N SER D 37 30.28 27.36 19.73
CA SER D 37 31.49 28.13 19.48
C SER D 37 31.93 27.99 18.03
N GLU D 38 31.84 26.79 17.47
CA GLU D 38 32.21 26.57 16.08
C GLU D 38 31.17 27.15 15.12
N VAL D 39 29.88 27.11 15.48
CA VAL D 39 28.86 27.72 14.63
C VAL D 39 29.12 29.22 14.51
N ILE D 40 29.34 29.88 15.65
CA ILE D 40 29.55 31.33 15.64
C ILE D 40 30.81 31.69 14.86
N ALA D 41 31.84 30.87 14.97
CA ALA D 41 33.09 31.15 14.28
C ALA D 41 32.90 31.08 12.76
N ARG D 42 32.09 30.15 12.28
CA ARG D 42 31.81 30.10 10.85
C ARG D 42 30.91 31.27 10.44
N ALA D 43 29.93 31.62 11.27
CA ALA D 43 28.96 32.63 10.86
C ALA D 43 29.45 34.06 11.10
N LYS D 44 30.67 34.23 11.64
CA LYS D 44 31.17 35.55 12.02
C LYS D 44 31.13 36.53 10.85
N ASP D 45 31.67 36.15 9.69
CA ASP D 45 31.62 36.98 8.50
C ASP D 45 30.60 36.48 7.48
N ALA D 46 29.48 35.95 7.94
CA ALA D 46 28.51 35.40 7.02
C ALA D 46 27.38 36.38 6.76
N ASP D 47 26.86 36.36 5.56
CA ASP D 47 25.71 37.17 5.21
C ASP D 47 24.40 36.48 5.53
N ALA D 48 24.39 35.15 5.57
CA ALA D 48 23.17 34.41 5.88
C ALA D 48 23.51 33.16 6.67
N LEU D 49 22.49 32.64 7.35
CA LEU D 49 22.60 31.43 8.15
C LEU D 49 21.34 30.61 7.96
N MET D 50 21.50 29.30 7.72
CA MET D 50 20.37 28.37 7.81
C MET D 50 20.41 27.73 9.19
N ALA D 51 19.39 27.99 10.00
CA ALA D 51 19.38 27.56 11.39
C ALA D 51 18.46 26.37 11.59
N PHE D 52 18.82 25.51 12.53
CA PHE D 52 18.03 24.32 12.85
C PHE D 52 17.70 24.36 14.34
N MET D 53 17.03 23.32 14.83
CA MET D 53 16.52 23.36 16.20
C MET D 53 17.61 23.59 17.25
N PRO D 54 18.78 22.95 17.22
CA PRO D 54 19.81 23.27 18.22
C PRO D 54 20.35 24.70 18.17
N ASP D 55 19.95 25.56 17.25
CA ASP D 55 20.52 26.91 17.20
C ASP D 55 19.74 27.86 18.09
N SER D 56 20.44 28.52 19.00
CA SER D 56 19.84 29.50 19.89
C SER D 56 20.31 30.88 19.46
N ILE D 57 19.50 31.55 18.64
CA ILE D 57 19.88 32.85 18.09
C ILE D 57 19.39 33.94 19.04
N ASP D 58 20.31 34.44 19.87
CA ASP D 58 20.05 35.45 20.86
C ASP D 58 20.90 36.68 20.54
N SER D 59 20.78 37.70 21.39
CA SER D 59 21.52 38.94 21.16
C SER D 59 23.02 38.69 21.03
N ALA D 60 23.58 37.86 21.92
CA ALA D 60 25.02 37.58 21.87
C ALA D 60 25.42 37.02 20.52
N PHE D 61 24.67 36.04 20.01
CA PHE D 61 24.95 35.46 18.70
C PHE D 61 24.98 36.54 17.62
N LEU D 62 23.96 37.41 17.61
CA LEU D 62 23.89 38.42 16.58
C LEU D 62 25.06 39.38 16.68
N GLU D 63 25.41 39.78 17.91
CA GLU D 63 26.54 40.69 18.14
C GLU D 63 27.84 40.12 17.59
N GLU D 64 27.99 38.80 17.61
CA GLU D 64 29.17 38.15 17.05
C GLU D 64 29.15 38.08 15.52
N CYS D 65 28.01 38.36 14.87
CA CYS D 65 27.86 38.19 13.42
C CYS D 65 27.30 39.47 12.80
N PRO D 66 28.11 40.52 12.73
CA PRO D 66 27.60 41.83 12.28
C PRO D 66 27.21 41.88 10.80
N LYS D 67 27.66 40.96 9.94
CA LYS D 67 27.26 40.95 8.54
C LYS D 67 25.95 40.22 8.26
N LEU D 68 25.30 39.61 9.26
CA LEU D 68 24.10 38.82 8.99
C LEU D 68 22.97 39.69 8.44
N ARG D 69 22.39 39.26 7.31
CA ARG D 69 21.22 39.90 6.73
C ARG D 69 19.96 39.06 6.80
N VAL D 70 20.08 37.73 6.89
CA VAL D 70 18.92 36.85 6.96
C VAL D 70 19.30 35.59 7.72
N ILE D 71 18.40 35.15 8.59
CA ILE D 71 18.48 33.84 9.21
C ILE D 71 17.29 33.05 8.68
N GLY D 72 17.58 32.03 7.87
CA GLY D 72 16.57 31.16 7.32
C GLY D 72 16.40 29.92 8.17
N ALA D 73 15.41 29.93 9.05
CA ALA D 73 15.26 28.79 9.94
C ALA D 73 14.58 27.67 9.18
N ALA D 74 15.21 26.50 9.17
CA ALA D 74 14.59 25.29 8.64
C ALA D 74 13.65 24.72 9.68
N LEU D 75 12.76 25.56 10.21
CA LEU D 75 11.88 25.21 11.32
C LEU D 75 10.53 25.86 11.12
N LYS D 76 9.51 25.23 11.69
CA LYS D 76 8.18 25.84 11.66
C LYS D 76 7.94 26.84 12.78
N GLY D 77 8.68 26.73 13.90
CA GLY D 77 8.56 27.65 15.01
C GLY D 77 9.84 28.45 15.24
N TYR D 78 9.80 29.27 16.27
CA TYR D 78 10.91 30.18 16.50
C TYR D 78 11.18 30.38 17.98
N ASP D 79 10.96 29.33 18.79
CA ASP D 79 11.14 29.44 20.25
C ASP D 79 12.58 29.79 20.62
N ASN D 80 13.54 29.29 19.86
CA ASN D 80 14.96 29.49 20.07
C ASN D 80 15.49 30.76 19.42
N PHE D 81 14.61 31.64 18.91
CA PHE D 81 15.05 32.85 18.24
C PHE D 81 14.54 34.06 19.01
N ASP D 82 15.42 35.05 19.20
CA ASP D 82 15.02 36.34 19.76
C ASP D 82 14.61 37.23 18.60
N VAL D 83 13.31 37.27 18.29
CA VAL D 83 12.83 37.93 17.08
C VAL D 83 13.15 39.41 17.11
N ASN D 84 12.95 40.05 18.26
CA ASN D 84 13.15 41.49 18.35
C ASN D 84 14.62 41.87 18.21
N ALA D 85 15.51 41.05 18.78
CA ALA D 85 16.94 41.25 18.57
C ALA D 85 17.28 41.18 17.09
N CYS D 86 16.77 40.17 16.37
CA CYS D 86 17.03 40.10 14.93
C CYS D 86 16.56 41.35 14.21
N THR D 87 15.33 41.78 14.51
CA THR D 87 14.79 43.01 13.95
C THR D 87 15.71 44.20 14.21
N ARG D 88 16.18 44.35 15.46
CA ARG D 88 17.02 45.50 15.78
C ARG D 88 18.38 45.41 15.11
N HIS D 89 18.89 44.19 14.90
CA HIS D 89 20.16 44.07 14.20
C HIS D 89 19.99 44.07 12.69
N GLY D 90 18.80 44.35 12.17
CA GLY D 90 18.57 44.38 10.74
C GLY D 90 18.67 43.03 10.06
N VAL D 91 18.23 41.96 10.73
CA VAL D 91 18.34 40.60 10.20
C VAL D 91 16.93 40.05 9.98
N TRP D 92 16.63 39.73 8.73
CA TRP D 92 15.44 38.94 8.41
C TRP D 92 15.46 37.61 9.15
N LEU D 93 14.33 37.22 9.72
CA LEU D 93 14.15 35.92 10.35
C LEU D 93 12.98 35.22 9.67
N THR D 94 13.26 34.09 9.01
CA THR D 94 12.22 33.39 8.26
C THR D 94 12.02 31.99 8.81
N ILE D 95 10.81 31.46 8.61
CA ILE D 95 10.48 30.10 8.97
C ILE D 95 9.88 29.39 7.76
N VAL D 96 9.63 28.09 7.92
CA VAL D 96 9.03 27.29 6.86
C VAL D 96 7.64 26.88 7.36
N PRO D 97 6.68 26.60 6.48
CA PRO D 97 5.39 26.10 6.95
C PRO D 97 5.56 24.76 7.64
N ASP D 98 4.52 24.32 8.34
CA ASP D 98 4.56 23.06 9.06
C ASP D 98 4.39 21.91 8.07
N LEU D 99 5.46 21.15 7.84
CA LEU D 99 5.43 19.97 6.97
C LEU D 99 5.56 18.67 7.75
N LEU D 100 5.39 18.71 9.06
CA LEU D 100 5.72 17.58 9.93
C LEU D 100 4.55 16.62 10.12
N THR D 101 3.32 17.08 9.84
CA THR D 101 2.13 16.40 10.33
C THR D 101 2.03 14.97 9.82
N ILE D 102 2.19 14.77 8.51
CA ILE D 102 1.87 13.48 7.91
C ILE D 102 2.97 12.47 8.24
N PRO D 103 4.27 12.78 8.06
CA PRO D 103 5.29 11.82 8.51
C PRO D 103 5.18 11.48 9.98
N THR D 104 4.74 12.42 10.82
CA THR D 104 4.60 12.13 12.24
C THR D 104 3.45 11.17 12.49
N ALA D 105 2.34 11.34 11.78
CA ALA D 105 1.20 10.44 11.96
C ALA D 105 1.52 9.02 11.48
N GLU D 106 2.18 8.90 10.32
CA GLU D 106 2.59 7.58 9.85
C GLU D 106 3.58 6.91 10.80
N LEU D 107 4.52 7.67 11.41
CA LEU D 107 5.45 7.03 12.35
C LEU D 107 4.72 6.58 13.62
N THR D 108 3.73 7.36 14.07
CA THR D 108 2.92 6.96 15.20
C THR D 108 2.23 5.62 14.96
N ILE D 109 1.72 5.41 13.74
CA ILE D 109 1.09 4.14 13.44
C ILE D 109 2.13 3.04 13.34
N GLY D 110 3.31 3.36 12.80
CA GLY D 110 4.41 2.41 12.81
C GLY D 110 4.81 1.98 14.20
N LEU D 111 4.90 2.93 15.13
CA LEU D 111 5.20 2.59 16.53
C LEU D 111 4.09 1.73 17.14
N LEU D 112 2.84 2.07 16.86
CA LEU D 112 1.73 1.28 17.39
C LEU D 112 1.85 -0.17 16.95
N LEU D 113 2.01 -0.39 15.64
CA LEU D 113 2.11 -1.75 15.11
C LEU D 113 3.38 -2.45 15.57
N GLY D 114 4.50 -1.73 15.61
CA GLY D 114 5.73 -2.35 16.08
C GLY D 114 5.62 -2.84 17.51
N LEU D 115 4.98 -2.04 18.36
CA LEU D 115 4.90 -2.38 19.79
C LEU D 115 3.89 -3.51 20.02
N THR D 116 2.70 -3.37 19.45
CA THR D 116 1.65 -4.34 19.70
C THR D 116 1.94 -5.68 19.05
N ARG D 117 2.76 -5.71 18.01
CA ARG D 117 3.07 -6.98 17.35
C ARG D 117 4.44 -7.52 17.72
N HIS D 118 5.14 -6.91 18.70
CA HIS D 118 6.42 -7.45 19.18
C HIS D 118 7.43 -7.56 18.05
N MET D 119 7.40 -6.60 17.12
CA MET D 119 8.19 -6.75 15.91
C MET D 119 9.70 -6.61 16.17
N LEU D 120 10.09 -5.88 17.21
CA LEU D 120 11.51 -5.72 17.51
C LEU D 120 12.11 -7.01 18.07
N GLU D 121 11.44 -7.61 19.07
CA GLU D 121 11.90 -8.91 19.54
C GLU D 121 11.83 -9.94 18.41
N GLY D 122 10.84 -9.81 17.52
CA GLY D 122 10.79 -10.68 16.36
C GLY D 122 12.04 -10.58 15.50
N ASP D 123 12.42 -9.35 15.12
CA ASP D 123 13.61 -9.18 14.31
C ASP D 123 14.85 -9.76 14.98
N ARG D 124 14.97 -9.61 16.30
CA ARG D 124 16.13 -10.15 17.00
C ARG D 124 16.13 -11.67 17.06
N GLN D 125 14.94 -12.30 17.08
CA GLN D 125 14.92 -13.76 16.98
C GLN D 125 15.43 -14.22 15.63
N ILE D 126 15.12 -13.47 14.57
CA ILE D 126 15.62 -13.79 13.24
C ILE D 126 17.13 -13.60 13.16
N ARG D 127 17.65 -12.45 13.62
CA ARG D 127 19.09 -12.22 13.47
C ARG D 127 19.88 -13.25 14.26
N SER D 128 19.29 -13.80 15.32
CA SER D 128 19.97 -14.76 16.17
C SER D 128 20.32 -16.07 15.45
N GLY D 129 19.75 -16.31 14.26
CA GLY D 129 20.07 -17.50 13.51
C GLY D 129 19.32 -18.76 13.90
N HIS D 130 18.50 -18.70 14.95
CA HIS D 130 17.85 -19.89 15.49
C HIS D 130 16.43 -20.06 15.00
N PHE D 131 16.02 -19.30 13.99
CA PHE D 131 14.68 -19.45 13.45
C PHE D 131 14.54 -20.79 12.75
N GLN D 132 13.47 -21.52 13.07
CA GLN D 132 13.21 -22.78 12.39
C GLN D 132 11.74 -22.95 12.05
N GLY D 133 10.99 -21.87 11.94
CA GLY D 133 9.57 -21.94 11.63
C GLY D 133 8.71 -21.35 12.73
N TRP D 134 7.42 -21.30 12.43
CA TRP D 134 6.44 -20.83 13.39
C TRP D 134 6.63 -21.47 14.75
N ARG D 135 6.39 -20.69 15.79
CA ARG D 135 6.35 -21.11 17.18
C ARG D 135 5.24 -20.34 17.89
N PRO D 136 4.74 -20.85 19.00
CA PRO D 136 3.73 -20.10 19.75
C PRO D 136 4.33 -19.02 20.64
N THR D 137 5.00 -18.08 19.99
CA THR D 137 5.80 -17.04 20.62
C THR D 137 5.41 -15.67 20.09
N LEU D 138 5.56 -14.64 20.95
CA LEU D 138 5.39 -13.24 20.56
C LEU D 138 3.95 -12.93 20.12
N TYR D 139 2.99 -13.55 20.79
CA TYR D 139 1.58 -13.23 20.59
C TYR D 139 1.34 -11.78 21.01
N GLY D 140 0.77 -11.01 20.11
CA GLY D 140 0.57 -9.62 20.41
C GLY D 140 -0.89 -9.27 20.49
N SER D 141 -1.20 -7.99 20.28
CA SER D 141 -2.56 -7.49 20.32
C SER D 141 -2.90 -6.93 18.95
N GLY D 142 -4.06 -7.31 18.42
CA GLY D 142 -4.46 -6.83 17.10
C GLY D 142 -5.11 -5.46 17.18
N LEU D 143 -5.36 -4.88 16.01
CA LEU D 143 -6.03 -3.60 15.95
C LEU D 143 -7.54 -3.74 15.79
N THR D 144 -7.99 -4.62 14.91
CA THR D 144 -9.42 -4.75 14.63
C THR D 144 -10.21 -5.05 15.90
N GLY D 145 -11.32 -4.33 16.07
CA GLY D 145 -12.17 -4.52 17.23
C GLY D 145 -11.72 -3.80 18.48
N LYS D 146 -10.54 -3.22 18.49
CA LYS D 146 -10.00 -2.58 19.69
C LYS D 146 -10.36 -1.10 19.72
N THR D 147 -10.22 -0.51 20.89
CA THR D 147 -10.58 0.89 21.10
C THR D 147 -9.29 1.71 21.21
N LEU D 148 -9.14 2.69 20.32
CA LEU D 148 -7.99 3.58 20.30
C LEU D 148 -8.45 5.00 20.56
N GLY D 149 -7.71 5.71 21.40
CA GLY D 149 -8.05 7.08 21.73
C GLY D 149 -6.99 8.07 21.30
N ILE D 150 -7.40 9.06 20.53
CA ILE D 150 -6.52 10.15 20.12
C ILE D 150 -6.82 11.33 21.03
N ARG D 151 -5.84 11.69 21.85
CA ARG D 151 -5.96 12.79 22.81
C ARG D 151 -5.55 14.06 22.08
N GLY D 152 -6.54 14.81 21.60
CA GLY D 152 -6.29 16.03 20.85
C GLY D 152 -6.44 15.84 19.36
N MET D 153 -7.29 16.67 18.73
CA MET D 153 -7.54 16.57 17.30
C MET D 153 -6.99 17.77 16.53
N GLY D 154 -5.78 18.17 16.85
CA GLY D 154 -5.02 19.00 15.94
C GLY D 154 -4.65 18.23 14.68
N ALA D 155 -3.78 18.87 13.89
CA ALA D 155 -3.41 18.34 12.57
C ALA D 155 -2.91 16.89 12.65
N VAL D 156 -1.97 16.59 13.55
CA VAL D 156 -1.46 15.22 13.65
C VAL D 156 -2.58 14.26 14.05
N GLY D 157 -3.38 14.66 15.04
CA GLY D 157 -4.48 13.79 15.46
C GLY D 157 -5.46 13.50 14.35
N ARG D 158 -5.71 14.48 13.48
CA ARG D 158 -6.62 14.25 12.35
C ARG D 158 -5.95 13.36 11.31
N ALA D 159 -4.65 13.51 11.10
CA ALA D 159 -4.00 12.65 10.11
C ALA D 159 -3.92 11.20 10.61
N ILE D 160 -3.87 10.99 11.92
CA ILE D 160 -3.89 9.62 12.45
C ILE D 160 -5.27 8.99 12.26
N ALA D 161 -6.33 9.72 12.63
CA ALA D 161 -7.69 9.21 12.51
C ALA D 161 -8.01 8.82 11.07
N GLN D 162 -7.67 9.72 10.13
CA GLN D 162 -7.89 9.42 8.73
C GLN D 162 -7.20 8.12 8.32
N ARG D 163 -5.99 7.88 8.82
CA ARG D 163 -5.27 6.69 8.41
C ARG D 163 -5.76 5.44 9.13
N LEU D 164 -6.14 5.55 10.40
CA LEU D 164 -6.67 4.38 11.09
C LEU D 164 -8.13 4.08 10.73
N ALA D 165 -8.79 4.95 9.95
CA ALA D 165 -10.21 4.75 9.64
C ALA D 165 -10.47 3.43 8.93
N GLY D 166 -9.48 2.89 8.21
CA GLY D 166 -9.73 1.65 7.51
C GLY D 166 -9.44 0.40 8.29
N PHE D 167 -9.01 0.50 9.56
CA PHE D 167 -8.54 -0.65 10.33
C PHE D 167 -9.63 -1.29 11.17
N GLU D 168 -10.90 -0.86 11.03
CA GLU D 168 -12.04 -1.50 11.70
C GLU D 168 -11.89 -1.49 13.22
N MET D 169 -11.40 -0.39 13.76
CA MET D 169 -11.33 -0.16 15.19
C MET D 169 -12.49 0.71 15.66
N ASN D 170 -12.61 0.83 16.97
CA ASN D 170 -13.51 1.81 17.56
C ASN D 170 -12.62 2.98 17.96
N LEU D 171 -12.70 4.06 17.21
CA LEU D 171 -11.82 5.21 17.35
C LEU D 171 -12.49 6.29 18.20
N LEU D 172 -11.82 6.72 19.26
CA LEU D 172 -12.29 7.82 20.10
C LEU D 172 -11.30 8.98 20.07
N TYR D 173 -11.80 10.17 20.39
CA TYR D 173 -10.95 11.31 20.58
C TYR D 173 -11.53 12.20 21.68
N CYS D 174 -10.66 12.97 22.34
CA CYS D 174 -11.08 14.10 23.14
C CYS D 174 -10.34 15.36 22.68
N ASP D 175 -11.06 16.47 22.70
CA ASP D 175 -10.57 17.80 22.34
C ASP D 175 -11.61 18.82 22.80
N ARG D 176 -11.14 20.01 23.17
CA ARG D 176 -12.05 21.07 23.59
C ARG D 176 -12.87 21.58 22.43
N ILE D 177 -12.34 21.52 21.22
CA ILE D 177 -13.02 21.92 20.00
C ILE D 177 -13.39 20.64 19.22
N PRO D 178 -14.67 20.42 18.94
CA PRO D 178 -15.03 19.19 18.22
C PRO D 178 -14.73 19.30 16.74
N LEU D 179 -14.63 18.13 16.12
CA LEU D 179 -14.67 18.04 14.66
C LEU D 179 -16.09 18.27 14.17
N ASN D 180 -16.20 18.61 12.88
CA ASN D 180 -17.52 18.74 12.29
C ASN D 180 -18.09 17.35 11.96
N ALA D 181 -19.39 17.31 11.69
CA ALA D 181 -20.07 16.02 11.53
C ALA D 181 -19.47 15.21 10.40
N GLU D 182 -18.99 15.88 9.36
CA GLU D 182 -18.48 15.18 8.19
C GLU D 182 -17.17 14.47 8.54
N GLN D 183 -16.27 15.12 9.27
CA GLN D 183 -15.03 14.46 9.67
C GLN D 183 -15.31 13.33 10.65
N GLU D 184 -16.18 13.56 11.63
CA GLU D 184 -16.49 12.49 12.59
C GLU D 184 -17.03 11.24 11.91
N LYS D 185 -17.82 11.41 10.84
CA LYS D 185 -18.42 10.25 10.18
C LYS D 185 -17.49 9.66 9.11
N ALA D 186 -16.70 10.52 8.44
CA ALA D 186 -15.74 10.00 7.47
C ALA D 186 -14.71 9.10 8.15
N TRP D 187 -14.23 9.50 9.33
CA TRP D 187 -13.19 8.77 10.04
C TRP D 187 -13.74 7.88 11.15
N HIS D 188 -15.06 7.85 11.33
CA HIS D 188 -15.69 7.00 12.36
C HIS D 188 -15.08 7.24 13.74
N VAL D 189 -14.82 8.50 14.07
CA VAL D 189 -14.22 8.84 15.35
C VAL D 189 -15.29 9.48 16.24
N GLN D 190 -15.36 9.01 17.48
CA GLN D 190 -16.41 9.38 18.44
C GLN D 190 -15.80 10.28 19.51
N ARG D 191 -16.40 11.45 19.75
CA ARG D 191 -15.84 12.38 20.71
C ARG D 191 -16.25 11.97 22.12
N VAL D 192 -15.29 11.95 23.03
CA VAL D 192 -15.53 11.61 24.43
C VAL D 192 -14.72 12.57 25.30
N THR D 193 -14.90 12.43 26.61
CA THR D 193 -14.09 13.21 27.54
C THR D 193 -12.74 12.51 27.79
N LEU D 194 -11.80 13.28 28.34
CA LEU D 194 -10.50 12.72 28.65
C LEU D 194 -10.63 11.50 29.55
N ASP D 195 -11.49 11.59 30.57
CA ASP D 195 -11.61 10.47 31.50
C ASP D 195 -12.24 9.24 30.84
N GLU D 196 -13.28 9.45 30.00
CA GLU D 196 -13.83 8.33 29.24
C GLU D 196 -12.77 7.70 28.34
N LEU D 197 -11.98 8.53 27.63
CA LEU D 197 -10.94 8.02 26.76
C LEU D 197 -9.99 7.11 27.53
N LEU D 198 -9.40 7.63 28.62
CA LEU D 198 -8.49 6.83 29.44
C LEU D 198 -9.17 5.57 29.97
N GLU D 199 -10.46 5.63 30.27
CA GLU D 199 -11.11 4.45 30.84
C GLU D 199 -11.35 3.36 29.79
N LYS D 200 -11.72 3.73 28.57
CA LYS D 200 -12.23 2.80 27.58
C LYS D 200 -11.18 2.25 26.61
N CYS D 201 -9.98 2.84 26.55
CA CYS D 201 -9.11 2.65 25.40
C CYS D 201 -8.10 1.54 25.63
N ASP D 202 -7.97 0.65 24.65
CA ASP D 202 -6.83 -0.27 24.64
C ASP D 202 -5.54 0.44 24.26
N TYR D 203 -5.64 1.43 23.40
CA TYR D 203 -4.49 2.21 22.94
C TYR D 203 -4.75 3.69 23.17
N VAL D 204 -3.77 4.39 23.74
CA VAL D 204 -3.90 5.83 24.00
C VAL D 204 -2.79 6.53 23.23
N VAL D 205 -3.18 7.49 22.38
CA VAL D 205 -2.27 8.22 21.51
C VAL D 205 -2.43 9.71 21.79
N PRO D 206 -1.55 10.31 22.59
CA PRO D 206 -1.63 11.76 22.82
C PRO D 206 -1.18 12.54 21.61
N ALA D 207 -1.93 13.60 21.30
CA ALA D 207 -1.57 14.47 20.20
C ALA D 207 -1.75 15.92 20.64
N VAL D 208 -1.40 16.84 19.76
CA VAL D 208 -1.61 18.27 20.02
C VAL D 208 -3.08 18.57 19.78
N PRO D 209 -3.78 19.19 20.73
CA PRO D 209 -5.19 19.54 20.53
C PRO D 209 -5.33 20.74 19.60
N MET D 210 -6.57 20.98 19.14
CA MET D 210 -6.80 22.10 18.24
C MET D 210 -6.43 23.44 18.88
N ALA D 211 -6.78 23.62 20.15
CA ALA D 211 -6.35 24.80 20.90
C ALA D 211 -5.86 24.37 22.28
N ALA D 212 -5.05 25.22 22.90
CA ALA D 212 -4.40 24.91 24.19
C ALA D 212 -5.39 24.87 25.35
N HIS D 216 -2.69 19.08 30.83
CA HIS D 216 -2.76 17.71 31.30
C HIS D 216 -1.69 16.85 30.64
N LEU D 217 -1.14 15.93 31.42
CA LEU D 217 -0.07 15.05 30.99
C LEU D 217 -0.37 13.64 31.47
N ILE D 218 0.40 12.67 30.95
CA ILE D 218 0.22 11.27 31.32
C ILE D 218 1.16 11.03 32.49
N ASP D 219 0.65 11.28 33.69
CA ASP D 219 1.37 11.06 34.93
C ASP D 219 0.78 9.84 35.66
N ALA D 220 1.21 9.60 36.90
CA ALA D 220 0.76 8.41 37.61
C ALA D 220 -0.76 8.43 37.79
N THR D 221 -1.34 9.61 38.01
CA THR D 221 -2.79 9.70 38.22
C THR D 221 -3.56 9.37 36.94
N ALA D 222 -3.02 9.80 35.79
CA ALA D 222 -3.62 9.48 34.51
C ALA D 222 -3.45 8.01 34.17
N LEU D 223 -2.28 7.44 34.50
CA LEU D 223 -2.04 6.03 34.21
C LEU D 223 -2.96 5.13 35.01
N ALA D 224 -3.25 5.50 36.27
CA ALA D 224 -4.16 4.72 37.10
C ALA D 224 -5.58 4.72 36.53
N LYS D 225 -5.96 5.75 35.77
CA LYS D 225 -7.27 5.76 35.13
C LYS D 225 -7.33 4.90 33.88
N MET D 226 -6.20 4.40 33.37
CA MET D 226 -6.23 3.69 32.10
C MET D 226 -6.62 2.22 32.31
N LYS D 227 -6.90 1.53 31.21
CA LYS D 227 -7.26 0.12 31.27
C LYS D 227 -6.01 -0.73 31.52
N THR D 228 -6.15 -1.72 32.42
CA THR D 228 -5.06 -2.66 32.64
C THR D 228 -4.72 -3.34 31.32
N GLY D 229 -3.43 -3.40 31.01
CA GLY D 229 -2.99 -3.98 29.74
C GLY D 229 -3.09 -3.08 28.54
N SER D 230 -3.22 -1.77 28.74
CA SER D 230 -3.25 -0.84 27.63
C SER D 230 -1.83 -0.53 27.15
N TYR D 231 -1.75 0.10 25.98
CA TYR D 231 -0.49 0.55 25.39
C TYR D 231 -0.56 2.06 25.25
N LEU D 232 0.58 2.73 25.44
CA LEU D 232 0.71 4.17 25.28
C LEU D 232 1.73 4.46 24.17
N ILE D 233 1.35 5.30 23.20
CA ILE D 233 2.20 5.63 22.06
C ILE D 233 2.36 7.14 22.00
N ASN D 234 3.57 7.63 22.30
CA ASN D 234 3.86 9.07 22.41
C ASN D 234 4.82 9.51 21.33
N ALA D 235 4.28 10.11 20.27
CA ALA D 235 5.11 10.77 19.27
C ALA D 235 4.80 12.26 19.22
N CYS D 236 4.30 12.82 20.32
CA CYS D 236 3.81 14.19 20.42
C CYS D 236 4.90 15.15 20.91
N ARG D 237 5.22 15.11 22.20
CA ARG D 237 6.42 15.78 22.70
C ARG D 237 6.77 15.16 24.05
N GLY D 238 8.02 15.40 24.46
CA GLY D 238 8.56 14.71 25.62
C GLY D 238 7.88 15.09 26.92
N SER D 239 7.33 16.31 26.99
CA SER D 239 6.75 16.80 28.24
C SER D 239 5.38 16.19 28.55
N VAL D 240 4.76 15.50 27.60
CA VAL D 240 3.39 15.04 27.83
C VAL D 240 3.33 13.74 28.63
N VAL D 241 4.43 13.02 28.78
CA VAL D 241 4.43 11.72 29.44
C VAL D 241 5.47 11.73 30.56
N ASP D 242 5.08 11.27 31.74
CA ASP D 242 5.97 11.06 32.89
C ASP D 242 6.63 9.69 32.77
N GLU D 243 7.93 9.67 32.44
CA GLU D 243 8.56 8.40 32.10
C GLU D 243 8.74 7.47 33.30
N ASN D 244 8.95 8.02 34.50
CA ASN D 244 9.11 7.16 35.66
C ASN D 244 7.77 6.59 36.11
N ALA D 245 6.69 7.36 35.98
CA ALA D 245 5.35 6.79 36.18
C ALA D 245 5.08 5.65 35.17
N VAL D 246 5.55 5.81 33.93
CA VAL D 246 5.34 4.76 32.93
C VAL D 246 6.15 3.52 33.28
N ILE D 247 7.40 3.70 33.71
CA ILE D 247 8.20 2.59 34.23
C ILE D 247 7.42 1.83 35.31
N ALA D 248 6.83 2.56 36.26
CA ALA D 248 6.11 1.91 37.35
C ALA D 248 4.90 1.14 36.82
N ALA D 249 4.16 1.74 35.87
CA ALA D 249 3.00 1.08 35.29
C ALA D 249 3.37 -0.12 34.42
N LEU D 250 4.52 -0.07 33.75
CA LEU D 250 4.94 -1.27 33.03
C LEU D 250 5.25 -2.40 34.00
N ALA D 251 5.86 -2.07 35.15
CA ALA D 251 6.21 -3.08 36.14
C ALA D 251 4.97 -3.71 36.78
N SER D 252 3.98 -2.89 37.12
CA SER D 252 2.77 -3.40 37.76
C SER D 252 1.80 -4.09 36.81
N GLY D 253 2.00 -3.97 35.50
CA GLY D 253 1.07 -4.56 34.56
C GLY D 253 -0.07 -3.66 34.16
N LYS D 254 -0.15 -2.46 34.70
CA LYS D 254 -1.13 -1.48 34.22
C LYS D 254 -0.98 -1.23 32.72
N LEU D 255 0.26 -1.07 32.26
CA LEU D 255 0.56 -0.85 30.85
C LEU D 255 1.21 -2.11 30.28
N ALA D 256 0.70 -2.56 29.12
CA ALA D 256 1.34 -3.67 28.41
C ALA D 256 2.53 -3.21 27.58
N GLY D 257 2.61 -1.93 27.23
CA GLY D 257 3.72 -1.45 26.42
C GLY D 257 3.72 0.05 26.33
N TYR D 258 4.89 0.59 26.01
CA TYR D 258 5.09 2.03 25.85
C TYR D 258 5.99 2.23 24.65
N ALA D 259 5.55 3.05 23.70
CA ALA D 259 6.36 3.40 22.54
C ALA D 259 6.48 4.91 22.45
N ALA D 260 7.66 5.39 22.05
CA ALA D 260 7.86 6.83 22.04
C ALA D 260 8.86 7.23 20.96
N ASP D 261 8.55 8.35 20.31
CA ASP D 261 9.48 9.06 19.46
C ASP D 261 10.13 10.24 20.17
N VAL D 262 9.66 10.58 21.38
CA VAL D 262 10.05 11.81 22.06
C VAL D 262 10.26 11.51 23.53
N PHE D 263 11.13 12.30 24.18
CA PHE D 263 11.62 11.96 25.51
C PHE D 263 11.73 13.21 26.37
N GLU D 264 11.58 13.02 27.70
CA GLU D 264 11.66 14.14 28.64
C GLU D 264 12.98 14.88 28.51
N MET D 265 14.08 14.17 28.29
CA MET D 265 15.41 14.77 28.20
C MET D 265 15.55 15.73 27.04
N GLU D 266 14.50 15.92 26.24
CA GLU D 266 14.53 16.89 25.15
C GLU D 266 13.98 18.26 25.54
N GLU D 267 13.32 18.39 26.70
CA GLU D 267 12.66 19.65 27.07
C GLU D 267 13.68 20.61 27.68
N TRP D 268 14.49 21.20 26.78
CA TRP D 268 15.52 22.15 27.21
C TRP D 268 14.91 23.37 27.89
N ILE D 269 13.84 23.93 27.32
CA ILE D 269 13.22 25.13 27.86
C ILE D 269 12.33 24.79 29.06
N ARG D 270 12.87 24.03 30.01
CA ARG D 270 12.23 23.84 31.33
C ARG D 270 13.25 23.25 32.29
N ALA D 271 13.41 23.88 33.46
CA ALA D 271 14.56 23.62 34.34
C ALA D 271 14.59 22.18 34.81
N ASP D 272 13.46 21.65 35.29
CA ASP D 272 13.40 20.28 35.77
C ASP D 272 13.57 19.32 34.59
N ARG D 273 14.74 18.69 34.49
CA ARG D 273 14.95 17.88 33.29
C ARG D 273 15.98 16.77 33.48
N PRO D 274 15.67 15.56 33.04
CA PRO D 274 16.66 14.47 33.09
C PRO D 274 17.67 14.57 31.95
N GLN D 275 18.82 13.94 32.17
CA GLN D 275 19.94 13.99 31.26
C GLN D 275 19.94 12.85 30.25
N ALA D 276 19.12 11.83 30.48
CA ALA D 276 19.14 10.64 29.65
C ALA D 276 17.74 10.02 29.68
N ILE D 277 17.57 8.98 28.86
CA ILE D 277 16.34 8.18 28.92
C ILE D 277 16.53 7.11 30.00
N PRO D 278 15.58 6.95 30.91
CA PRO D 278 15.83 6.08 32.07
C PRO D 278 16.23 4.66 31.68
N LYS D 279 17.27 4.17 32.35
CA LYS D 279 17.80 2.84 32.09
C LYS D 279 16.69 1.78 32.14
N ALA D 280 15.71 1.95 33.02
CA ALA D 280 14.65 0.95 33.13
C ALA D 280 13.85 0.87 31.84
N LEU D 281 13.71 1.99 31.12
CA LEU D 281 13.05 1.95 29.82
C LEU D 281 13.98 1.39 28.74
N LEU D 282 15.22 1.87 28.67
CA LEU D 282 16.15 1.33 27.66
C LEU D 282 16.32 -0.17 27.83
N ASP D 283 16.27 -0.67 29.06
CA ASP D 283 16.43 -2.09 29.30
C ASP D 283 15.17 -2.89 28.99
N ASN D 284 14.00 -2.25 28.94
CA ASN D 284 12.75 -2.99 28.76
C ASN D 284 12.49 -3.19 27.28
N THR D 285 13.34 -4.02 26.70
CA THR D 285 13.26 -4.36 25.28
C THR D 285 11.98 -5.11 24.93
N ALA D 286 11.37 -5.80 25.89
CA ALA D 286 10.18 -6.61 25.60
C ALA D 286 8.90 -5.78 25.49
N GLN D 287 8.85 -4.61 26.12
CA GLN D 287 7.60 -3.87 26.26
C GLN D 287 7.69 -2.44 25.72
N THR D 288 8.79 -2.07 25.08
CA THR D 288 8.98 -0.71 24.60
C THR D 288 9.47 -0.75 23.16
N PHE D 289 9.22 0.36 22.47
CA PHE D 289 9.67 0.57 21.10
C PHE D 289 9.97 2.06 20.97
N PHE D 290 11.20 2.43 20.59
CA PHE D 290 11.65 3.81 20.64
C PHE D 290 12.31 4.23 19.33
N THR D 291 12.07 5.48 18.92
CA THR D 291 12.83 6.05 17.82
C THR D 291 13.39 7.40 18.23
N PRO D 292 14.57 7.79 17.68
CA PRO D 292 15.23 9.03 18.11
C PRO D 292 14.72 10.26 17.38
N HIS D 293 13.50 10.67 17.71
CA HIS D 293 12.87 11.86 17.15
C HIS D 293 12.89 11.80 15.62
N LEU D 294 12.45 10.66 15.09
CA LEU D 294 12.34 10.41 13.66
C LEU D 294 11.02 10.87 13.04
N GLY D 295 10.22 11.65 13.79
CA GLY D 295 8.86 11.95 13.34
C GLY D 295 8.79 12.44 11.91
N SER D 296 9.63 13.42 11.56
CA SER D 296 9.61 13.97 10.21
C SER D 296 10.82 13.52 9.42
N ALA D 297 11.47 12.43 9.84
CA ALA D 297 12.69 11.96 9.21
C ALA D 297 12.39 11.13 7.96
N VAL D 298 11.75 11.79 6.99
CA VAL D 298 11.57 11.24 5.64
C VAL D 298 12.21 12.21 4.64
N LYS D 299 12.93 11.64 3.66
CA LYS D 299 13.79 12.45 2.81
C LYS D 299 12.99 13.49 2.04
N GLU D 300 11.86 13.09 1.47
CA GLU D 300 11.05 14.03 0.69
C GLU D 300 10.68 15.25 1.53
N VAL D 301 10.40 15.03 2.82
CA VAL D 301 9.96 16.15 3.66
C VAL D 301 11.14 17.00 4.11
N ARG D 302 12.24 16.35 4.55
CA ARG D 302 13.43 17.13 4.91
C ARG D 302 13.90 18.00 3.76
N LEU D 303 13.88 17.45 2.54
CA LEU D 303 14.36 18.19 1.38
C LEU D 303 13.55 19.48 1.19
N GLU D 304 12.21 19.40 1.32
CA GLU D 304 11.40 20.60 1.11
C GLU D 304 11.60 21.63 2.21
N ILE D 305 11.71 21.21 3.48
CA ILE D 305 12.04 22.14 4.57
C ILE D 305 13.35 22.86 4.26
N GLU D 306 14.39 22.10 3.88
CA GLU D 306 15.66 22.73 3.49
C GLU D 306 15.45 23.66 2.30
N ARG D 307 14.69 23.24 1.29
CA ARG D 307 14.51 24.07 0.09
C ARG D 307 13.81 25.39 0.43
N GLN D 308 12.82 25.36 1.33
CA GLN D 308 12.12 26.59 1.69
C GLN D 308 13.01 27.54 2.49
N ALA D 309 13.84 27.01 3.40
CA ALA D 309 14.77 27.90 4.10
C ALA D 309 15.78 28.46 3.10
N ALA D 310 16.25 27.62 2.18
CA ALA D 310 17.20 28.11 1.18
C ALA D 310 16.58 29.20 0.31
N MET D 311 15.33 29.00 -0.12
CA MET D 311 14.69 30.03 -0.93
C MET D 311 14.51 31.32 -0.13
N ASN D 312 14.20 31.20 1.15
CA ASN D 312 14.10 32.38 2.01
C ASN D 312 15.41 33.13 2.02
N ILE D 313 16.52 32.38 2.09
CA ILE D 313 17.83 33.01 2.13
C ILE D 313 18.13 33.69 0.80
N ILE D 314 17.89 32.99 -0.30
CA ILE D 314 18.19 33.54 -1.62
C ILE D 314 17.39 34.82 -1.87
N GLN D 315 16.12 34.86 -1.44
CA GLN D 315 15.30 36.05 -1.63
C GLN D 315 15.90 37.26 -0.91
N ALA D 316 16.20 37.10 0.39
CA ALA D 316 16.73 38.21 1.20
C ALA D 316 18.04 38.73 0.63
N LEU D 317 18.95 37.83 0.24
CA LEU D 317 20.24 38.26 -0.28
C LEU D 317 20.09 39.03 -1.60
N ALA D 318 19.06 38.70 -2.40
CA ALA D 318 18.76 39.46 -3.60
C ALA D 318 17.91 40.69 -3.32
N GLY D 319 17.61 40.99 -2.06
CA GLY D 319 16.98 42.23 -1.69
C GLY D 319 15.48 42.23 -1.71
N GLU D 320 14.84 41.07 -1.77
CA GLU D 320 13.38 40.98 -1.70
C GLU D 320 12.91 40.80 -0.27
N LYS D 321 11.58 40.81 -0.09
CA LYS D 321 10.97 40.43 1.18
C LYS D 321 10.79 38.92 1.17
N PRO D 322 11.53 38.17 1.99
CA PRO D 322 11.48 36.69 1.91
C PRO D 322 10.11 36.15 2.29
N MET D 323 9.69 35.08 1.62
CA MET D 323 8.30 34.63 1.75
C MET D 323 7.98 34.16 3.16
N GLY D 324 8.97 33.71 3.94
CA GLY D 324 8.73 33.22 5.28
C GLY D 324 9.06 34.21 6.38
N ALA D 325 9.24 35.49 6.05
CA ALA D 325 9.61 36.48 7.04
C ALA D 325 8.54 36.58 8.12
N ILE D 326 9.01 36.66 9.37
CA ILE D 326 8.15 36.91 10.51
C ILE D 326 8.47 38.22 11.21
N ASN D 327 9.47 38.96 10.72
CA ASN D 327 9.80 40.26 11.28
C ASN D 327 9.94 41.27 10.14
N GLN D 328 10.32 42.49 10.48
CA GLN D 328 10.56 43.57 9.51
C GLN D 328 11.83 44.29 9.95
N PRO D 329 13.00 43.91 9.41
CA PRO D 329 14.26 44.42 9.95
C PRO D 329 14.50 45.90 9.66
N TYR D 330 15.54 46.42 10.34
CA TYR D 330 15.96 47.83 10.42
C TYR D 330 15.08 48.59 11.42
#